data_1XDJ
#
_entry.id   1XDJ
#
_cell.length_a   167.053
_cell.length_b   159.366
_cell.length_c   65.639
_cell.angle_alpha   90.00
_cell.angle_beta   90.00
_cell.angle_gamma   90.00
#
_symmetry.space_group_name_H-M   'P 21 21 2'
#
loop_
_entity.id
_entity.type
_entity.pdbx_description
1 polymer '5-methyltetrahydropteroyltriglutamate--homocysteine methyltransferase'
2 non-polymer 'SULFATE ION'
3 non-polymer 'ZINC ION'
4 non-polymer '2-AMINO-4-MERCAPTO-BUTYRIC ACID'
5 non-polymer MESO-ERYTHRITOL
6 water water
#
_entity_poly.entity_id   1
_entity_poly.type   'polypeptide(L)'
_entity_poly.pdbx_seq_one_letter_code
;MHHHHHHGKPIPNPLLGLDSTENLYFQGIDPFTKAYAFGFPKIGEKREFKKALEDFWKGKITEEQFEEE(MSE)NKLR
(MSE)Y(MSE)VENYRKNVDVIPSNELSYYDFVLDTAV(MSE)VGAVPERFGEYRGLSTYFD(MSE)ARGGKALE(MSE)
TKFFNTNYHYLVPEIETEEFYLLENKPLEDYLFFKSKGIETAPWVIGPFTFLYLSKRNGEWIRRPNQ(MSE)EKLLESLV
SVYKEVFEKLVENGCKEILVNEPAFVCDLEKAHWDLILNVYRELSEFPLTVFTYYDSVSDYEACVSLPVKRLHFDFVSNE
ENLKNLEKHGFPEDKKLVAGVINGRQPWKVDLRKVASLVEKLGASAISNSCPLFHLPVTLELENNLPGGLKEKLAFAKEK
LEELK(MSE)LKDFLEGKTFDLPNVSFEDFAVDLQAVERVRNLPEDSFRREKEYTERDRIQRERLNLPLFPTTTIGSFPQ
TPEVRK(MSE)RSKYRKGEISKEEYEAFIKEQIKKAIELQEEIGLDVLVHGEFERTD(MSE)VEFFAEKLNGIATTQNGW
VLSYGSRCYRPPIIYGTVTRPEP(MSE)TLKEITYAQSLTEKPVKG(MSE)LTGPVTI(MSE)SWSYYREDIPEREIAYQ
IALAINEEVKDLEEAGIKIVQIDEPAFREKAPIKKSKWPEYFEWAINAFNLAANARPETQIHAH(MSE)CYSDFNEIIEY
IHQLEFDVISIEASRSKGEIISAFENFKGWIKQIGVGVWDIHSPAVPSINE(MSE)REIVERVLRVLPKELIWINPDCGL
KTRNWDEVIPSLRN(MSE)VALAKE(MSE)REKFES
;
_entity_poly.pdbx_strand_id   A,B
#
loop_
_chem_comp.id
_chem_comp.type
_chem_comp.name
_chem_comp.formula
MRY non-polymer MESO-ERYTHRITOL 'C4 H10 O4'
SO4 non-polymer 'SULFATE ION' 'O4 S -2'
ZN non-polymer 'ZINC ION' 'Zn 2'
#
# COMPACT_ATOMS: atom_id res chain seq x y z
N THR A 33 -28.20 -7.20 34.37
CA THR A 33 -27.27 -6.82 33.26
C THR A 33 -25.82 -7.19 33.59
N LYS A 34 -25.26 -8.09 32.79
CA LYS A 34 -23.89 -8.56 32.96
C LYS A 34 -22.90 -7.40 32.71
N ALA A 35 -22.02 -7.17 33.68
CA ALA A 35 -21.04 -6.08 33.58
C ALA A 35 -19.66 -6.61 33.28
N TYR A 36 -19.04 -6.04 32.24
CA TYR A 36 -17.68 -6.43 31.82
C TYR A 36 -16.76 -5.24 32.02
N ALA A 37 -15.45 -5.53 32.06
CA ALA A 37 -14.44 -4.49 32.19
C ALA A 37 -13.12 -5.11 31.79
N PHE A 38 -12.31 -4.36 31.06
CA PHE A 38 -11.02 -4.86 30.62
C PHE A 38 -10.00 -3.76 30.43
N GLY A 39 -8.74 -4.14 30.46
CA GLY A 39 -7.69 -3.17 30.29
C GLY A 39 -7.32 -2.38 31.54
N PHE A 40 -7.85 -2.76 32.71
CA PHE A 40 -7.49 -2.03 33.92
C PHE A 40 -5.96 -1.97 34.02
N PRO A 41 -5.41 -0.77 34.27
CA PRO A 41 -3.96 -0.54 34.38
C PRO A 41 -3.24 -1.63 35.18
N LYS A 42 -2.07 -2.04 34.71
CA LYS A 42 -1.29 -3.08 35.38
C LYS A 42 -0.10 -2.51 36.15
N ILE A 43 0.09 -1.20 36.08
CA ILE A 43 1.23 -0.58 36.74
C ILE A 43 1.23 -0.43 38.26
N GLY A 44 0.06 -0.38 38.88
CA GLY A 44 0.01 -0.24 40.32
C GLY A 44 -0.14 1.21 40.74
N GLU A 45 -0.64 1.44 41.94
CA GLU A 45 -0.84 2.80 42.38
C GLU A 45 0.46 3.53 42.67
N LYS A 46 1.55 2.79 42.84
CA LYS A 46 2.84 3.42 43.10
C LYS A 46 3.82 3.01 42.03
N ARG A 47 3.29 2.63 40.87
CA ARG A 47 4.11 2.17 39.77
C ARG A 47 5.01 1.02 40.22
N GLU A 48 4.47 0.13 41.04
CA GLU A 48 5.23 -1.02 41.52
C GLU A 48 5.66 -1.90 40.34
N PHE A 49 4.86 -1.91 39.27
CA PHE A 49 5.20 -2.72 38.11
C PHE A 49 6.51 -2.25 37.47
N LYS A 50 6.68 -0.94 37.34
CA LYS A 50 7.88 -0.36 36.75
C LYS A 50 9.11 -0.66 37.61
N LYS A 51 8.91 -0.59 38.93
CA LYS A 51 9.96 -0.83 39.91
C LYS A 51 10.40 -2.30 39.90
N ALA A 52 9.43 -3.21 39.86
CA ALA A 52 9.71 -4.64 39.85
C ALA A 52 10.49 -4.99 38.59
N LEU A 53 10.09 -4.36 37.49
CA LEU A 53 10.70 -4.57 36.19
C LEU A 53 12.15 -4.07 36.23
N GLU A 54 12.33 -2.83 36.68
CA GLU A 54 13.67 -2.27 36.72
C GLU A 54 14.56 -2.90 37.78
N ASP A 55 13.97 -3.45 38.83
CA ASP A 55 14.74 -4.12 39.88
C ASP A 55 15.28 -5.44 39.34
N PHE A 56 14.45 -6.16 38.59
CA PHE A 56 14.88 -7.42 38.00
C PHE A 56 15.98 -7.21 36.95
N TRP A 57 15.76 -6.26 36.05
CA TRP A 57 16.73 -5.98 35.00
C TRP A 57 18.08 -5.57 35.56
N LYS A 58 18.09 -4.73 36.59
CA LYS A 58 19.36 -4.27 37.16
C LYS A 58 20.03 -5.38 37.98
N GLY A 59 19.24 -6.34 38.44
CA GLY A 59 19.78 -7.44 39.22
C GLY A 59 19.53 -7.30 40.72
N LYS A 60 18.71 -6.32 41.09
CA LYS A 60 18.40 -6.07 42.48
C LYS A 60 17.51 -7.16 43.08
N ILE A 61 16.74 -7.83 42.23
CA ILE A 61 15.86 -8.90 42.70
C ILE A 61 15.87 -10.09 41.74
N THR A 62 15.57 -11.28 42.29
CA THR A 62 15.57 -12.52 41.52
C THR A 62 14.23 -12.70 40.81
N GLU A 63 14.16 -13.69 39.93
CA GLU A 63 12.93 -13.96 39.21
C GLU A 63 11.80 -14.35 40.16
N GLU A 64 12.14 -15.08 41.22
CA GLU A 64 11.14 -15.49 42.19
C GLU A 64 10.55 -14.26 42.84
N GLN A 65 11.42 -13.36 43.29
CA GLN A 65 10.98 -12.11 43.93
C GLN A 65 10.18 -11.29 42.94
N PHE A 66 10.61 -11.31 41.68
CA PHE A 66 9.96 -10.59 40.59
C PHE A 66 8.55 -11.11 40.42
N GLU A 67 8.44 -12.42 40.35
CA GLU A 67 7.14 -13.08 40.22
C GLU A 67 6.23 -12.70 41.38
N GLU A 68 6.76 -12.74 42.59
CA GLU A 68 5.99 -12.38 43.77
C GLU A 68 5.44 -10.97 43.61
N GLU A 69 6.27 -10.05 43.14
CA GLU A 69 5.81 -8.68 42.94
C GLU A 69 4.70 -8.70 41.89
N MSE A 70 4.89 -9.54 40.86
CA MSE A 70 3.91 -9.66 39.79
C MSE A 70 2.59 -10.21 40.32
O MSE A 70 1.54 -9.57 40.16
CB MSE A 70 4.43 -10.55 38.66
CG MSE A 70 5.52 -9.92 37.78
SE MSE A 70 5.09 -8.14 37.05
CE MSE A 70 6.10 -7.04 38.29
N ASN A 71 2.64 -11.37 40.96
CA ASN A 71 1.42 -12.00 41.49
C ASN A 71 0.62 -11.06 42.37
N LYS A 72 1.32 -10.15 43.07
CA LYS A 72 0.64 -9.18 43.91
C LYS A 72 -0.14 -8.19 43.03
N LEU A 73 0.46 -7.80 41.90
CA LEU A 73 -0.23 -6.89 40.98
C LEU A 73 -1.50 -7.55 40.46
N ARG A 74 -1.40 -8.86 40.20
CA ARG A 74 -2.55 -9.62 39.70
C ARG A 74 -3.71 -9.55 40.69
N MSE A 75 -3.42 -9.74 41.97
CA MSE A 75 -4.45 -9.69 43.01
C MSE A 75 -5.01 -8.28 43.11
O MSE A 75 -6.21 -8.09 43.32
CB MSE A 75 -3.87 -10.11 44.37
CG MSE A 75 -3.30 -11.52 44.40
SE MSE A 75 -4.51 -12.86 43.72
CE MSE A 75 -6.02 -12.58 44.91
N TYR A 76 -4.13 -7.28 42.98
CA TYR A 76 -4.56 -5.89 43.03
C TYR A 76 -5.60 -5.61 41.95
N MSE A 77 -5.33 -6.09 40.74
CA MSE A 77 -6.25 -5.90 39.62
C MSE A 77 -7.57 -6.67 39.78
O MSE A 77 -8.65 -6.07 39.72
CB MSE A 77 -5.58 -6.34 38.31
CG MSE A 77 -4.40 -5.46 37.90
SE MSE A 77 -3.33 -6.30 36.51
CE MSE A 77 -4.54 -6.02 35.00
N VAL A 78 -7.49 -7.98 39.98
CA VAL A 78 -8.71 -8.78 40.15
C VAL A 78 -9.58 -8.25 41.28
N GLU A 79 -8.92 -7.75 42.33
CA GLU A 79 -9.67 -7.19 43.46
C GLU A 79 -10.53 -6.03 42.97
N ASN A 80 -9.93 -5.12 42.20
CA ASN A 80 -10.69 -3.98 41.68
C ASN A 80 -11.84 -4.40 40.75
N TYR A 81 -11.59 -5.40 39.90
CA TYR A 81 -12.64 -5.89 38.98
C TYR A 81 -13.80 -6.48 39.79
N ARG A 82 -13.48 -7.48 40.59
CA ARG A 82 -14.45 -8.17 41.44
C ARG A 82 -15.43 -7.22 42.16
N LYS A 83 -14.89 -6.14 42.72
CA LYS A 83 -15.71 -5.17 43.44
C LYS A 83 -16.64 -4.33 42.57
N ASN A 84 -16.46 -4.38 41.26
CA ASN A 84 -17.28 -3.57 40.39
C ASN A 84 -17.96 -4.30 39.24
N VAL A 85 -17.31 -5.32 38.71
CA VAL A 85 -17.89 -6.04 37.59
C VAL A 85 -18.10 -7.54 37.82
N ASP A 86 -18.92 -8.13 36.96
CA ASP A 86 -19.26 -9.54 37.03
C ASP A 86 -18.22 -10.47 36.38
N VAL A 87 -17.60 -10.00 35.32
CA VAL A 87 -16.59 -10.79 34.60
C VAL A 87 -15.19 -10.25 34.90
N ILE A 88 -14.35 -11.12 35.47
CA ILE A 88 -12.99 -10.73 35.82
C ILE A 88 -12.00 -11.27 34.78
N PRO A 89 -11.38 -10.35 34.00
CA PRO A 89 -10.41 -10.70 32.97
C PRO A 89 -9.23 -11.43 33.54
N SER A 90 -8.55 -12.18 32.70
CA SER A 90 -7.36 -12.94 33.08
C SER A 90 -6.30 -12.79 31.99
N ASN A 91 -5.07 -13.19 32.29
CA ASN A 91 -4.00 -13.10 31.30
C ASN A 91 -3.78 -11.66 30.86
N GLU A 92 -3.83 -10.72 31.82
CA GLU A 92 -3.64 -9.31 31.49
C GLU A 92 -2.34 -8.72 32.01
N LEU A 93 -1.65 -9.43 32.89
CA LEU A 93 -0.40 -8.90 33.44
C LEU A 93 0.81 -9.33 32.62
N SER A 94 0.94 -8.68 31.47
CA SER A 94 2.05 -8.91 30.56
C SER A 94 3.28 -8.31 31.24
N TYR A 95 4.43 -8.99 31.14
CA TYR A 95 5.64 -8.47 31.76
C TYR A 95 6.31 -7.42 30.88
N TYR A 96 5.74 -7.15 29.71
CA TYR A 96 6.25 -6.11 28.82
C TYR A 96 5.25 -5.70 27.74
N ASP A 97 4.77 -6.65 26.94
CA ASP A 97 3.79 -6.35 25.89
C ASP A 97 2.91 -7.56 25.63
N PHE A 98 1.59 -7.34 25.53
CA PHE A 98 0.69 -8.46 25.29
C PHE A 98 0.70 -9.00 23.85
N VAL A 99 1.20 -8.22 22.90
CA VAL A 99 1.28 -8.71 21.54
C VAL A 99 2.49 -9.65 21.55
N LEU A 100 3.56 -9.22 22.21
CA LEU A 100 4.73 -10.06 22.31
C LEU A 100 4.30 -11.39 22.94
N ASP A 101 3.51 -11.35 24.01
CA ASP A 101 3.06 -12.60 24.66
C ASP A 101 2.33 -13.51 23.66
N THR A 102 1.43 -12.91 22.88
CA THR A 102 0.67 -13.61 21.87
C THR A 102 1.63 -14.30 20.90
N ALA A 103 2.72 -13.61 20.56
CA ALA A 103 3.73 -14.13 19.67
C ALA A 103 4.44 -15.33 20.30
N VAL A 104 4.87 -15.18 21.56
CA VAL A 104 5.56 -16.28 22.25
C VAL A 104 4.63 -17.50 22.35
N MSE A 105 3.36 -17.25 22.67
CA MSE A 105 2.35 -18.29 22.79
C MSE A 105 2.25 -19.17 21.54
O MSE A 105 2.21 -20.38 21.63
CB MSE A 105 0.98 -17.67 23.08
CG MSE A 105 -0.19 -18.63 22.97
SE MSE A 105 -1.89 -17.77 23.37
CE MSE A 105 -2.51 -17.30 21.57
N VAL A 106 2.23 -18.54 20.36
CA VAL A 106 2.11 -19.28 19.11
C VAL A 106 3.42 -19.75 18.50
N GLY A 107 4.52 -19.56 19.21
CA GLY A 107 5.81 -20.02 18.69
C GLY A 107 6.58 -19.08 17.79
N ALA A 108 6.07 -17.87 17.60
CA ALA A 108 6.74 -16.90 16.73
C ALA A 108 7.93 -16.23 17.43
N VAL A 109 9.03 -16.97 17.59
CA VAL A 109 10.25 -16.47 18.21
C VAL A 109 11.35 -16.44 17.14
N PRO A 110 11.77 -15.25 16.70
CA PRO A 110 12.82 -15.17 15.69
C PRO A 110 14.06 -16.02 16.00
N GLU A 111 14.61 -16.62 14.94
CA GLU A 111 15.78 -17.49 15.06
C GLU A 111 16.97 -16.81 15.72
N ARG A 112 17.10 -15.50 15.58
CA ARG A 112 18.23 -14.83 16.18
C ARG A 112 18.26 -14.98 17.70
N PHE A 113 17.13 -15.36 18.29
CA PHE A 113 17.02 -15.52 19.73
C PHE A 113 17.36 -16.92 20.23
N GLY A 114 17.32 -17.90 19.33
CA GLY A 114 17.61 -19.28 19.71
C GLY A 114 16.37 -19.87 20.35
N GLU A 115 16.55 -20.78 21.30
CA GLU A 115 15.41 -21.40 21.98
C GLU A 115 14.85 -20.48 23.08
N TYR A 116 13.53 -20.42 23.17
CA TYR A 116 12.90 -19.58 24.19
C TYR A 116 13.17 -20.21 25.55
N ARG A 117 14.08 -19.61 26.30
CA ARG A 117 14.45 -20.10 27.62
C ARG A 117 13.56 -19.60 28.75
N GLY A 118 12.89 -18.47 28.53
CA GLY A 118 12.02 -17.90 29.55
C GLY A 118 12.06 -16.39 29.55
N LEU A 119 11.86 -15.77 30.71
CA LEU A 119 11.88 -14.32 30.82
C LEU A 119 13.13 -13.78 30.13
N SER A 120 14.24 -14.47 30.34
CA SER A 120 15.50 -14.08 29.75
C SER A 120 15.34 -13.87 28.24
N THR A 121 14.82 -14.87 27.54
CA THR A 121 14.64 -14.73 26.10
C THR A 121 13.49 -13.76 25.82
N TYR A 122 12.52 -13.74 26.73
CA TYR A 122 11.39 -12.85 26.59
C TYR A 122 11.83 -11.38 26.63
N PHE A 123 12.68 -11.03 27.58
CA PHE A 123 13.13 -9.65 27.66
C PHE A 123 14.11 -9.30 26.55
N ASP A 124 14.78 -10.31 25.98
CA ASP A 124 15.72 -10.07 24.88
C ASP A 124 14.92 -9.61 23.65
N MSE A 125 13.72 -10.17 23.50
CA MSE A 125 12.82 -9.84 22.39
C MSE A 125 12.16 -8.48 22.61
O MSE A 125 11.71 -7.84 21.66
CB MSE A 125 11.73 -10.90 22.27
CG MSE A 125 12.20 -12.28 21.82
SE MSE A 125 10.85 -13.60 22.17
CE MSE A 125 9.56 -13.15 20.79
N ALA A 126 12.09 -8.06 23.87
CA ALA A 126 11.47 -6.80 24.26
C ALA A 126 12.40 -5.60 24.32
N ARG A 127 13.63 -5.82 24.78
CA ARG A 127 14.61 -4.74 24.89
C ARG A 127 16.03 -5.13 24.55
N GLY A 128 16.83 -4.16 24.14
CA GLY A 128 18.20 -4.46 23.79
C GLY A 128 18.42 -4.55 22.29
N GLY A 129 19.69 -4.68 21.91
CA GLY A 129 20.09 -4.73 20.51
C GLY A 129 19.55 -5.81 19.60
N LYS A 130 18.78 -6.75 20.14
CA LYS A 130 18.23 -7.80 19.28
C LYS A 130 16.70 -7.74 19.26
N ALA A 131 16.15 -6.88 20.13
CA ALA A 131 14.71 -6.71 20.28
C ALA A 131 13.87 -6.47 19.02
N LEU A 132 12.59 -6.81 19.12
CA LEU A 132 11.61 -6.63 18.06
C LEU A 132 11.36 -5.13 17.92
N GLU A 133 10.90 -4.73 16.74
CA GLU A 133 10.60 -3.34 16.47
C GLU A 133 9.41 -2.96 17.35
N MSE A 134 9.41 -1.72 17.82
CA MSE A 134 8.32 -1.26 18.66
C MSE A 134 7.54 -0.21 17.88
O MSE A 134 8.10 0.45 16.99
CB MSE A 134 8.88 -0.67 19.95
CG MSE A 134 7.84 -0.49 21.04
SE MSE A 134 8.61 0.27 22.64
CE MSE A 134 9.30 -1.34 23.46
N THR A 135 6.27 -0.06 18.17
CA THR A 135 5.46 0.93 17.46
C THR A 135 4.14 1.18 18.20
N LYS A 136 3.44 2.24 17.80
CA LYS A 136 2.16 2.59 18.43
C LYS A 136 1.06 1.56 18.18
N PHE A 137 0.29 1.28 19.23
CA PHE A 137 -0.82 0.35 19.17
C PHE A 137 -2.02 1.13 18.66
N PHE A 138 -2.34 0.97 17.37
CA PHE A 138 -3.44 1.70 16.76
C PHE A 138 -3.25 3.21 16.90
N ASN A 139 -4.30 3.95 17.21
CA ASN A 139 -4.16 5.40 17.36
C ASN A 139 -4.05 5.80 18.83
N THR A 140 -3.23 5.08 19.60
CA THR A 140 -3.08 5.37 21.02
C THR A 140 -1.62 5.65 21.42
N ASN A 141 -1.41 6.02 22.67
CA ASN A 141 -0.06 6.31 23.11
C ASN A 141 0.65 5.12 23.74
N TYR A 142 0.08 3.94 23.53
CA TYR A 142 0.69 2.71 24.03
C TYR A 142 1.48 2.15 22.85
N HIS A 143 2.65 1.56 23.13
CA HIS A 143 3.48 0.99 22.09
C HIS A 143 3.63 -0.53 22.28
N TYR A 144 3.45 -1.29 21.21
CA TYR A 144 3.58 -2.74 21.31
C TYR A 144 4.80 -3.19 20.51
N LEU A 145 5.13 -4.47 20.61
CA LEU A 145 6.27 -5.02 19.89
C LEU A 145 5.78 -5.79 18.65
N VAL A 146 6.32 -5.44 17.49
CA VAL A 146 5.91 -6.05 16.22
C VAL A 146 6.46 -7.46 15.98
N PRO A 147 5.57 -8.46 15.91
CA PRO A 147 6.07 -9.82 15.68
C PRO A 147 6.62 -10.00 14.27
N GLU A 148 7.61 -10.87 14.15
CA GLU A 148 8.23 -11.16 12.86
C GLU A 148 8.02 -12.64 12.56
N ILE A 149 7.11 -12.94 11.64
CA ILE A 149 6.82 -14.30 11.26
C ILE A 149 7.90 -14.80 10.31
N GLU A 150 8.69 -15.78 10.76
CA GLU A 150 9.77 -16.31 9.95
C GLU A 150 9.45 -17.69 9.37
N THR A 151 8.34 -18.28 9.78
CA THR A 151 7.93 -19.59 9.28
C THR A 151 6.41 -19.61 9.12
N GLU A 152 5.92 -20.42 8.21
CA GLU A 152 4.48 -20.50 7.99
C GLU A 152 3.80 -21.39 9.02
N GLU A 153 4.59 -22.03 9.87
CA GLU A 153 4.01 -22.92 10.88
C GLU A 153 4.08 -22.45 12.32
N PHE A 154 2.90 -22.30 12.93
CA PHE A 154 2.76 -21.88 14.31
C PHE A 154 2.52 -23.11 15.20
N TYR A 155 2.83 -22.98 16.48
CA TYR A 155 2.63 -24.06 17.43
C TYR A 155 2.53 -23.55 18.87
N LEU A 156 1.82 -24.31 19.70
CA LEU A 156 1.65 -23.95 21.10
C LEU A 156 2.96 -24.05 21.86
N LEU A 157 3.65 -22.93 21.97
CA LEU A 157 4.93 -22.87 22.66
C LEU A 157 4.71 -22.70 24.16
N GLU A 158 3.71 -21.90 24.54
CA GLU A 158 3.42 -21.64 25.93
C GLU A 158 1.98 -21.16 26.10
N ASN A 159 1.22 -21.85 26.95
CA ASN A 159 -0.17 -21.47 27.17
C ASN A 159 -0.34 -20.56 28.40
N LYS A 160 0.13 -19.33 28.26
CA LYS A 160 0.05 -18.36 29.33
C LYS A 160 -1.39 -18.11 29.79
N PRO A 161 -2.37 -18.19 28.86
CA PRO A 161 -3.74 -17.95 29.31
C PRO A 161 -4.27 -19.04 30.25
N LEU A 162 -3.75 -20.27 30.11
CA LEU A 162 -4.19 -21.36 31.00
C LEU A 162 -3.46 -21.22 32.33
N GLU A 163 -2.14 -21.00 32.26
CA GLU A 163 -1.34 -20.81 33.46
C GLU A 163 -2.05 -19.81 34.36
N ASP A 164 -2.38 -18.65 33.79
CA ASP A 164 -3.03 -17.59 34.54
C ASP A 164 -4.42 -17.99 35.01
N TYR A 165 -5.10 -18.80 34.21
CA TYR A 165 -6.44 -19.26 34.60
C TYR A 165 -6.30 -20.11 35.87
N LEU A 166 -5.54 -21.19 35.79
CA LEU A 166 -5.34 -22.07 36.93
C LEU A 166 -4.78 -21.31 38.13
N PHE A 167 -4.15 -20.17 37.85
CA PHE A 167 -3.57 -19.36 38.91
C PHE A 167 -4.70 -18.73 39.70
N PHE A 168 -5.56 -17.97 39.04
CA PHE A 168 -6.68 -17.37 39.75
C PHE A 168 -7.65 -18.46 40.15
N LYS A 169 -7.42 -19.66 39.65
CA LYS A 169 -8.26 -20.80 39.98
C LYS A 169 -7.83 -21.32 41.35
N SER A 170 -6.52 -21.46 41.55
CA SER A 170 -5.99 -21.92 42.82
C SER A 170 -6.44 -20.95 43.91
N LYS A 171 -6.25 -19.66 43.66
CA LYS A 171 -6.65 -18.61 44.60
C LYS A 171 -8.18 -18.56 44.71
N GLY A 172 -8.85 -19.56 44.14
CA GLY A 172 -10.30 -19.62 44.19
C GLY A 172 -11.08 -18.53 43.48
N ILE A 173 -10.63 -18.14 42.29
CA ILE A 173 -11.30 -17.09 41.52
C ILE A 173 -11.48 -17.49 40.04
N GLU A 174 -12.68 -17.28 39.51
CA GLU A 174 -12.95 -17.61 38.12
C GLU A 174 -12.70 -16.42 37.20
N THR A 175 -11.88 -16.63 36.18
CA THR A 175 -11.52 -15.56 35.23
C THR A 175 -11.66 -15.93 33.75
N ALA A 176 -11.94 -14.93 32.93
CA ALA A 176 -12.08 -15.10 31.48
C ALA A 176 -10.79 -14.62 30.82
N PRO A 177 -9.96 -15.55 30.32
CA PRO A 177 -8.70 -15.17 29.67
C PRO A 177 -8.88 -14.09 28.62
N TRP A 178 -8.00 -13.10 28.66
CA TRP A 178 -8.00 -11.96 27.75
C TRP A 178 -6.96 -12.19 26.67
N VAL A 179 -7.39 -12.49 25.45
CA VAL A 179 -6.43 -12.73 24.37
C VAL A 179 -6.67 -11.83 23.18
N ILE A 180 -5.62 -11.65 22.38
CA ILE A 180 -5.69 -10.86 21.17
C ILE A 180 -6.10 -11.85 20.09
N GLY A 181 -7.19 -11.56 19.38
CA GLY A 181 -7.66 -12.45 18.33
C GLY A 181 -6.62 -12.81 17.30
N PRO A 182 -6.84 -13.89 16.52
CA PRO A 182 -5.89 -14.33 15.49
C PRO A 182 -5.72 -13.38 14.29
N PHE A 183 -6.81 -12.73 13.89
CA PHE A 183 -6.77 -11.82 12.77
C PHE A 183 -5.92 -10.58 13.11
N THR A 184 -6.20 -9.99 14.27
CA THR A 184 -5.50 -8.81 14.72
C THR A 184 -4.01 -9.08 14.94
N PHE A 185 -3.69 -10.24 15.49
CA PHE A 185 -2.31 -10.58 15.74
C PHE A 185 -1.48 -10.53 14.46
N LEU A 186 -2.03 -11.08 13.39
CA LEU A 186 -1.35 -11.09 12.10
C LEU A 186 -1.30 -9.67 11.54
N TYR A 187 -2.41 -8.96 11.66
CA TYR A 187 -2.50 -7.59 11.17
C TYR A 187 -1.47 -6.65 11.87
N LEU A 188 -1.07 -6.99 13.10
CA LEU A 188 -0.10 -6.17 13.81
C LEU A 188 1.33 -6.70 13.59
N SER A 189 1.46 -7.78 12.82
CA SER A 189 2.77 -8.37 12.55
C SER A 189 3.33 -8.12 11.15
N LYS A 190 4.60 -8.47 10.95
CA LYS A 190 5.27 -8.32 9.67
C LYS A 190 5.92 -9.63 9.21
N ARG A 191 6.13 -9.72 7.90
CA ARG A 191 6.79 -10.88 7.32
C ARG A 191 7.75 -10.34 6.29
N ASN A 192 9.03 -10.65 6.45
CA ASN A 192 10.05 -10.18 5.52
C ASN A 192 9.98 -8.66 5.38
N GLY A 193 9.78 -7.98 6.51
CA GLY A 193 9.71 -6.53 6.53
C GLY A 193 8.41 -5.84 6.14
N GLU A 194 7.41 -6.60 5.74
CA GLU A 194 6.14 -6.02 5.32
C GLU A 194 4.97 -6.43 6.21
N TRP A 195 4.05 -5.49 6.45
CA TRP A 195 2.90 -5.77 7.27
C TRP A 195 2.18 -6.92 6.59
N ILE A 196 1.53 -7.76 7.39
CA ILE A 196 0.80 -8.89 6.84
C ILE A 196 -0.65 -8.45 6.85
N ARG A 197 -1.05 -7.67 5.86
CA ARG A 197 -2.42 -7.15 5.86
C ARG A 197 -3.31 -7.41 4.67
N ARG A 198 -2.74 -7.90 3.57
CA ARG A 198 -3.56 -8.22 2.41
C ARG A 198 -4.15 -9.61 2.66
N PRO A 199 -5.39 -9.83 2.23
CA PRO A 199 -6.02 -11.14 2.44
C PRO A 199 -5.19 -12.33 1.91
N ASN A 200 -4.51 -12.17 0.78
CA ASN A 200 -3.71 -13.28 0.23
C ASN A 200 -2.51 -13.57 1.12
N GLN A 201 -2.03 -12.54 1.82
CA GLN A 201 -0.90 -12.69 2.74
C GLN A 201 -1.28 -13.44 4.01
N MSE A 202 -2.48 -13.18 4.52
CA MSE A 202 -2.95 -13.80 5.76
C MSE A 202 -3.55 -15.19 5.60
O MSE A 202 -3.34 -16.05 6.45
CB MSE A 202 -4.00 -12.90 6.42
CG MSE A 202 -3.64 -11.44 6.51
SE MSE A 202 -5.09 -10.36 7.25
CE MSE A 202 -4.84 -10.82 9.12
N GLU A 203 -4.29 -15.40 4.52
CA GLU A 203 -4.97 -16.67 4.27
C GLU A 203 -4.24 -17.93 4.75
N LYS A 204 -3.10 -18.24 4.13
CA LYS A 204 -2.34 -19.42 4.51
C LYS A 204 -1.96 -19.41 5.99
N LEU A 205 -1.26 -18.36 6.41
CA LEU A 205 -0.81 -18.20 7.78
C LEU A 205 -1.91 -18.40 8.82
N LEU A 206 -3.09 -17.85 8.56
CA LEU A 206 -4.22 -17.98 9.49
C LEU A 206 -4.58 -19.42 9.81
N GLU A 207 -4.66 -20.26 8.78
CA GLU A 207 -5.03 -21.65 8.99
C GLU A 207 -4.13 -22.31 10.04
N SER A 208 -2.82 -22.14 9.90
CA SER A 208 -1.88 -22.72 10.85
C SER A 208 -2.00 -22.06 12.22
N LEU A 209 -2.38 -20.78 12.23
CA LEU A 209 -2.51 -20.04 13.49
C LEU A 209 -3.74 -20.45 14.31
N VAL A 210 -4.92 -20.39 13.71
CA VAL A 210 -6.13 -20.77 14.47
C VAL A 210 -5.98 -22.15 15.11
N SER A 211 -5.08 -22.97 14.55
CA SER A 211 -4.83 -24.30 15.07
C SER A 211 -4.26 -24.24 16.48
N VAL A 212 -3.36 -23.28 16.72
CA VAL A 212 -2.77 -23.11 18.02
C VAL A 212 -3.83 -22.57 18.96
N TYR A 213 -4.62 -21.61 18.49
CA TYR A 213 -5.69 -21.02 19.29
C TYR A 213 -6.66 -22.08 19.74
N LYS A 214 -7.26 -22.78 18.77
CA LYS A 214 -8.23 -23.84 19.10
C LYS A 214 -7.63 -24.75 20.16
N GLU A 215 -6.36 -25.11 19.97
CA GLU A 215 -5.65 -25.97 20.91
C GLU A 215 -5.64 -25.32 22.29
N VAL A 216 -5.36 -24.02 22.32
CA VAL A 216 -5.32 -23.27 23.58
C VAL A 216 -6.69 -23.26 24.23
N PHE A 217 -7.70 -22.87 23.46
CA PHE A 217 -9.07 -22.81 23.94
C PHE A 217 -9.57 -24.14 24.53
N GLU A 218 -9.48 -25.23 23.76
CA GLU A 218 -9.94 -26.53 24.24
C GLU A 218 -9.43 -26.80 25.66
N LYS A 219 -8.15 -26.49 25.90
CA LYS A 219 -7.53 -26.69 27.21
C LYS A 219 -8.20 -25.83 28.26
N LEU A 220 -8.52 -24.60 27.91
CA LEU A 220 -9.19 -23.71 28.83
C LEU A 220 -10.60 -24.23 29.12
N VAL A 221 -11.30 -24.65 28.07
CA VAL A 221 -12.66 -25.15 28.20
C VAL A 221 -12.70 -26.39 29.08
N GLU A 222 -11.67 -27.21 28.96
CA GLU A 222 -11.57 -28.43 29.74
C GLU A 222 -11.50 -28.11 31.22
N ASN A 223 -10.61 -27.21 31.59
CA ASN A 223 -10.45 -26.84 32.99
C ASN A 223 -11.57 -25.98 33.53
N GLY A 224 -12.72 -26.01 32.85
CA GLY A 224 -13.86 -25.25 33.33
C GLY A 224 -14.01 -23.80 32.93
N CYS A 225 -13.07 -23.25 32.16
CA CYS A 225 -13.19 -21.87 31.75
C CYS A 225 -14.52 -21.69 31.02
N LYS A 226 -15.37 -20.83 31.55
CA LYS A 226 -16.69 -20.60 30.96
C LYS A 226 -16.76 -19.47 29.93
N GLU A 227 -15.70 -18.67 29.83
CA GLU A 227 -15.69 -17.57 28.87
C GLU A 227 -14.30 -17.02 28.53
N ILE A 228 -14.12 -16.69 27.26
CA ILE A 228 -12.87 -16.15 26.77
C ILE A 228 -13.13 -14.81 26.12
N LEU A 229 -12.31 -13.82 26.45
CA LEU A 229 -12.45 -12.49 25.90
C LEU A 229 -11.44 -12.33 24.78
N VAL A 230 -11.93 -12.34 23.54
CA VAL A 230 -11.08 -12.22 22.36
C VAL A 230 -11.10 -10.79 21.83
N ASN A 231 -9.92 -10.22 21.67
CA ASN A 231 -9.78 -8.84 21.20
C ASN A 231 -9.43 -8.68 19.71
N GLU A 232 -10.37 -8.12 18.95
CA GLU A 232 -10.16 -7.92 17.54
C GLU A 232 -10.36 -6.45 17.13
N PRO A 233 -9.53 -5.54 17.66
CA PRO A 233 -9.70 -4.12 17.30
C PRO A 233 -9.35 -3.83 15.84
N ALA A 234 -8.70 -4.76 15.14
CA ALA A 234 -8.36 -4.57 13.74
C ALA A 234 -9.60 -4.54 12.85
N PHE A 235 -10.73 -4.96 13.43
CA PHE A 235 -12.02 -4.97 12.72
C PHE A 235 -12.48 -3.54 12.41
N VAL A 236 -11.86 -2.55 13.07
CA VAL A 236 -12.23 -1.15 12.86
C VAL A 236 -11.40 -0.43 11.79
N CYS A 237 -10.38 -1.09 11.27
CA CYS A 237 -9.56 -0.49 10.21
C CYS A 237 -10.36 -0.52 8.90
N ASP A 238 -9.87 0.12 7.85
CA ASP A 238 -10.54 0.13 6.54
C ASP A 238 -10.25 -1.22 5.87
N LEU A 239 -11.11 -2.20 6.14
CA LEU A 239 -10.93 -3.54 5.60
C LEU A 239 -11.70 -3.78 4.33
N GLU A 240 -11.22 -4.72 3.53
CA GLU A 240 -11.88 -5.08 2.28
C GLU A 240 -12.87 -6.19 2.60
N LYS A 241 -13.84 -6.40 1.71
CA LYS A 241 -14.81 -7.46 1.90
C LYS A 241 -14.05 -8.75 2.09
N ALA A 242 -12.99 -8.91 1.29
CA ALA A 242 -12.16 -10.10 1.33
C ALA A 242 -11.65 -10.36 2.75
N HIS A 243 -11.36 -9.31 3.50
CA HIS A 243 -10.87 -9.48 4.88
C HIS A 243 -11.95 -10.20 5.69
N TRP A 244 -13.19 -9.73 5.55
CA TRP A 244 -14.31 -10.33 6.26
C TRP A 244 -14.57 -11.78 5.87
N ASP A 245 -14.48 -12.08 4.58
CA ASP A 245 -14.69 -13.45 4.13
C ASP A 245 -13.70 -14.33 4.92
N LEU A 246 -12.49 -13.83 5.06
CA LEU A 246 -11.42 -14.53 5.77
C LEU A 246 -11.72 -14.65 7.28
N ILE A 247 -12.09 -13.52 7.88
CA ILE A 247 -12.42 -13.50 9.31
C ILE A 247 -13.55 -14.47 9.62
N LEU A 248 -14.55 -14.50 8.74
CA LEU A 248 -15.69 -15.39 8.95
C LEU A 248 -15.26 -16.84 9.13
N ASN A 249 -14.38 -17.33 8.25
CA ASN A 249 -13.91 -18.70 8.33
C ASN A 249 -13.04 -18.96 9.55
N VAL A 250 -12.35 -17.91 10.01
CA VAL A 250 -11.51 -18.03 11.20
C VAL A 250 -12.42 -18.37 12.37
N TYR A 251 -13.50 -17.61 12.51
CA TYR A 251 -14.41 -17.81 13.62
C TYR A 251 -15.39 -18.96 13.50
N ARG A 252 -15.41 -19.62 12.35
CA ARG A 252 -16.26 -20.77 12.18
C ARG A 252 -15.51 -21.94 12.80
N GLU A 253 -14.19 -21.92 12.63
CA GLU A 253 -13.35 -22.98 13.17
C GLU A 253 -13.21 -22.91 14.68
N LEU A 254 -13.65 -21.80 15.27
CA LEU A 254 -13.56 -21.61 16.72
C LEU A 254 -14.94 -21.46 17.34
N SER A 255 -15.97 -21.72 16.54
CA SER A 255 -17.36 -21.59 17.00
C SER A 255 -17.75 -22.44 18.22
N GLU A 256 -17.10 -23.57 18.45
CA GLU A 256 -17.44 -24.42 19.59
C GLU A 256 -16.91 -23.93 20.93
N PHE A 257 -16.22 -22.79 20.91
CA PHE A 257 -15.65 -22.24 22.14
C PHE A 257 -16.47 -21.07 22.67
N PRO A 258 -16.42 -20.85 23.99
CA PRO A 258 -17.15 -19.77 24.66
C PRO A 258 -16.37 -18.46 24.50
N LEU A 259 -16.39 -17.93 23.27
CA LEU A 259 -15.71 -16.71 22.90
C LEU A 259 -16.60 -15.47 22.96
N THR A 260 -15.99 -14.36 23.36
CA THR A 260 -16.67 -13.07 23.43
C THR A 260 -15.69 -12.10 22.76
N VAL A 261 -16.07 -11.58 21.61
CA VAL A 261 -15.21 -10.69 20.84
C VAL A 261 -15.44 -9.21 21.09
N PHE A 262 -14.34 -8.48 21.22
CA PHE A 262 -14.37 -7.03 21.47
C PHE A 262 -13.73 -6.24 20.34
N THR A 263 -14.31 -5.09 20.04
CA THR A 263 -13.76 -4.19 19.02
C THR A 263 -13.84 -2.77 19.59
N TYR A 264 -12.84 -1.95 19.29
CA TYR A 264 -12.84 -0.59 19.80
C TYR A 264 -11.88 0.33 19.04
N TYR A 265 -11.93 1.62 19.40
CA TYR A 265 -11.13 2.69 18.84
C TYR A 265 -11.82 3.37 17.66
N ASP A 266 -12.87 2.72 17.16
CA ASP A 266 -13.69 3.25 16.06
C ASP A 266 -14.73 2.20 15.68
N SER A 267 -15.58 2.50 14.71
CA SER A 267 -16.63 1.58 14.28
C SER A 267 -16.10 0.43 13.42
N VAL A 268 -16.75 -0.74 13.49
CA VAL A 268 -16.28 -1.87 12.68
C VAL A 268 -16.52 -1.59 11.21
N SER A 269 -15.56 -1.97 10.38
CA SER A 269 -15.65 -1.74 8.94
C SER A 269 -16.93 -2.33 8.27
N ASP A 270 -17.28 -3.57 8.57
CA ASP A 270 -18.49 -4.17 7.98
C ASP A 270 -19.45 -4.66 9.05
N TYR A 271 -20.40 -3.80 9.43
CA TYR A 271 -21.36 -4.15 10.47
C TYR A 271 -22.07 -5.47 10.21
N GLU A 272 -22.89 -5.53 9.16
CA GLU A 272 -23.61 -6.76 8.83
C GLU A 272 -22.70 -7.97 8.87
N ALA A 273 -21.51 -7.84 8.29
CA ALA A 273 -20.57 -8.97 8.29
C ALA A 273 -20.09 -9.33 9.70
N CYS A 274 -19.90 -8.32 10.54
CA CYS A 274 -19.43 -8.54 11.91
C CYS A 274 -20.49 -9.24 12.76
N VAL A 275 -21.74 -8.78 12.67
CA VAL A 275 -22.80 -9.40 13.45
C VAL A 275 -23.16 -10.79 12.94
N SER A 276 -22.44 -11.28 11.94
CA SER A 276 -22.71 -12.61 11.40
C SER A 276 -21.69 -13.65 11.85
N LEU A 277 -20.62 -13.19 12.49
CA LEU A 277 -19.59 -14.12 12.95
C LEU A 277 -20.21 -15.16 13.88
N PRO A 278 -19.69 -16.40 13.83
CA PRO A 278 -20.19 -17.49 14.67
C PRO A 278 -19.87 -17.29 16.16
N VAL A 279 -20.25 -16.13 16.72
CA VAL A 279 -20.01 -15.86 18.14
C VAL A 279 -21.32 -15.52 18.85
N LYS A 280 -21.45 -15.97 20.10
CA LYS A 280 -22.67 -15.71 20.88
C LYS A 280 -22.67 -14.35 21.57
N ARG A 281 -21.48 -13.87 21.93
CA ARG A 281 -21.31 -12.58 22.60
C ARG A 281 -20.39 -11.66 21.81
N LEU A 282 -20.91 -10.49 21.45
CA LEU A 282 -20.16 -9.52 20.67
C LEU A 282 -20.16 -8.11 21.28
N HIS A 283 -18.96 -7.56 21.48
CA HIS A 283 -18.78 -6.23 22.04
C HIS A 283 -18.61 -5.16 20.96
N PHE A 284 -19.14 -3.97 21.24
CA PHE A 284 -19.07 -2.84 20.31
C PHE A 284 -18.67 -1.56 21.06
N ASP A 285 -17.91 -0.71 20.38
CA ASP A 285 -17.48 0.56 20.96
C ASP A 285 -18.48 1.62 20.53
N PHE A 286 -19.30 2.10 21.45
CA PHE A 286 -20.31 3.11 21.15
C PHE A 286 -19.89 4.51 21.60
N VAL A 287 -18.66 4.60 22.09
CA VAL A 287 -18.14 5.88 22.54
C VAL A 287 -17.29 6.63 21.52
N SER A 288 -16.31 5.95 20.93
CA SER A 288 -15.39 6.55 19.97
C SER A 288 -15.94 6.87 18.60
N ASN A 289 -17.20 6.54 18.34
CA ASN A 289 -17.77 6.77 17.03
C ASN A 289 -19.30 6.77 17.05
N GLU A 290 -19.90 7.21 15.95
CA GLU A 290 -21.35 7.25 15.81
C GLU A 290 -21.86 6.20 14.84
N GLU A 291 -20.95 5.54 14.13
CA GLU A 291 -21.35 4.52 13.15
C GLU A 291 -21.91 3.24 13.72
N ASN A 292 -21.32 2.72 14.80
CA ASN A 292 -21.84 1.48 15.37
C ASN A 292 -23.30 1.61 15.78
N LEU A 293 -23.63 2.65 16.53
CA LEU A 293 -25.02 2.84 16.95
C LEU A 293 -25.90 2.97 15.71
N LYS A 294 -25.59 3.98 14.89
CA LYS A 294 -26.34 4.25 13.66
C LYS A 294 -26.60 2.97 12.88
N ASN A 295 -25.58 2.12 12.77
CA ASN A 295 -25.67 0.85 12.06
C ASN A 295 -26.56 -0.15 12.76
N LEU A 296 -26.38 -0.26 14.07
CA LEU A 296 -27.16 -1.20 14.85
C LEU A 296 -28.65 -0.86 14.85
N GLU A 297 -28.99 0.42 14.77
CA GLU A 297 -30.41 0.77 14.77
C GLU A 297 -30.96 1.09 13.39
N LYS A 298 -30.26 0.66 12.35
CA LYS A 298 -30.72 0.85 10.99
C LYS A 298 -30.83 -0.55 10.37
N HIS A 299 -29.98 -1.45 10.84
CA HIS A 299 -29.95 -2.83 10.34
C HIS A 299 -30.18 -3.84 11.47
N GLY A 300 -30.34 -3.34 12.69
CA GLY A 300 -30.58 -4.21 13.83
C GLY A 300 -29.45 -5.10 14.28
N PHE A 301 -29.72 -5.88 15.33
CA PHE A 301 -28.74 -6.81 15.89
C PHE A 301 -29.37 -8.20 15.96
N PRO A 302 -28.62 -9.24 15.53
CA PRO A 302 -29.08 -10.64 15.53
C PRO A 302 -29.57 -11.17 16.87
N GLU A 303 -30.65 -11.94 16.83
CA GLU A 303 -31.26 -12.52 18.03
C GLU A 303 -30.53 -13.78 18.47
N ASP A 304 -29.61 -14.27 17.64
CA ASP A 304 -28.86 -15.48 17.98
C ASP A 304 -27.60 -15.21 18.81
N LYS A 305 -27.37 -13.94 19.12
CA LYS A 305 -26.20 -13.54 19.90
C LYS A 305 -26.57 -12.39 20.85
N LYS A 306 -25.71 -12.13 21.83
CA LYS A 306 -25.94 -11.07 22.82
C LYS A 306 -25.02 -9.86 22.65
N LEU A 307 -25.57 -8.67 22.80
CA LEU A 307 -24.80 -7.44 22.67
C LEU A 307 -24.24 -6.99 24.02
N VAL A 308 -23.02 -6.49 24.00
CA VAL A 308 -22.38 -5.98 25.21
C VAL A 308 -21.96 -4.56 24.91
N ALA A 309 -22.85 -3.62 25.24
CA ALA A 309 -22.61 -2.21 25.00
C ALA A 309 -21.41 -1.62 25.73
N GLY A 310 -20.38 -1.27 24.97
CA GLY A 310 -19.18 -0.66 25.55
C GLY A 310 -19.54 0.80 25.64
N VAL A 311 -19.94 1.24 26.83
CA VAL A 311 -20.38 2.63 26.97
C VAL A 311 -19.59 3.54 27.91
N ILE A 312 -18.49 3.04 28.45
CA ILE A 312 -17.66 3.85 29.33
C ILE A 312 -16.29 4.03 28.67
N ASN A 313 -16.00 5.29 28.30
CA ASN A 313 -14.76 5.67 27.63
C ASN A 313 -13.52 5.29 28.42
N GLY A 314 -12.58 4.60 27.76
CA GLY A 314 -11.34 4.20 28.41
C GLY A 314 -10.17 5.05 27.98
N ARG A 315 -10.44 6.08 27.18
CA ARG A 315 -9.42 6.99 26.63
C ARG A 315 -9.51 8.43 27.18
N GLN A 316 -10.60 8.76 27.86
CA GLN A 316 -10.78 10.10 28.43
C GLN A 316 -11.11 9.92 29.90
N PRO A 317 -10.73 10.90 30.74
CA PRO A 317 -10.96 10.84 32.18
C PRO A 317 -12.15 11.60 32.74
N TRP A 318 -13.17 11.82 31.91
CA TRP A 318 -14.30 12.58 32.40
C TRP A 318 -15.44 11.80 33.02
N LYS A 319 -15.97 12.38 34.09
CA LYS A 319 -17.11 11.77 34.76
C LYS A 319 -18.22 11.95 33.72
N VAL A 320 -19.07 10.94 33.56
CA VAL A 320 -20.13 11.02 32.57
C VAL A 320 -21.52 10.88 33.17
N ASP A 321 -22.52 11.32 32.42
CA ASP A 321 -23.91 11.23 32.84
C ASP A 321 -24.38 9.79 32.68
N LEU A 322 -24.35 9.03 33.78
CA LEU A 322 -24.77 7.65 33.74
C LEU A 322 -26.27 7.56 33.45
N ARG A 323 -26.88 8.73 33.27
CA ARG A 323 -28.30 8.79 32.98
C ARG A 323 -28.52 8.49 31.50
N LYS A 324 -28.05 9.41 30.64
CA LYS A 324 -28.20 9.26 29.20
C LYS A 324 -27.59 7.94 28.73
N VAL A 325 -26.65 7.40 29.50
CA VAL A 325 -26.01 6.14 29.16
C VAL A 325 -26.98 5.00 29.40
N ALA A 326 -27.64 5.03 30.56
CA ALA A 326 -28.62 3.99 30.90
C ALA A 326 -29.73 4.00 29.84
N SER A 327 -30.02 5.18 29.31
CA SER A 327 -31.04 5.36 28.28
C SER A 327 -30.65 4.61 27.00
N LEU A 328 -29.35 4.67 26.68
CA LEU A 328 -28.81 4.01 25.50
C LEU A 328 -28.93 2.50 25.66
N VAL A 329 -28.35 1.99 26.74
CA VAL A 329 -28.38 0.56 27.04
C VAL A 329 -29.82 0.06 27.05
N GLU A 330 -30.74 0.89 27.55
CA GLU A 330 -32.15 0.51 27.60
C GLU A 330 -32.79 0.47 26.22
N LYS A 331 -32.72 1.57 25.48
CA LYS A 331 -33.31 1.64 24.14
C LYS A 331 -32.79 0.53 23.22
N LEU A 332 -31.55 0.09 23.47
CA LEU A 332 -30.90 -0.97 22.69
C LEU A 332 -31.11 -2.35 23.29
N GLY A 333 -31.82 -2.41 24.41
CA GLY A 333 -32.07 -3.68 25.07
C GLY A 333 -30.80 -4.50 25.24
N ALA A 334 -29.68 -3.83 25.42
CA ALA A 334 -28.40 -4.51 25.58
C ALA A 334 -28.41 -5.36 26.85
N SER A 335 -27.91 -6.59 26.74
CA SER A 335 -27.89 -7.50 27.88
C SER A 335 -26.66 -7.31 28.78
N ALA A 336 -25.64 -6.63 28.28
CA ALA A 336 -24.42 -6.41 29.05
C ALA A 336 -23.83 -5.05 28.77
N ILE A 337 -22.86 -4.66 29.57
CA ILE A 337 -22.20 -3.37 29.38
C ILE A 337 -20.73 -3.52 29.73
N SER A 338 -19.93 -2.51 29.38
CA SER A 338 -18.50 -2.52 29.66
C SER A 338 -17.88 -1.22 29.19
N ASN A 339 -16.58 -1.07 29.40
CA ASN A 339 -15.92 0.13 28.92
C ASN A 339 -15.74 -0.03 27.41
N SER A 340 -15.78 1.09 26.70
CA SER A 340 -15.63 1.09 25.24
C SER A 340 -14.30 0.50 24.78
N CYS A 341 -13.20 1.04 25.30
CA CYS A 341 -11.86 0.57 24.95
C CYS A 341 -11.05 0.31 26.22
N PRO A 342 -9.91 -0.39 26.09
CA PRO A 342 -9.10 -0.68 27.27
C PRO A 342 -8.95 0.48 28.24
N LEU A 343 -8.91 0.16 29.52
CA LEU A 343 -8.75 1.16 30.56
C LEU A 343 -7.28 1.47 30.83
N PHE A 344 -6.35 0.80 30.15
CA PHE A 344 -4.96 1.08 30.42
C PHE A 344 -4.48 2.39 29.81
N HIS A 345 -5.41 3.07 29.14
CA HIS A 345 -5.14 4.37 28.54
C HIS A 345 -5.35 5.50 29.56
N LEU A 346 -5.85 5.14 30.74
CA LEU A 346 -6.09 6.13 31.81
C LEU A 346 -5.21 5.85 33.03
N PRO A 347 -5.14 6.81 33.97
CA PRO A 347 -4.33 6.59 35.18
C PRO A 347 -5.06 5.60 36.10
N VAL A 348 -4.39 5.04 37.08
CA VAL A 348 -5.03 4.08 37.97
C VAL A 348 -6.15 4.67 38.83
N THR A 349 -5.92 5.82 39.47
CA THR A 349 -6.94 6.45 40.34
C THR A 349 -6.80 7.94 40.59
N LEU A 350 -7.94 8.60 40.76
CA LEU A 350 -8.00 10.04 41.02
C LEU A 350 -7.94 10.36 42.53
N GLU A 351 -8.08 9.32 43.35
CA GLU A 351 -8.10 9.46 44.81
C GLU A 351 -7.20 10.53 45.45
N LEU A 352 -5.91 10.47 45.18
CA LEU A 352 -4.98 11.42 45.77
C LEU A 352 -4.65 12.63 44.93
N GLU A 353 -5.41 12.86 43.85
CA GLU A 353 -5.14 14.02 43.01
C GLU A 353 -5.86 15.22 43.63
N ASN A 354 -5.29 15.75 44.71
CA ASN A 354 -5.91 16.88 45.40
C ASN A 354 -5.24 18.23 45.20
N ASN A 355 -4.36 18.32 44.22
CA ASN A 355 -3.69 19.60 43.94
C ASN A 355 -4.15 20.15 42.60
N LEU A 356 -5.17 19.51 42.02
CA LEU A 356 -5.75 19.93 40.74
C LEU A 356 -6.45 21.28 40.86
N PRO A 357 -6.60 22.01 39.74
CA PRO A 357 -7.27 23.31 39.72
C PRO A 357 -8.67 23.24 40.32
N GLY A 358 -9.15 24.38 40.80
CA GLY A 358 -10.45 24.46 41.41
C GLY A 358 -11.62 23.86 40.65
N GLY A 359 -12.23 22.84 41.25
CA GLY A 359 -13.37 22.18 40.63
C GLY A 359 -13.06 21.04 39.68
N LEU A 360 -11.83 20.95 39.20
CA LEU A 360 -11.47 19.89 38.26
C LEU A 360 -11.71 18.50 38.78
N LYS A 361 -11.07 18.13 39.88
CA LYS A 361 -11.20 16.79 40.43
C LYS A 361 -12.62 16.26 40.44
N GLU A 362 -13.56 17.11 40.86
CA GLU A 362 -14.97 16.74 40.95
C GLU A 362 -15.57 16.23 39.65
N LYS A 363 -14.94 16.58 38.54
CA LYS A 363 -15.42 16.19 37.21
C LYS A 363 -14.61 15.08 36.55
N LEU A 364 -13.56 14.64 37.22
CA LEU A 364 -12.70 13.58 36.69
C LEU A 364 -13.15 12.19 37.07
N ALA A 365 -12.47 11.20 36.48
CA ALA A 365 -12.75 9.79 36.72
C ALA A 365 -11.66 9.00 36.00
N PHE A 366 -10.84 8.28 36.76
CA PHE A 366 -9.78 7.51 36.14
C PHE A 366 -10.17 6.02 36.10
N ALA A 367 -9.21 5.15 35.83
CA ALA A 367 -9.48 3.72 35.75
C ALA A 367 -10.38 3.13 36.84
N LYS A 368 -9.97 3.25 38.11
CA LYS A 368 -10.77 2.70 39.20
C LYS A 368 -12.16 3.31 39.25
N GLU A 369 -12.25 4.61 39.03
CA GLU A 369 -13.53 5.30 39.05
C GLU A 369 -14.35 4.96 37.80
N LYS A 370 -13.73 4.36 36.79
CA LYS A 370 -14.46 3.96 35.58
C LYS A 370 -15.13 2.63 35.90
N LEU A 371 -14.43 1.81 36.67
CA LEU A 371 -14.92 0.52 37.10
C LEU A 371 -16.10 0.76 38.04
N GLU A 372 -16.02 1.83 38.81
CA GLU A 372 -17.09 2.16 39.74
C GLU A 372 -18.32 2.69 38.99
N GLU A 373 -18.10 3.39 37.89
CA GLU A 373 -19.22 3.90 37.12
C GLU A 373 -19.96 2.74 36.47
N LEU A 374 -19.23 1.71 36.03
CA LEU A 374 -19.86 0.54 35.43
C LEU A 374 -20.81 -0.11 36.45
N LYS A 375 -20.33 -0.26 37.68
CA LYS A 375 -21.14 -0.87 38.74
C LYS A 375 -22.38 -0.03 39.02
N MSE A 376 -22.24 1.29 39.03
CA MSE A 376 -23.39 2.16 39.26
C MSE A 376 -24.41 2.01 38.14
O MSE A 376 -25.61 2.15 38.38
CB MSE A 376 -22.95 3.62 39.36
CG MSE A 376 -22.22 3.99 40.62
SE MSE A 376 -22.08 5.92 40.77
CE MSE A 376 -20.47 6.20 39.72
N LEU A 377 -23.93 1.74 36.93
CA LEU A 377 -24.81 1.56 35.77
C LEU A 377 -25.57 0.25 35.94
N LYS A 378 -24.82 -0.79 36.28
CA LYS A 378 -25.39 -2.11 36.49
C LYS A 378 -26.48 -2.06 37.55
N ASP A 379 -26.16 -1.48 38.70
CA ASP A 379 -27.12 -1.40 39.80
C ASP A 379 -28.35 -0.57 39.43
N PHE A 380 -28.16 0.49 38.64
CA PHE A 380 -29.32 1.29 38.25
C PHE A 380 -30.08 0.51 37.20
N LEU A 381 -29.41 -0.47 36.60
CA LEU A 381 -30.02 -1.30 35.57
C LEU A 381 -30.41 -2.64 36.17
N GLU A 382 -31.26 -2.60 37.19
CA GLU A 382 -31.71 -3.80 37.86
C GLU A 382 -32.60 -3.44 39.04
N PHE A 393 -22.24 19.86 33.89
CA PHE A 393 -20.99 20.58 34.17
C PHE A 393 -20.31 21.04 32.88
N GLU A 394 -21.12 21.50 31.93
CA GLU A 394 -20.60 21.95 30.65
C GLU A 394 -19.98 23.34 30.63
N ASP A 395 -20.52 24.26 31.42
CA ASP A 395 -20.04 25.65 31.48
C ASP A 395 -18.65 25.84 32.14
N PHE A 396 -18.11 24.74 32.67
CA PHE A 396 -16.82 24.70 33.33
C PHE A 396 -15.68 25.41 32.57
N ALA A 397 -14.79 26.04 33.32
CA ALA A 397 -13.64 26.75 32.77
C ALA A 397 -13.82 27.19 31.32
N VAL A 398 -14.26 28.43 31.13
CA VAL A 398 -14.50 28.98 29.81
C VAL A 398 -13.98 30.43 29.73
N ASP A 399 -13.40 30.78 28.58
CA ASP A 399 -12.87 32.14 28.37
C ASP A 399 -13.61 32.71 27.16
N LEU A 400 -14.88 33.05 27.37
CA LEU A 400 -15.72 33.58 26.29
C LEU A 400 -15.05 34.54 25.31
N GLN A 401 -14.11 35.34 25.79
CA GLN A 401 -13.43 36.26 24.89
C GLN A 401 -12.53 35.41 23.99
N ALA A 402 -11.87 34.43 24.58
CA ALA A 402 -11.00 33.51 23.85
C ALA A 402 -11.88 32.69 22.92
N VAL A 403 -12.92 32.07 23.46
CA VAL A 403 -13.84 31.27 22.66
C VAL A 403 -14.35 32.09 21.49
N GLU A 404 -14.85 33.29 21.79
CA GLU A 404 -15.35 34.17 20.74
C GLU A 404 -14.24 34.51 19.77
N ARG A 405 -13.05 34.77 20.30
CA ARG A 405 -11.89 35.10 19.46
C ARG A 405 -11.71 34.02 18.40
N VAL A 406 -11.78 32.77 18.84
CA VAL A 406 -11.63 31.63 17.93
C VAL A 406 -12.79 31.64 16.95
N ARG A 407 -14.00 31.83 17.47
CA ARG A 407 -15.21 31.87 16.64
C ARG A 407 -15.17 32.95 15.56
N ASN A 408 -14.33 33.97 15.77
CA ASN A 408 -14.20 35.07 14.82
C ASN A 408 -12.73 35.29 14.46
N PRO A 410 -10.49 36.60 11.83
CA PRO A 410 -10.66 36.65 10.38
C PRO A 410 -10.14 35.40 9.67
N GLU A 411 -10.52 35.25 8.41
CA GLU A 411 -10.08 34.11 7.61
C GLU A 411 -8.57 34.18 7.38
N ASP A 412 -8.09 35.37 7.06
CA ASP A 412 -6.66 35.63 6.81
C ASP A 412 -5.77 35.32 8.02
N SER A 413 -6.36 34.74 9.06
CA SER A 413 -5.62 34.37 10.26
C SER A 413 -5.07 32.95 10.08
N PHE A 414 -5.45 32.33 8.97
CA PHE A 414 -5.03 30.98 8.62
C PHE A 414 -4.09 31.01 7.42
N ARG A 415 -3.89 32.19 6.86
CA ARG A 415 -3.03 32.36 5.68
C ARG A 415 -1.99 33.46 5.89
N ARG A 416 -0.74 33.17 5.52
CA ARG A 416 0.35 34.14 5.66
C ARG A 416 0.27 35.17 4.54
N GLU A 417 0.43 36.45 4.91
CA GLU A 417 0.34 37.59 4.00
C GLU A 417 1.00 37.43 2.64
N LYS A 418 2.00 36.55 2.54
CA LYS A 418 2.69 36.35 1.27
C LYS A 418 2.87 34.87 0.95
N GLU A 419 3.07 34.58 -0.33
CA GLU A 419 3.28 33.20 -0.79
C GLU A 419 4.74 32.84 -0.52
N TYR A 420 4.99 31.54 -0.38
CA TYR A 420 6.34 31.03 -0.11
C TYR A 420 7.45 31.66 -0.94
N THR A 421 7.28 31.69 -2.25
CA THR A 421 8.29 32.25 -3.15
C THR A 421 8.71 33.68 -2.80
N GLU A 422 7.80 34.46 -2.22
CA GLU A 422 8.13 35.83 -1.83
C GLU A 422 8.82 35.77 -0.47
N ARG A 423 8.22 35.05 0.49
CA ARG A 423 8.80 34.94 1.82
C ARG A 423 10.24 34.46 1.69
N ASP A 424 10.44 33.47 0.82
CA ASP A 424 11.75 32.87 0.60
C ASP A 424 12.84 33.90 0.32
N ARG A 425 12.61 34.76 -0.66
CA ARG A 425 13.55 35.80 -1.06
C ARG A 425 14.01 36.64 0.15
N ILE A 426 13.05 37.24 0.83
CA ILE A 426 13.30 38.04 2.02
C ILE A 426 14.17 37.27 3.04
N GLN A 427 13.63 36.16 3.55
CA GLN A 427 14.32 35.34 4.53
C GLN A 427 15.77 35.07 4.12
N ARG A 428 15.98 34.63 2.89
CA ARG A 428 17.33 34.36 2.40
C ARG A 428 18.21 35.60 2.59
N GLU A 429 17.67 36.76 2.23
CA GLU A 429 18.38 38.03 2.35
C GLU A 429 18.69 38.29 3.82
N ARG A 430 17.68 38.15 4.66
CA ARG A 430 17.82 38.35 6.09
C ARG A 430 18.80 37.35 6.70
N LEU A 431 18.60 36.06 6.44
CA LEU A 431 19.46 35.04 7.00
C LEU A 431 20.91 34.95 6.53
N ASN A 432 21.16 35.06 5.22
CA ASN A 432 22.53 34.98 4.73
C ASN A 432 23.21 33.66 5.00
N LEU A 433 22.45 32.58 5.06
CA LEU A 433 23.01 31.26 5.34
C LEU A 433 23.81 30.67 4.18
N PRO A 434 24.82 29.84 4.50
CA PRO A 434 25.62 29.24 3.44
C PRO A 434 24.86 28.10 2.76
N LEU A 435 25.39 27.63 1.63
CA LEU A 435 24.79 26.53 0.90
C LEU A 435 24.90 25.32 1.83
N PHE A 436 23.87 24.48 1.87
CA PHE A 436 23.86 23.30 2.76
C PHE A 436 24.07 23.73 4.22
N PRO A 437 23.20 24.60 4.73
CA PRO A 437 23.30 25.08 6.11
C PRO A 437 23.00 23.99 7.13
N THR A 438 23.80 23.93 8.19
CA THR A 438 23.60 22.91 9.22
C THR A 438 22.90 23.47 10.45
N THR A 439 22.12 22.63 11.12
CA THR A 439 21.40 23.02 12.34
C THR A 439 21.05 21.73 13.09
N THR A 440 20.36 21.87 14.23
CA THR A 440 19.93 20.71 15.00
C THR A 440 18.44 20.86 15.26
N ILE A 441 17.83 19.83 15.86
CA ILE A 441 16.40 19.82 16.13
C ILE A 441 15.93 20.55 17.38
N GLY A 442 16.80 20.74 18.37
CA GLY A 442 16.38 21.46 19.57
C GLY A 442 16.96 21.14 20.93
N SER A 443 16.79 19.89 21.37
CA SER A 443 17.31 19.53 22.68
C SER A 443 18.73 18.99 22.62
N PHE A 444 19.44 19.14 23.73
CA PHE A 444 20.80 18.64 23.84
C PHE A 444 20.82 17.67 25.01
N PRO A 445 21.86 16.82 25.08
CA PRO A 445 21.94 15.86 26.19
C PRO A 445 21.67 16.57 27.53
N GLN A 446 21.34 15.80 28.56
CA GLN A 446 21.06 16.37 29.87
C GLN A 446 22.01 15.86 30.95
N THR A 447 22.79 16.74 31.55
CA THR A 447 23.68 16.31 32.63
C THR A 447 22.77 15.87 33.76
N PRO A 448 23.26 15.01 34.67
CA PRO A 448 22.36 14.64 35.76
C PRO A 448 22.03 15.87 36.58
N GLU A 449 22.96 16.83 36.59
CA GLU A 449 22.78 18.07 37.31
C GLU A 449 21.61 18.85 36.70
N VAL A 450 21.49 18.76 35.38
CA VAL A 450 20.40 19.42 34.64
C VAL A 450 19.08 18.83 35.10
N ARG A 451 19.05 17.51 35.17
CA ARG A 451 17.86 16.80 35.59
C ARG A 451 17.52 17.15 37.05
N LYS A 452 18.49 16.96 37.95
CA LYS A 452 18.29 17.25 39.36
C LYS A 452 17.80 18.67 39.60
N MSE A 453 18.39 19.63 38.90
CA MSE A 453 18.02 21.04 39.06
C MSE A 453 16.63 21.38 38.56
O MSE A 453 15.90 22.13 39.22
CB MSE A 453 19.05 21.93 38.37
CG MSE A 453 19.08 23.35 38.90
SE MSE A 453 19.92 23.52 40.67
CE MSE A 453 21.08 25.02 40.28
N ARG A 454 16.22 20.85 37.41
CA ARG A 454 14.89 21.15 36.89
C ARG A 454 13.80 20.64 37.82
N SER A 455 14.08 19.53 38.50
CA SER A 455 13.13 18.94 39.44
C SER A 455 13.01 19.80 40.68
N LYS A 456 14.15 20.30 41.16
CA LYS A 456 14.14 21.15 42.34
C LYS A 456 13.28 22.38 42.11
N TYR A 457 13.32 22.93 40.90
CA TYR A 457 12.52 24.10 40.62
C TYR A 457 11.04 23.78 40.69
N ARG A 458 10.66 22.63 40.14
CA ARG A 458 9.27 22.19 40.16
C ARG A 458 8.85 21.98 41.62
N LYS A 459 9.64 21.17 42.34
CA LYS A 459 9.37 20.90 43.74
C LYS A 459 9.40 22.18 44.58
N GLY A 460 9.97 23.24 44.00
CA GLY A 460 10.04 24.51 44.70
C GLY A 460 11.26 24.66 45.60
N GLU A 461 12.14 23.66 45.58
CA GLU A 461 13.35 23.68 46.41
C GLU A 461 14.18 24.95 46.19
N ILE A 462 14.32 25.38 44.93
CA ILE A 462 15.07 26.59 44.62
C ILE A 462 14.12 27.67 44.11
N SER A 463 14.65 28.86 43.86
CA SER A 463 13.82 29.96 43.38
C SER A 463 13.83 30.10 41.86
N LYS A 464 12.92 30.93 41.35
CA LYS A 464 12.83 31.19 39.92
C LYS A 464 14.17 31.80 39.49
N GLU A 465 14.64 32.77 40.25
CA GLU A 465 15.90 33.42 39.95
C GLU A 465 17.06 32.41 39.90
N GLU A 466 17.16 31.54 40.91
CA GLU A 466 18.24 30.56 40.94
C GLU A 466 18.20 29.55 39.78
N TYR A 467 16.99 29.11 39.40
CA TYR A 467 16.87 28.16 38.29
C TYR A 467 17.13 28.92 36.99
N GLU A 468 16.64 30.14 36.95
CA GLU A 468 16.80 31.03 35.82
C GLU A 468 18.29 31.18 35.51
N ALA A 469 19.09 31.37 36.56
CA ALA A 469 20.53 31.55 36.42
C ALA A 469 21.21 30.28 35.95
N PHE A 470 20.76 29.14 36.46
CA PHE A 470 21.33 27.85 36.10
C PHE A 470 21.12 27.57 34.61
N ILE A 471 19.90 27.77 34.14
CA ILE A 471 19.56 27.53 32.75
C ILE A 471 20.42 28.36 31.82
N LYS A 472 20.59 29.65 32.13
CA LYS A 472 21.40 30.51 31.28
C LYS A 472 22.85 30.04 31.19
N GLU A 473 23.39 29.49 32.28
CA GLU A 473 24.76 29.00 32.24
C GLU A 473 24.79 27.78 31.31
N GLN A 474 23.69 27.02 31.30
CA GLN A 474 23.56 25.84 30.47
C GLN A 474 23.43 26.26 28.99
N ILE A 475 22.66 27.32 28.78
CA ILE A 475 22.47 27.84 27.43
C ILE A 475 23.78 28.43 26.91
N LYS A 476 24.36 29.34 27.69
CA LYS A 476 25.62 29.96 27.30
C LYS A 476 26.65 28.89 26.95
N LYS A 477 26.77 27.88 27.81
CA LYS A 477 27.71 26.80 27.55
C LYS A 477 27.40 26.10 26.22
N ALA A 478 26.11 25.90 25.94
CA ALA A 478 25.67 25.24 24.71
C ALA A 478 25.94 26.08 23.47
N ILE A 479 25.61 27.37 23.54
CA ILE A 479 25.83 28.28 22.42
C ILE A 479 27.30 28.34 21.98
N GLU A 480 28.21 28.43 22.95
CA GLU A 480 29.64 28.51 22.67
C GLU A 480 30.17 27.23 22.04
N LEU A 481 29.62 26.11 22.48
CA LEU A 481 30.02 24.80 21.96
C LEU A 481 29.60 24.69 20.50
N GLN A 482 28.36 25.06 20.21
CA GLN A 482 27.84 25.02 18.85
C GLN A 482 28.59 25.98 17.95
N GLU A 483 28.91 27.16 18.46
CA GLU A 483 29.65 28.15 17.67
C GLU A 483 31.04 27.59 17.37
N GLU A 484 31.62 26.94 18.37
CA GLU A 484 32.95 26.36 18.23
C GLU A 484 32.95 25.11 17.34
N ILE A 485 31.80 24.47 17.26
CA ILE A 485 31.66 23.26 16.43
C ILE A 485 31.56 23.72 14.98
N GLY A 486 30.85 24.81 14.76
CA GLY A 486 30.70 25.32 13.41
C GLY A 486 29.29 25.30 12.83
N LEU A 487 28.26 25.11 13.67
CA LEU A 487 26.89 25.06 13.18
C LEU A 487 26.44 26.43 12.66
N ASP A 488 25.55 26.41 11.67
CA ASP A 488 25.05 27.65 11.06
C ASP A 488 23.84 28.27 11.74
N VAL A 489 22.93 27.43 12.21
CA VAL A 489 21.74 27.88 12.93
C VAL A 489 21.71 27.14 14.25
N LEU A 490 21.66 27.89 15.35
CA LEU A 490 21.70 27.32 16.70
C LEU A 490 20.37 27.21 17.44
N VAL A 491 20.37 26.41 18.50
CA VAL A 491 19.20 26.18 19.35
C VAL A 491 19.61 26.39 20.80
N HIS A 492 18.64 26.65 21.68
CA HIS A 492 18.92 26.89 23.09
C HIS A 492 19.10 25.65 23.96
N GLY A 493 18.84 24.47 23.39
CA GLY A 493 19.03 23.24 24.14
C GLY A 493 17.88 22.63 24.92
N GLU A 494 16.85 23.41 25.20
CA GLU A 494 15.69 22.92 25.96
C GLU A 494 16.05 22.23 27.28
N PHE A 495 17.01 22.79 28.00
CA PHE A 495 17.42 22.23 29.28
C PHE A 495 16.36 22.42 30.37
N GLU A 496 15.53 23.44 30.20
CA GLU A 496 14.49 23.77 31.16
C GLU A 496 13.17 23.01 30.94
N ARG A 497 13.12 22.15 29.94
CA ARG A 497 11.89 21.43 29.64
C ARG A 497 11.95 19.95 29.97
N THR A 498 10.91 19.45 30.62
CA THR A 498 10.82 18.03 30.97
C THR A 498 10.59 17.27 29.68
N ASP A 499 9.68 17.78 28.86
CA ASP A 499 9.38 17.22 27.55
C ASP A 499 8.56 18.25 26.79
N MSE A 500 8.54 18.11 25.46
CA MSE A 500 7.85 19.05 24.57
C MSE A 500 6.40 19.37 24.82
O MSE A 500 5.91 20.35 24.28
CB MSE A 500 8.03 18.59 23.13
CG MSE A 500 7.33 17.28 22.86
SE MSE A 500 7.62 16.71 21.05
CE MSE A 500 6.55 18.03 20.14
N VAL A 501 5.68 18.56 25.59
CA VAL A 501 4.29 18.86 25.85
C VAL A 501 4.07 19.38 27.27
N GLU A 502 4.60 18.67 28.25
CA GLU A 502 4.46 19.05 29.65
C GLU A 502 4.89 20.50 29.87
N PHE A 503 6.07 20.86 29.37
CA PHE A 503 6.60 22.22 29.51
C PHE A 503 5.53 23.27 29.16
N PHE A 504 4.83 23.04 28.05
CA PHE A 504 3.80 23.99 27.66
C PHE A 504 2.50 23.89 28.43
N ALA A 505 2.15 22.67 28.86
CA ALA A 505 0.92 22.47 29.62
C ALA A 505 0.90 23.27 30.93
N GLU A 506 2.05 23.33 31.60
CA GLU A 506 2.19 24.04 32.87
C GLU A 506 2.17 25.55 32.68
N LYS A 507 2.33 26.01 31.45
CA LYS A 507 2.36 27.44 31.18
C LYS A 507 1.11 27.95 30.46
N LEU A 508 0.22 27.03 30.09
CA LEU A 508 -1.00 27.38 29.38
C LEU A 508 -2.19 27.33 30.32
N ASN A 509 -3.11 28.29 30.19
CA ASN A 509 -4.32 28.29 31.01
C ASN A 509 -5.30 27.30 30.40
N GLY A 510 -6.14 26.70 31.25
CA GLY A 510 -7.11 25.74 30.75
C GLY A 510 -6.55 24.33 30.69
N ILE A 511 -5.26 24.19 30.97
CA ILE A 511 -4.61 22.89 30.96
C ILE A 511 -4.04 22.61 32.35
N ALA A 512 -4.31 21.42 32.88
CA ALA A 512 -3.78 21.08 34.20
C ALA A 512 -2.96 19.81 34.11
N THR A 513 -2.00 19.66 35.02
CA THR A 513 -1.17 18.46 35.06
C THR A 513 -1.46 17.78 36.39
N THR A 514 -1.28 16.47 36.43
CA THR A 514 -1.56 15.72 37.65
C THR A 514 -0.31 15.39 38.46
N GLN A 515 -0.53 14.75 39.60
CA GLN A 515 0.55 14.34 40.48
C GLN A 515 0.92 12.89 40.28
N ASN A 516 -0.08 12.03 40.21
CA ASN A 516 0.16 10.59 40.05
C ASN A 516 -0.51 9.94 38.85
N GLY A 517 -1.13 10.76 38.00
CA GLY A 517 -1.81 10.23 36.83
C GLY A 517 -0.88 9.62 35.80
N TRP A 518 -0.13 8.60 36.22
CA TRP A 518 0.82 7.91 35.34
C TRP A 518 0.15 6.90 34.42
N VAL A 519 0.60 6.89 33.15
CA VAL A 519 0.07 5.99 32.16
C VAL A 519 1.19 5.28 31.43
N LEU A 520 0.97 3.99 31.14
CA LEU A 520 1.96 3.16 30.47
C LEU A 520 2.14 3.50 29.00
N SER A 521 3.39 3.67 28.58
CA SER A 521 3.73 3.97 27.19
C SER A 521 4.27 2.70 26.55
N TYR A 522 5.12 2.00 27.30
CA TYR A 522 5.71 0.74 26.82
C TYR A 522 6.68 0.25 27.90
N GLY A 523 6.93 -1.05 27.91
CA GLY A 523 7.85 -1.60 28.91
C GLY A 523 7.61 -1.11 30.32
N SER A 524 8.60 -0.42 30.89
CA SER A 524 8.50 0.10 32.25
C SER A 524 8.37 1.62 32.24
N ARG A 525 8.24 2.23 31.07
CA ARG A 525 8.11 3.67 31.00
C ARG A 525 6.69 4.18 31.04
N CYS A 526 6.44 5.15 31.92
CA CYS A 526 5.13 5.74 32.08
C CYS A 526 5.21 7.25 31.84
N TYR A 527 4.05 7.88 31.68
CA TYR A 527 3.98 9.30 31.40
C TYR A 527 2.67 9.84 31.99
N ARG A 528 2.74 11.06 32.52
CA ARG A 528 1.53 11.68 33.05
C ARG A 528 0.97 12.64 32.01
N PRO A 529 -0.10 12.23 31.31
CA PRO A 529 -0.70 13.07 30.30
C PRO A 529 -1.44 14.25 30.92
N PRO A 530 -1.23 15.46 30.39
CA PRO A 530 -1.91 16.64 30.95
C PRO A 530 -3.40 16.52 30.73
N ILE A 531 -4.14 17.46 31.29
CA ILE A 531 -5.59 17.48 31.15
C ILE A 531 -6.03 18.85 30.68
N ILE A 532 -6.61 18.91 29.49
CA ILE A 532 -7.10 20.16 28.93
C ILE A 532 -8.55 20.21 29.38
N TYR A 533 -8.79 20.86 30.51
CA TYR A 533 -10.14 20.94 31.08
C TYR A 533 -10.96 22.18 30.74
N GLY A 534 -10.32 23.23 30.26
CA GLY A 534 -11.05 24.44 29.92
C GLY A 534 -10.51 25.17 28.72
N THR A 535 -11.09 26.33 28.40
CA THR A 535 -10.64 27.11 27.25
C THR A 535 -9.14 27.37 27.40
N VAL A 536 -8.42 27.27 26.30
CA VAL A 536 -6.98 27.45 26.33
C VAL A 536 -6.50 28.81 25.86
N THR A 537 -5.72 29.47 26.71
CA THR A 537 -5.17 30.78 26.43
C THR A 537 -3.82 30.81 27.11
N ARG A 538 -2.91 31.66 26.65
CA ARG A 538 -1.63 31.76 27.30
C ARG A 538 -1.61 33.06 28.08
N PRO A 539 -1.35 32.99 29.39
CA PRO A 539 -1.32 34.22 30.20
C PRO A 539 -0.16 35.15 29.86
N GLU A 540 1.05 34.60 29.75
CA GLU A 540 2.22 35.41 29.43
C GLU A 540 3.21 34.66 28.52
N PRO A 541 4.18 35.38 27.92
CA PRO A 541 5.16 34.69 27.06
C PRO A 541 5.74 33.50 27.79
N MSE A 542 5.87 32.38 27.08
CA MSE A 542 6.34 31.14 27.66
C MSE A 542 7.81 30.79 27.43
O MSE A 542 8.40 30.07 28.24
CB MSE A 542 5.49 29.99 27.14
CG MSE A 542 4.01 30.33 27.08
SE MSE A 542 2.92 28.92 26.32
CE MSE A 542 3.08 29.39 24.43
N THR A 543 8.41 31.30 26.37
CA THR A 543 9.79 30.95 26.04
C THR A 543 10.74 32.12 25.75
N LEU A 544 10.21 33.33 25.67
CA LEU A 544 11.06 34.49 25.36
C LEU A 544 12.34 34.61 26.16
N LYS A 545 12.28 34.46 27.49
CA LYS A 545 13.50 34.64 28.27
C LYS A 545 14.66 33.76 27.82
N GLU A 546 14.44 32.46 27.60
CA GLU A 546 15.54 31.62 27.16
C GLU A 546 15.90 31.85 25.69
N ILE A 547 14.92 32.02 24.82
CA ILE A 547 15.24 32.23 23.41
C ILE A 547 15.95 33.57 23.20
N THR A 548 15.41 34.64 23.75
CA THR A 548 16.04 35.96 23.60
C THR A 548 17.44 35.91 24.19
N TYR A 549 17.58 35.39 25.40
CA TYR A 549 18.90 35.30 26.02
C TYR A 549 19.90 34.56 25.13
N ALA A 550 19.51 33.36 24.68
CA ALA A 550 20.37 32.56 23.83
C ALA A 550 20.85 33.34 22.60
N GLN A 551 19.95 34.11 22.01
CA GLN A 551 20.27 34.90 20.82
C GLN A 551 21.24 36.08 21.05
N SER A 552 21.17 36.69 22.23
CA SER A 552 22.02 37.82 22.54
C SER A 552 23.48 37.43 22.72
N LEU A 553 23.75 36.13 22.72
CA LEU A 553 25.10 35.62 22.89
C LEU A 553 25.75 35.22 21.58
N THR A 554 25.07 35.45 20.46
CA THR A 554 25.60 35.04 19.17
C THR A 554 25.01 35.90 18.05
N GLU A 555 25.76 36.00 16.95
CA GLU A 555 25.31 36.77 15.78
C GLU A 555 24.59 35.80 14.85
N LYS A 556 24.72 34.51 15.14
CA LYS A 556 24.08 33.47 14.34
C LYS A 556 22.63 33.32 14.78
N PRO A 557 21.73 32.96 13.85
CA PRO A 557 20.31 32.80 14.19
C PRO A 557 20.07 31.71 15.25
N VAL A 558 19.22 32.02 16.21
CA VAL A 558 18.88 31.06 17.26
C VAL A 558 17.40 30.77 17.10
N LYS A 559 17.06 29.52 16.81
CA LYS A 559 15.68 29.06 16.59
C LYS A 559 14.70 29.22 17.74
N GLY A 560 13.47 29.64 17.40
CA GLY A 560 12.43 29.71 18.40
C GLY A 560 11.99 28.25 18.44
N MSE A 561 11.57 27.75 19.60
CA MSE A 561 11.21 26.33 19.73
C MSE A 561 9.83 26.09 20.33
O MSE A 561 9.65 26.18 21.55
CB MSE A 561 12.27 25.64 20.58
CG MSE A 561 12.22 24.13 20.56
SE MSE A 561 12.43 23.48 18.77
CE MSE A 561 14.22 24.17 18.43
N LEU A 562 8.86 25.76 19.48
CA LEU A 562 7.50 25.53 19.96
C LEU A 562 6.95 24.14 19.62
N THR A 563 5.89 23.74 20.33
CA THR A 563 5.22 22.47 20.07
C THR A 563 3.88 22.81 19.44
N GLY A 564 3.54 22.09 18.37
CA GLY A 564 2.29 22.33 17.66
C GLY A 564 1.03 22.06 18.46
N PRO A 565 -0.12 22.60 18.02
CA PRO A 565 -1.41 22.42 18.69
C PRO A 565 -1.95 21.00 18.72
N VAL A 566 -1.78 20.28 17.62
CA VAL A 566 -2.24 18.91 17.54
C VAL A 566 -1.42 18.02 18.47
N THR A 567 -0.11 18.21 18.47
CA THR A 567 0.75 17.39 19.31
C THR A 567 0.44 17.61 20.79
N ILE A 568 0.19 18.87 21.17
CA ILE A 568 -0.14 19.13 22.55
C ILE A 568 -1.38 18.35 22.98
N MSE A 569 -2.41 18.29 22.14
CA MSE A 569 -3.60 17.56 22.55
C MSE A 569 -3.49 16.07 22.30
O MSE A 569 -4.18 15.27 22.91
CB MSE A 569 -4.89 18.14 21.93
CG MSE A 569 -5.04 18.14 20.41
SE MSE A 569 -6.70 19.09 19.85
CE MSE A 569 -8.01 17.83 20.51
N SER A 570 -2.58 15.68 21.41
CA SER A 570 -2.39 14.28 21.12
C SER A 570 -1.83 13.57 22.35
N TRP A 571 -0.98 14.25 23.11
CA TRP A 571 -0.42 13.65 24.31
C TRP A 571 -1.21 13.93 25.58
N SER A 572 -2.35 14.62 25.45
CA SER A 572 -3.17 14.99 26.61
C SER A 572 -4.60 14.49 26.56
N TYR A 573 -5.29 14.58 27.70
CA TYR A 573 -6.69 14.24 27.76
C TYR A 573 -7.32 15.60 27.49
N TYR A 574 -8.55 15.63 27.01
CA TYR A 574 -9.21 16.90 26.75
C TYR A 574 -10.71 16.76 26.83
N ARG A 575 -11.39 17.91 26.86
CA ARG A 575 -12.85 17.96 26.95
C ARG A 575 -13.49 17.27 25.74
N GLU A 576 -14.63 16.62 25.94
CA GLU A 576 -15.32 15.95 24.85
C GLU A 576 -16.56 16.71 24.42
N ASP A 577 -17.02 17.63 25.28
CA ASP A 577 -18.21 18.42 25.01
C ASP A 577 -18.02 19.57 24.02
N ILE A 578 -16.95 19.54 23.24
CA ILE A 578 -16.67 20.58 22.24
C ILE A 578 -15.85 19.97 21.11
N PRO A 579 -16.07 20.43 19.86
CA PRO A 579 -15.30 19.88 18.74
C PRO A 579 -13.79 19.97 18.92
N GLU A 580 -13.09 18.87 18.62
CA GLU A 580 -11.64 18.82 18.74
C GLU A 580 -11.01 19.95 17.96
N ARG A 581 -11.66 20.34 16.87
CA ARG A 581 -11.19 21.42 16.03
C ARG A 581 -11.11 22.74 16.82
N GLU A 582 -12.02 22.92 17.76
CA GLU A 582 -12.07 24.13 18.55
C GLU A 582 -10.93 24.20 19.55
N ILE A 583 -10.66 23.07 20.20
CA ILE A 583 -9.60 22.98 21.18
C ILE A 583 -8.26 23.22 20.47
N ALA A 584 -8.11 22.64 19.28
CA ALA A 584 -6.88 22.81 18.53
C ALA A 584 -6.69 24.28 18.16
N TYR A 585 -7.76 24.95 17.74
CA TYR A 585 -7.68 26.36 17.37
C TYR A 585 -7.34 27.23 18.58
N GLN A 586 -7.92 26.94 19.73
CA GLN A 586 -7.62 27.70 20.95
C GLN A 586 -6.11 27.63 21.26
N ILE A 587 -5.56 26.41 21.24
CA ILE A 587 -4.13 26.20 21.51
C ILE A 587 -3.30 26.86 20.41
N ALA A 588 -3.82 26.81 19.19
CA ALA A 588 -3.15 27.38 18.02
C ALA A 588 -2.99 28.88 18.20
N LEU A 589 -4.05 29.53 18.67
CA LEU A 589 -4.01 30.97 18.91
C LEU A 589 -2.98 31.28 20.01
N ALA A 590 -2.98 30.41 21.02
CA ALA A 590 -2.06 30.56 22.14
C ALA A 590 -0.60 30.53 21.67
N ILE A 591 -0.30 29.64 20.72
CA ILE A 591 1.03 29.48 20.18
C ILE A 591 1.39 30.62 19.23
N ASN A 592 0.41 31.08 18.45
CA ASN A 592 0.63 32.17 17.51
C ASN A 592 0.99 33.43 18.29
N GLU A 593 0.34 33.62 19.44
CA GLU A 593 0.62 34.77 20.29
C GLU A 593 2.07 34.75 20.73
N GLU A 594 2.59 33.54 20.90
CA GLU A 594 3.97 33.33 21.31
C GLU A 594 4.88 33.61 20.13
N VAL A 595 4.39 33.25 18.93
CA VAL A 595 5.18 33.50 17.72
C VAL A 595 5.36 34.99 17.49
N LYS A 596 4.31 35.78 17.70
CA LYS A 596 4.42 37.23 17.51
C LYS A 596 5.45 37.81 18.47
N ASP A 597 5.46 37.31 19.72
CA ASP A 597 6.42 37.78 20.73
C ASP A 597 7.85 37.54 20.25
N LEU A 598 8.14 36.31 19.84
CA LEU A 598 9.48 35.94 19.36
C LEU A 598 9.90 36.84 18.19
N GLU A 599 8.98 37.09 17.27
CA GLU A 599 9.27 37.96 16.13
C GLU A 599 9.57 39.35 16.69
N GLU A 600 8.60 39.91 17.40
CA GLU A 600 8.74 41.24 18.01
C GLU A 600 10.10 41.39 18.70
N ALA A 601 10.56 40.30 19.29
CA ALA A 601 11.82 40.27 20.02
C ALA A 601 13.03 40.12 19.10
N GLY A 602 12.80 39.99 17.81
CA GLY A 602 13.92 39.85 16.90
C GLY A 602 14.35 38.46 16.46
N ILE A 603 13.61 37.41 16.84
CA ILE A 603 13.97 36.05 16.43
C ILE A 603 13.57 35.83 14.96
N LYS A 604 14.56 35.46 14.14
CA LYS A 604 14.36 35.26 12.70
C LYS A 604 13.81 33.89 12.27
N ILE A 605 14.09 32.85 13.07
CA ILE A 605 13.63 31.50 12.76
C ILE A 605 12.79 30.93 13.90
N VAL A 606 11.63 30.36 13.56
CA VAL A 606 10.76 29.75 14.57
C VAL A 606 10.35 28.34 14.15
N GLN A 607 10.58 27.38 15.05
CA GLN A 607 10.26 25.97 14.78
C GLN A 607 9.08 25.47 15.58
N ILE A 608 8.15 24.83 14.88
CA ILE A 608 6.94 24.25 15.48
C ILE A 608 7.03 22.72 15.35
N ASP A 609 7.22 22.01 16.45
CA ASP A 609 7.30 20.55 16.38
C ASP A 609 5.88 20.02 16.29
N GLU A 610 5.57 19.30 15.22
CA GLU A 610 4.23 18.76 15.06
C GLU A 610 4.28 17.27 14.67
N PRO A 611 4.90 16.43 15.53
CA PRO A 611 5.01 14.99 15.27
C PRO A 611 3.70 14.22 15.31
N ALA A 612 2.64 14.83 15.85
CA ALA A 612 1.34 14.17 15.94
C ALA A 612 0.46 14.48 14.73
N PHE A 613 0.96 15.28 13.79
CA PHE A 613 0.22 15.67 12.59
C PHE A 613 -0.45 14.43 12.01
N ARG A 614 0.35 13.37 11.85
CA ARG A 614 -0.13 12.11 11.30
C ARG A 614 -0.61 11.16 12.41
N GLU A 615 0.12 11.11 13.52
CA GLU A 615 -0.24 10.21 14.62
C GLU A 615 -1.64 10.41 15.19
N LYS A 616 -2.10 11.66 15.20
CA LYS A 616 -3.41 11.98 15.72
C LYS A 616 -4.49 11.55 14.74
N ALA A 617 -4.10 11.39 13.48
CA ALA A 617 -5.02 11.00 12.40
C ALA A 617 -5.85 9.78 12.76
N PRO A 618 -7.14 9.77 12.36
CA PRO A 618 -8.08 8.68 12.60
C PRO A 618 -7.51 7.35 12.17
N ILE A 619 -7.95 6.27 12.81
CA ILE A 619 -7.48 4.92 12.44
C ILE A 619 -7.91 4.59 11.02
N LYS A 620 -9.13 4.98 10.67
CA LYS A 620 -9.62 4.73 9.32
C LYS A 620 -9.08 5.81 8.39
N LYS A 621 -8.25 5.42 7.43
CA LYS A 621 -7.73 6.39 6.49
C LYS A 621 -8.89 7.06 5.76
N SER A 622 -10.04 6.38 5.67
CA SER A 622 -11.20 6.97 5.01
C SER A 622 -11.78 8.17 5.77
N LYS A 623 -11.43 8.31 7.06
CA LYS A 623 -11.89 9.46 7.87
C LYS A 623 -10.83 10.56 7.93
N TRP A 624 -9.76 10.40 7.16
CA TRP A 624 -8.66 11.36 7.14
C TRP A 624 -9.02 12.74 6.57
N PRO A 625 -9.80 12.80 5.47
CA PRO A 625 -10.16 14.10 4.91
C PRO A 625 -10.60 15.10 5.99
N GLU A 626 -11.69 14.79 6.66
CA GLU A 626 -12.22 15.65 7.71
C GLU A 626 -11.13 16.06 8.69
N TYR A 627 -10.41 15.07 9.22
CA TYR A 627 -9.34 15.31 10.18
C TYR A 627 -8.27 16.30 9.71
N PHE A 628 -7.63 16.03 8.59
CA PHE A 628 -6.59 16.93 8.13
C PHE A 628 -7.06 18.35 7.89
N GLU A 629 -8.32 18.49 7.50
CA GLU A 629 -8.88 19.81 7.25
C GLU A 629 -8.60 20.72 8.45
N TRP A 630 -9.00 20.31 9.64
CA TRP A 630 -8.77 21.14 10.80
C TRP A 630 -7.34 21.02 11.37
N ALA A 631 -6.66 19.91 11.10
CA ALA A 631 -5.28 19.76 11.60
C ALA A 631 -4.36 20.71 10.84
N ILE A 632 -4.65 20.89 9.55
CA ILE A 632 -3.87 21.79 8.71
C ILE A 632 -4.11 23.23 9.14
N ASN A 633 -5.39 23.58 9.36
CA ASN A 633 -5.76 24.93 9.81
C ASN A 633 -5.11 25.28 11.14
N ALA A 634 -5.12 24.31 12.05
CA ALA A 634 -4.52 24.52 13.37
C ALA A 634 -3.04 24.86 13.21
N PHE A 635 -2.32 24.07 12.41
CA PHE A 635 -0.91 24.34 12.20
C PHE A 635 -0.65 25.70 11.57
N ASN A 636 -1.38 26.01 10.50
CA ASN A 636 -1.19 27.29 9.82
C ASN A 636 -1.60 28.46 10.71
N LEU A 637 -2.58 28.23 11.57
CA LEU A 637 -3.01 29.28 12.48
C LEU A 637 -1.90 29.55 13.48
N ALA A 638 -1.26 28.48 13.96
CA ALA A 638 -0.18 28.66 14.92
C ALA A 638 1.04 29.27 14.27
N ALA A 639 1.34 28.86 13.03
CA ALA A 639 2.50 29.36 12.31
C ALA A 639 2.18 30.57 11.42
N ASN A 640 1.13 31.30 11.75
CA ASN A 640 0.77 32.47 10.97
C ASN A 640 1.73 33.59 11.37
N ALA A 641 2.93 33.54 10.80
CA ALA A 641 3.98 34.49 11.07
C ALA A 641 4.13 35.48 9.93
N ARG A 642 4.88 36.55 10.17
CA ARG A 642 5.12 37.58 9.17
C ARG A 642 5.98 36.93 8.08
N PRO A 643 5.94 37.47 6.85
CA PRO A 643 6.72 36.93 5.73
C PRO A 643 8.20 36.67 6.03
N GLU A 644 8.85 37.63 6.69
CA GLU A 644 10.27 37.51 6.99
C GLU A 644 10.64 36.54 8.11
N THR A 645 9.65 35.92 8.74
CA THR A 645 9.93 34.95 9.80
C THR A 645 9.95 33.55 9.18
N GLN A 646 11.12 32.94 9.12
CA GLN A 646 11.27 31.62 8.52
C GLN A 646 10.78 30.51 9.46
N ILE A 647 9.62 29.95 9.12
CA ILE A 647 9.01 28.89 9.92
C ILE A 647 9.50 27.49 9.53
N HIS A 648 9.93 26.73 10.54
CA HIS A 648 10.40 25.36 10.34
C HIS A 648 9.39 24.39 10.96
N ALA A 649 9.07 23.33 10.23
CA ALA A 649 8.16 22.31 10.74
C ALA A 649 8.98 21.04 10.87
N HIS A 650 8.93 20.41 12.05
CA HIS A 650 9.68 19.18 12.28
C HIS A 650 8.71 18.03 12.50
N MSE A 651 8.95 16.92 11.80
CA MSE A 651 8.11 15.73 11.91
C MSE A 651 8.95 14.48 11.93
O MSE A 651 9.90 14.35 11.17
CB MSE A 651 7.12 15.70 10.75
CG MSE A 651 6.34 16.98 10.63
SE MSE A 651 4.70 16.69 9.71
CE MSE A 651 3.80 18.33 10.23
N CYS A 652 8.57 13.54 12.79
CA CYS A 652 9.32 12.31 12.98
C CYS A 652 8.94 11.10 12.16
N TYR A 653 7.92 11.21 11.31
CA TYR A 653 7.46 10.08 10.52
C TYR A 653 8.53 9.43 9.66
N SER A 654 8.49 8.10 9.60
CA SER A 654 9.44 7.32 8.81
C SER A 654 9.11 7.35 7.31
N ASP A 655 7.87 7.71 6.98
CA ASP A 655 7.41 7.75 5.59
C ASP A 655 6.36 8.85 5.36
N PHE A 656 6.45 9.54 4.22
CA PHE A 656 5.51 10.61 3.90
C PHE A 656 4.61 10.37 2.67
N ASN A 657 4.76 9.23 2.00
CA ASN A 657 3.97 8.94 0.81
C ASN A 657 2.45 9.08 0.98
N GLU A 658 1.92 8.84 2.17
CA GLU A 658 0.48 8.94 2.33
C GLU A 658 -0.11 10.23 2.93
N ILE A 659 0.73 11.21 3.25
CA ILE A 659 0.23 12.46 3.84
C ILE A 659 0.79 13.70 3.16
N ILE A 660 1.71 13.48 2.23
CA ILE A 660 2.38 14.54 1.51
C ILE A 660 1.43 15.58 0.91
N GLU A 661 0.28 15.14 0.43
CA GLU A 661 -0.68 16.09 -0.13
C GLU A 661 -1.19 17.00 0.99
N TYR A 662 -1.15 16.50 2.22
CA TYR A 662 -1.60 17.27 3.36
C TYR A 662 -0.49 18.17 3.89
N ILE A 663 0.75 17.67 3.87
CA ILE A 663 1.90 18.45 4.32
C ILE A 663 2.08 19.66 3.39
N HIS A 664 1.98 19.43 2.09
CA HIS A 664 2.12 20.50 1.11
C HIS A 664 1.30 21.71 1.49
N GLN A 665 0.18 21.48 2.18
CA GLN A 665 -0.71 22.55 2.61
C GLN A 665 -0.29 23.32 3.86
N LEU A 666 0.75 22.88 4.54
CA LEU A 666 1.20 23.57 5.75
C LEU A 666 2.12 24.73 5.33
N GLU A 667 1.83 25.91 5.86
CA GLU A 667 2.59 27.10 5.51
C GLU A 667 3.94 27.29 6.18
N PHE A 668 4.78 26.27 6.08
CA PHE A 668 6.10 26.35 6.66
C PHE A 668 7.03 26.80 5.55
N ASP A 669 8.28 27.07 5.91
CA ASP A 669 9.27 27.47 4.96
C ASP A 669 10.29 26.34 4.80
N VAL A 670 10.49 25.56 5.86
CA VAL A 670 11.38 24.41 5.74
C VAL A 670 10.79 23.31 6.60
N ILE A 671 11.01 22.06 6.21
CA ILE A 671 10.50 20.93 6.95
C ILE A 671 11.63 19.94 7.17
N SER A 672 11.90 19.63 8.45
CA SER A 672 12.97 18.70 8.76
C SER A 672 12.41 17.29 8.83
N ILE A 673 13.17 16.33 8.33
CA ILE A 673 12.74 14.92 8.35
C ILE A 673 13.86 13.97 8.72
N GLU A 674 13.49 12.80 9.22
CA GLU A 674 14.44 11.77 9.65
C GLU A 674 14.76 10.85 8.47
N ALA A 675 15.86 11.13 7.79
CA ALA A 675 16.25 10.36 6.61
C ALA A 675 17.39 9.36 6.78
N SER A 676 17.94 9.23 7.97
CA SER A 676 19.06 8.31 8.15
C SER A 676 18.70 6.82 8.00
N ARG A 677 17.60 6.38 8.60
CA ARG A 677 17.23 4.97 8.54
C ARG A 677 17.01 4.48 7.11
N SER A 678 16.45 5.34 6.28
CA SER A 678 16.18 5.00 4.89
C SER A 678 17.34 5.40 4.00
N LYS A 679 18.37 5.98 4.61
CA LYS A 679 19.53 6.42 3.87
C LYS A 679 19.15 7.36 2.73
N GLY A 680 18.19 8.24 3.04
CA GLY A 680 17.72 9.23 2.08
C GLY A 680 16.51 8.87 1.24
N GLU A 681 16.24 7.58 1.10
CA GLU A 681 15.12 7.12 0.28
C GLU A 681 13.76 7.71 0.70
N ILE A 682 13.68 8.22 1.92
CA ILE A 682 12.44 8.81 2.41
C ILE A 682 12.07 10.03 1.57
N ILE A 683 13.05 10.55 0.85
CA ILE A 683 12.83 11.74 0.02
C ILE A 683 11.98 11.47 -1.23
N SER A 684 11.76 10.21 -1.59
CA SER A 684 11.00 9.91 -2.80
C SER A 684 9.61 10.57 -2.87
N ALA A 685 8.93 10.67 -1.74
CA ALA A 685 7.61 11.30 -1.75
C ALA A 685 7.71 12.79 -2.11
N PHE A 686 8.85 13.39 -1.78
CA PHE A 686 9.06 14.80 -2.04
C PHE A 686 9.47 15.06 -3.49
N GLU A 687 10.40 14.25 -4.01
CA GLU A 687 10.85 14.43 -5.39
C GLU A 687 9.79 14.02 -6.40
N ASN A 688 8.78 13.27 -5.96
CA ASN A 688 7.70 12.85 -6.84
C ASN A 688 6.50 13.78 -6.76
N PHE A 689 6.57 14.74 -5.85
CA PHE A 689 5.49 15.70 -5.69
C PHE A 689 5.68 16.85 -6.68
N LYS A 690 4.77 16.95 -7.63
CA LYS A 690 4.85 17.99 -8.66
C LYS A 690 4.79 19.40 -8.09
N GLY A 691 5.84 20.18 -8.35
CA GLY A 691 5.86 21.55 -7.90
C GLY A 691 6.38 21.78 -6.49
N TRP A 692 7.06 20.80 -5.91
CA TRP A 692 7.60 20.99 -4.58
C TRP A 692 8.72 22.03 -4.64
N ILE A 693 8.64 23.04 -3.78
CA ILE A 693 9.64 24.09 -3.77
C ILE A 693 10.16 24.50 -2.39
N LYS A 694 9.68 23.85 -1.33
CA LYS A 694 10.13 24.22 0.00
C LYS A 694 11.40 23.53 0.47
N GLN A 695 12.08 24.15 1.44
CA GLN A 695 13.32 23.62 1.97
C GLN A 695 13.10 22.40 2.84
N ILE A 696 14.11 21.55 2.90
CA ILE A 696 14.01 20.30 3.63
C ILE A 696 15.21 20.03 4.51
N GLY A 697 14.94 19.86 5.79
CA GLY A 697 15.99 19.56 6.74
C GLY A 697 16.23 18.06 6.70
N VAL A 698 17.24 17.66 5.94
CA VAL A 698 17.59 16.26 5.79
C VAL A 698 18.26 15.70 7.04
N GLY A 699 17.55 14.82 7.73
CA GLY A 699 18.11 14.21 8.92
C GLY A 699 19.14 13.23 8.39
N VAL A 700 20.38 13.33 8.85
CA VAL A 700 21.45 12.45 8.39
C VAL A 700 22.09 11.65 9.52
N TRP A 701 21.44 11.59 10.68
CA TRP A 701 22.02 10.89 11.80
C TRP A 701 20.96 10.31 12.73
N ASP A 702 21.08 9.01 12.99
CA ASP A 702 20.12 8.30 13.85
C ASP A 702 20.41 8.47 15.34
N ILE A 703 19.73 9.45 15.93
CA ILE A 703 19.89 9.81 17.32
C ILE A 703 19.38 8.82 18.36
N HIS A 704 18.89 7.66 17.92
CA HIS A 704 18.41 6.65 18.87
C HIS A 704 19.53 5.63 19.13
N SER A 705 20.62 5.75 18.38
CA SER A 705 21.79 4.90 18.53
C SER A 705 22.95 5.80 18.98
N PRO A 706 23.70 5.39 20.01
CA PRO A 706 24.82 6.20 20.51
C PRO A 706 26.02 6.22 19.58
N ALA A 707 25.88 5.63 18.39
CA ALA A 707 26.97 5.57 17.43
C ALA A 707 27.26 6.90 16.74
N VAL A 708 28.48 7.06 16.25
CA VAL A 708 28.86 8.27 15.55
C VAL A 708 28.87 8.06 14.04
N PRO A 709 27.90 8.66 13.34
CA PRO A 709 27.81 8.53 11.89
C PRO A 709 29.06 9.07 11.19
N SER A 710 29.73 8.21 10.42
CA SER A 710 30.92 8.64 9.70
C SER A 710 30.49 9.61 8.61
N ILE A 711 31.45 10.39 8.11
CA ILE A 711 31.15 11.34 7.06
C ILE A 711 30.67 10.61 5.81
N ASN A 712 31.35 9.54 5.43
CA ASN A 712 30.95 8.77 4.25
C ASN A 712 29.50 8.38 4.40
N GLU A 713 29.12 8.04 5.64
CA GLU A 713 27.78 7.62 5.96
C GLU A 713 26.74 8.72 5.73
N MSE A 714 27.00 9.90 6.29
CA MSE A 714 26.08 11.03 6.14
C MSE A 714 26.02 11.55 4.71
O MSE A 714 25.01 12.11 4.30
CB MSE A 714 26.50 12.15 7.07
CG MSE A 714 26.56 11.76 8.53
SE MSE A 714 27.25 13.17 9.64
CE MSE A 714 25.60 13.77 10.46
N ARG A 715 27.09 11.36 3.96
CA ARG A 715 27.14 11.83 2.59
C ARG A 715 26.20 11.02 1.69
N GLU A 716 26.24 9.69 1.83
CA GLU A 716 25.39 8.80 1.05
C GLU A 716 23.96 9.35 1.01
N ILE A 717 23.47 9.74 2.19
CA ILE A 717 22.12 10.29 2.34
C ILE A 717 21.96 11.63 1.62
N VAL A 718 22.85 12.58 1.91
CA VAL A 718 22.76 13.88 1.25
C VAL A 718 22.80 13.69 -0.26
N GLU A 719 23.74 12.88 -0.72
CA GLU A 719 23.86 12.63 -2.15
C GLU A 719 22.53 12.11 -2.72
N ARG A 720 21.86 11.22 -1.97
CA ARG A 720 20.60 10.66 -2.42
C ARG A 720 19.56 11.76 -2.58
N VAL A 721 19.50 12.66 -1.60
CA VAL A 721 18.53 13.74 -1.65
C VAL A 721 18.79 14.74 -2.77
N LEU A 722 20.03 14.82 -3.21
CA LEU A 722 20.41 15.75 -4.27
C LEU A 722 20.21 15.16 -5.69
N ARG A 723 19.57 13.99 -5.76
CA ARG A 723 19.34 13.33 -7.03
C ARG A 723 18.41 14.17 -7.92
N VAL A 724 17.30 14.62 -7.35
CA VAL A 724 16.33 15.41 -8.10
C VAL A 724 16.15 16.85 -7.58
N LEU A 725 15.89 16.98 -6.29
CA LEU A 725 15.67 18.30 -5.71
C LEU A 725 16.87 19.24 -5.87
N PRO A 726 16.59 20.55 -6.03
CA PRO A 726 17.61 21.59 -6.19
C PRO A 726 18.45 21.63 -4.92
N LYS A 727 19.74 21.89 -5.07
CA LYS A 727 20.65 21.94 -3.93
C LYS A 727 20.34 23.07 -2.93
N GLU A 728 19.72 24.14 -3.39
CA GLU A 728 19.41 25.23 -2.47
C GLU A 728 18.23 24.96 -1.54
N LEU A 729 17.63 23.78 -1.63
CA LEU A 729 16.50 23.46 -0.77
C LEU A 729 16.97 22.65 0.44
N ILE A 730 18.16 22.07 0.34
CA ILE A 730 18.71 21.19 1.38
C ILE A 730 19.45 21.79 2.59
N TRP A 731 19.06 21.32 3.78
CA TRP A 731 19.71 21.70 5.05
C TRP A 731 20.23 20.40 5.61
N ILE A 732 21.25 20.45 6.45
CA ILE A 732 21.81 19.24 7.04
C ILE A 732 21.60 19.27 8.55
N ASN A 733 20.96 18.25 9.08
CA ASN A 733 20.71 18.17 10.51
C ASN A 733 20.58 16.74 11.02
N PRO A 734 20.48 16.55 12.35
CA PRO A 734 20.34 15.21 12.94
C PRO A 734 18.90 14.75 12.68
N ASP A 735 18.62 13.46 12.80
CA ASP A 735 17.26 12.97 12.58
C ASP A 735 16.26 13.67 13.47
N CYS A 736 16.60 13.80 14.75
CA CYS A 736 15.71 14.43 15.74
C CYS A 736 16.50 15.07 16.89
N GLY A 737 15.80 15.44 17.95
CA GLY A 737 16.45 16.04 19.11
C GLY A 737 17.46 15.15 19.79
N LEU A 738 18.35 15.73 20.59
CA LEU A 738 19.42 14.99 21.28
C LEU A 738 19.29 14.80 22.79
N LYS A 739 18.13 15.06 23.35
CA LYS A 739 17.89 14.93 24.78
C LYS A 739 18.23 13.54 25.36
N THR A 740 18.26 12.52 24.50
CA THR A 740 18.57 11.15 24.93
C THR A 740 20.01 10.68 24.76
N ARG A 741 20.81 11.39 23.98
CA ARG A 741 22.20 11.01 23.76
C ARG A 741 23.13 11.60 24.85
N ASN A 742 24.42 11.27 24.75
CA ASN A 742 25.40 11.81 25.69
C ASN A 742 26.34 12.73 24.91
N TRP A 743 26.84 13.77 25.58
CA TRP A 743 27.72 14.73 24.92
C TRP A 743 28.90 14.11 24.16
N ASP A 744 29.52 13.08 24.73
CA ASP A 744 30.67 12.44 24.08
C ASP A 744 30.36 11.83 22.71
N GLU A 745 29.08 11.52 22.47
CA GLU A 745 28.65 10.93 21.21
C GLU A 745 28.15 12.04 20.30
N VAL A 746 27.64 13.10 20.91
CA VAL A 746 27.10 14.25 20.19
C VAL A 746 28.16 15.17 19.56
N ILE A 747 29.18 15.55 20.31
CA ILE A 747 30.20 16.46 19.76
C ILE A 747 30.86 15.90 18.50
N PRO A 748 31.45 14.69 18.59
CA PRO A 748 32.09 14.12 17.40
C PRO A 748 31.13 13.97 16.20
N SER A 749 29.87 13.60 16.48
CA SER A 749 28.88 13.45 15.41
C SER A 749 28.56 14.80 14.76
N LEU A 750 28.49 15.83 15.59
CA LEU A 750 28.19 17.17 15.11
C LEU A 750 29.38 17.66 14.28
N ARG A 751 30.59 17.36 14.72
CA ARG A 751 31.78 17.78 14.00
C ARG A 751 31.79 17.18 12.60
N ASN A 752 31.41 15.90 12.47
CA ASN A 752 31.38 15.27 11.15
C ASN A 752 30.34 15.97 10.29
N MSE A 753 29.17 16.22 10.88
CA MSE A 753 28.09 16.86 10.17
C MSE A 753 28.51 18.21 9.60
O MSE A 753 28.09 18.58 8.50
CB MSE A 753 26.89 17.04 11.09
CG MSE A 753 25.59 17.21 10.38
SE MSE A 753 24.16 17.14 11.66
CE MSE A 753 23.95 19.07 11.93
N VAL A 754 29.32 18.94 10.35
CA VAL A 754 29.79 20.24 9.87
C VAL A 754 30.83 19.98 8.80
N ALA A 755 31.64 18.96 9.03
CA ALA A 755 32.68 18.58 8.10
C ALA A 755 32.06 18.08 6.78
N LEU A 756 30.89 17.46 6.89
CA LEU A 756 30.21 16.94 5.71
C LEU A 756 29.74 18.10 4.84
N ALA A 757 29.01 19.04 5.45
CA ALA A 757 28.50 20.18 4.71
C ALA A 757 29.64 20.95 4.04
N LYS A 758 30.78 21.00 4.71
CA LYS A 758 31.95 21.69 4.16
C LYS A 758 32.33 21.03 2.85
N GLU A 759 32.57 19.72 2.89
CA GLU A 759 32.91 18.99 1.67
C GLU A 759 31.82 19.19 0.64
N MSE A 760 30.59 18.91 1.04
CA MSE A 760 29.45 19.04 0.15
C MSE A 760 29.43 20.38 -0.59
O MSE A 760 29.16 20.44 -1.80
CB MSE A 760 28.16 18.87 0.94
CG MSE A 760 27.16 17.95 0.29
SE MSE A 760 27.86 16.14 0.09
CE MSE A 760 28.65 16.30 -1.66
N ARG A 761 29.73 21.46 0.13
CA ARG A 761 29.74 22.80 -0.48
C ARG A 761 30.86 22.94 -1.49
N GLU A 762 31.95 22.21 -1.29
CA GLU A 762 33.08 22.25 -2.20
C GLU A 762 32.72 21.61 -3.53
N LYS A 763 31.87 20.58 -3.48
CA LYS A 763 31.45 19.89 -4.69
C LYS A 763 30.49 20.75 -5.50
N PHE A 764 29.29 20.93 -4.96
CA PHE A 764 28.26 21.70 -5.63
C PHE A 764 28.52 23.20 -5.54
N GLU A 765 29.78 23.58 -5.38
CA GLU A 765 30.15 25.00 -5.28
C GLU A 765 29.41 25.79 -6.35
N PHE B 32 -40.21 -9.14 -24.80
CA PHE B 32 -39.08 -8.42 -25.45
C PHE B 32 -37.80 -8.44 -24.62
N THR B 33 -36.74 -8.99 -25.21
CA THR B 33 -35.45 -9.08 -24.56
C THR B 33 -34.52 -8.07 -25.19
N LYS B 34 -34.07 -7.11 -24.39
CA LYS B 34 -33.18 -6.09 -24.88
C LYS B 34 -31.78 -6.67 -24.95
N ALA B 35 -31.17 -6.60 -26.15
CA ALA B 35 -29.82 -7.12 -26.35
C ALA B 35 -28.80 -5.97 -26.40
N TYR B 36 -27.79 -6.09 -25.54
CA TYR B 36 -26.71 -5.11 -25.45
C TYR B 36 -25.44 -5.75 -25.98
N ALA B 37 -24.50 -4.92 -26.40
CA ALA B 37 -23.21 -5.37 -26.90
C ALA B 37 -22.30 -4.16 -26.84
N PHE B 38 -21.03 -4.40 -26.50
CA PHE B 38 -20.07 -3.30 -26.40
C PHE B 38 -18.64 -3.79 -26.60
N GLY B 39 -17.76 -2.86 -26.95
CA GLY B 39 -16.35 -3.20 -27.15
C GLY B 39 -16.03 -3.89 -28.46
N PHE B 40 -16.98 -3.90 -29.39
CA PHE B 40 -16.71 -4.53 -30.69
C PHE B 40 -15.40 -3.89 -31.18
N PRO B 41 -14.46 -4.70 -31.69
CA PRO B 41 -13.18 -4.17 -32.17
C PRO B 41 -13.26 -3.02 -33.16
N LYS B 42 -12.33 -2.09 -33.05
CA LYS B 42 -12.32 -0.91 -33.92
C LYS B 42 -11.28 -0.95 -35.03
N ILE B 43 -10.41 -1.97 -35.02
CA ILE B 43 -9.34 -2.03 -36.01
C ILE B 43 -9.72 -2.29 -37.47
N GLY B 44 -10.90 -2.86 -37.70
CA GLY B 44 -11.29 -3.13 -39.08
C GLY B 44 -10.84 -4.50 -39.55
N GLU B 45 -11.58 -5.06 -40.50
CA GLU B 45 -11.30 -6.39 -41.04
C GLU B 45 -9.96 -6.55 -41.72
N LYS B 46 -9.34 -5.42 -42.07
CA LYS B 46 -8.03 -5.46 -42.70
C LYS B 46 -7.12 -4.48 -41.97
N ARG B 47 -7.45 -4.26 -40.70
CA ARG B 47 -6.67 -3.35 -39.87
C ARG B 47 -6.56 -1.97 -40.52
N GLU B 48 -7.67 -1.51 -41.07
CA GLU B 48 -7.71 -0.20 -41.68
C GLU B 48 -7.39 0.87 -40.64
N PHE B 49 -7.75 0.60 -39.39
CA PHE B 49 -7.51 1.53 -38.27
C PHE B 49 -6.02 1.76 -38.04
N LYS B 50 -5.25 0.68 -38.12
CA LYS B 50 -3.80 0.73 -37.94
C LYS B 50 -3.18 1.53 -39.10
N LYS B 51 -3.68 1.29 -40.31
CA LYS B 51 -3.17 1.96 -41.50
C LYS B 51 -3.50 3.45 -41.48
N ALA B 52 -4.73 3.77 -41.07
CA ALA B 52 -5.15 5.16 -41.00
C ALA B 52 -4.30 5.93 -39.99
N LEU B 53 -4.06 5.34 -38.82
CA LEU B 53 -3.25 6.01 -37.80
C LEU B 53 -1.84 6.26 -38.29
N GLU B 54 -1.20 5.18 -38.74
CA GLU B 54 0.16 5.26 -39.23
C GLU B 54 0.34 6.21 -40.41
N ASP B 55 -0.61 6.21 -41.35
CA ASP B 55 -0.51 7.10 -42.51
C ASP B 55 -0.63 8.55 -42.07
N PHE B 56 -1.41 8.80 -41.02
CA PHE B 56 -1.56 10.16 -40.54
C PHE B 56 -0.25 10.62 -39.92
N TRP B 57 0.22 9.89 -38.91
CA TRP B 57 1.46 10.23 -38.22
C TRP B 57 2.64 10.45 -39.17
N LYS B 58 2.65 9.75 -40.29
CA LYS B 58 3.73 9.87 -41.25
C LYS B 58 3.43 10.99 -42.25
N GLY B 59 2.28 11.63 -42.10
CA GLY B 59 1.91 12.70 -43.02
C GLY B 59 1.37 12.15 -44.33
N LYS B 60 1.21 10.84 -44.42
CA LYS B 60 0.72 10.21 -45.63
C LYS B 60 -0.69 10.71 -46.01
N ILE B 61 -1.50 11.06 -45.00
CA ILE B 61 -2.85 11.56 -45.23
C ILE B 61 -3.10 12.74 -44.29
N THR B 62 -4.06 13.60 -44.63
CA THR B 62 -4.35 14.74 -43.78
C THR B 62 -5.38 14.35 -42.72
N GLU B 63 -5.61 15.23 -41.75
CA GLU B 63 -6.59 14.92 -40.71
C GLU B 63 -7.96 14.74 -41.34
N GLU B 64 -8.28 15.57 -42.33
CA GLU B 64 -9.58 15.48 -43.00
C GLU B 64 -9.75 14.06 -43.55
N GLN B 65 -8.68 13.52 -44.15
CA GLN B 65 -8.70 12.18 -44.70
C GLN B 65 -8.72 11.15 -43.57
N PHE B 66 -7.91 11.39 -42.54
CA PHE B 66 -7.86 10.49 -41.39
C PHE B 66 -9.28 10.38 -40.84
N GLU B 67 -9.90 11.53 -40.56
CA GLU B 67 -11.26 11.57 -40.05
C GLU B 67 -12.18 10.76 -40.92
N GLU B 68 -12.03 10.89 -42.24
CA GLU B 68 -12.85 10.14 -43.20
C GLU B 68 -12.70 8.65 -42.94
N GLU B 69 -11.45 8.20 -42.85
CA GLU B 69 -11.17 6.80 -42.57
C GLU B 69 -11.89 6.38 -41.28
N MSE B 70 -11.76 7.19 -40.24
CA MSE B 70 -12.40 6.89 -38.96
C MSE B 70 -13.93 6.72 -39.06
O MSE B 70 -14.50 5.80 -38.46
CB MSE B 70 -12.07 7.99 -37.92
CG MSE B 70 -10.59 8.08 -37.53
SE MSE B 70 -9.82 6.46 -36.72
CE MSE B 70 -9.04 5.67 -38.31
N ASN B 71 -14.59 7.58 -39.82
CA ASN B 71 -16.04 7.46 -39.97
C ASN B 71 -16.42 6.16 -40.67
N LYS B 72 -15.58 5.71 -41.59
CA LYS B 72 -15.87 4.46 -42.26
C LYS B 72 -15.87 3.36 -41.20
N LEU B 73 -14.93 3.42 -40.27
CA LEU B 73 -14.87 2.42 -39.20
C LEU B 73 -16.12 2.52 -38.33
N ARG B 74 -16.57 3.74 -38.09
CA ARG B 74 -17.76 3.96 -37.28
C ARG B 74 -18.96 3.28 -37.93
N MSE B 75 -19.20 3.55 -39.20
CA MSE B 75 -20.33 2.95 -39.89
C MSE B 75 -20.20 1.44 -39.90
O MSE B 75 -21.17 0.72 -39.69
CB MSE B 75 -20.46 3.49 -41.32
CG MSE B 75 -20.57 5.03 -41.38
SE MSE B 75 -21.86 5.82 -40.14
CE MSE B 75 -23.38 4.66 -40.54
N TYR B 76 -18.98 0.94 -40.09
CA TYR B 76 -18.75 -0.49 -40.10
C TYR B 76 -19.16 -1.10 -38.76
N MSE B 77 -18.58 -0.60 -37.67
CA MSE B 77 -18.89 -1.07 -36.32
C MSE B 77 -20.39 -0.98 -36.01
O MSE B 77 -21.02 -1.93 -35.53
CB MSE B 77 -18.13 -0.25 -35.27
CG MSE B 77 -16.60 -0.26 -35.38
SE MSE B 77 -15.76 1.02 -34.18
CE MSE B 77 -16.13 0.12 -32.49
N VAL B 78 -20.97 0.19 -36.27
CA VAL B 78 -22.38 0.44 -36.00
C VAL B 78 -23.31 -0.43 -36.85
N GLU B 79 -22.91 -0.71 -38.09
CA GLU B 79 -23.71 -1.57 -38.96
C GLU B 79 -23.70 -2.95 -38.35
N ASN B 80 -22.55 -3.33 -37.79
CA ASN B 80 -22.38 -4.62 -37.13
C ASN B 80 -23.25 -4.77 -35.88
N TYR B 81 -23.36 -3.71 -35.09
CA TYR B 81 -24.19 -3.75 -33.89
C TYR B 81 -25.66 -3.83 -34.31
N ARG B 82 -26.04 -2.89 -35.17
CA ARG B 82 -27.41 -2.79 -35.67
C ARG B 82 -28.03 -4.12 -36.11
N LYS B 83 -27.23 -4.95 -36.78
CA LYS B 83 -27.71 -6.24 -37.28
C LYS B 83 -27.83 -7.35 -36.25
N ASN B 84 -27.38 -7.12 -35.02
CA ASN B 84 -27.45 -8.17 -34.00
C ASN B 84 -28.04 -7.80 -32.64
N VAL B 85 -27.93 -6.53 -32.25
CA VAL B 85 -28.41 -6.11 -30.94
C VAL B 85 -29.36 -4.90 -30.97
N ASP B 86 -29.96 -4.61 -29.81
CA ASP B 86 -30.88 -3.50 -29.71
C ASP B 86 -30.17 -2.18 -29.43
N VAL B 87 -29.27 -2.19 -28.45
CA VAL B 87 -28.55 -0.97 -28.10
C VAL B 87 -27.27 -0.79 -28.92
N ILE B 88 -27.15 0.35 -29.58
CA ILE B 88 -25.99 0.64 -30.39
C ILE B 88 -25.11 1.65 -29.66
N PRO B 89 -23.91 1.23 -29.22
CA PRO B 89 -22.99 2.13 -28.51
C PRO B 89 -22.25 3.07 -29.45
N SER B 90 -21.93 4.25 -28.94
CA SER B 90 -21.14 5.22 -29.69
C SER B 90 -20.00 5.57 -28.73
N ASN B 91 -19.09 6.43 -29.17
CA ASN B 91 -17.96 6.82 -28.33
C ASN B 91 -17.00 5.65 -28.07
N GLU B 92 -16.98 4.67 -28.97
CA GLU B 92 -16.08 3.52 -28.82
C GLU B 92 -14.86 3.64 -29.71
N LEU B 93 -14.93 4.45 -30.76
CA LEU B 93 -13.79 4.58 -31.67
C LEU B 93 -12.74 5.56 -31.16
N SER B 94 -11.95 5.11 -30.20
CA SER B 94 -10.89 5.90 -29.64
C SER B 94 -9.77 5.98 -30.67
N TYR B 95 -9.17 7.15 -30.85
CA TYR B 95 -8.09 7.27 -31.83
C TYR B 95 -6.76 6.75 -31.29
N TYR B 96 -6.76 6.33 -30.04
CA TYR B 96 -5.56 5.75 -29.43
C TYR B 96 -5.86 4.97 -28.16
N ASP B 97 -6.57 5.59 -27.22
CA ASP B 97 -6.94 4.93 -25.97
C ASP B 97 -8.11 5.64 -25.31
N PHE B 98 -9.12 4.88 -24.90
CA PHE B 98 -10.30 5.47 -24.28
C PHE B 98 -10.13 6.07 -22.88
N VAL B 99 -8.97 5.91 -22.28
CA VAL B 99 -8.75 6.51 -20.96
C VAL B 99 -8.26 7.90 -21.22
N LEU B 100 -7.42 7.99 -22.24
CA LEU B 100 -6.89 9.27 -22.64
C LEU B 100 -8.11 10.11 -22.99
N ASP B 101 -9.03 9.56 -23.79
CA ASP B 101 -10.24 10.27 -24.18
C ASP B 101 -10.96 10.79 -22.94
N THR B 102 -11.14 9.92 -21.95
CA THR B 102 -11.81 10.30 -20.71
C THR B 102 -11.04 11.45 -20.05
N ALA B 103 -9.71 11.32 -19.95
CA ALA B 103 -8.86 12.35 -19.36
C ALA B 103 -9.05 13.71 -20.02
N VAL B 104 -8.89 13.77 -21.34
CA VAL B 104 -9.04 15.04 -22.06
C VAL B 104 -10.46 15.56 -21.89
N MSE B 105 -11.44 14.65 -21.84
CA MSE B 105 -12.84 15.05 -21.66
C MSE B 105 -13.04 15.86 -20.39
O MSE B 105 -13.73 16.87 -20.39
CB MSE B 105 -13.76 13.82 -21.58
CG MSE B 105 -15.16 14.19 -21.12
SE MSE B 105 -16.42 12.72 -20.94
CE MSE B 105 -15.71 11.90 -19.34
N VAL B 106 -12.40 15.39 -19.30
CA VAL B 106 -12.48 16.06 -18.01
C VAL B 106 -11.32 17.03 -17.86
N GLY B 107 -10.65 17.32 -18.96
CA GLY B 107 -9.56 18.27 -18.93
C GLY B 107 -8.30 17.93 -18.16
N ALA B 108 -8.01 16.64 -17.98
CA ALA B 108 -6.80 16.22 -17.26
C ALA B 108 -5.65 16.13 -18.26
N VAL B 109 -5.18 17.31 -18.68
CA VAL B 109 -4.09 17.45 -19.65
C VAL B 109 -2.88 18.02 -18.94
N PRO B 110 -1.87 17.17 -18.66
CA PRO B 110 -0.67 17.65 -17.97
C PRO B 110 -0.16 18.95 -18.56
N GLU B 111 0.39 19.82 -17.72
CA GLU B 111 0.90 21.12 -18.15
C GLU B 111 2.01 21.05 -19.19
N ARG B 112 2.77 19.96 -19.20
CA ARG B 112 3.86 19.83 -20.17
C ARG B 112 3.39 19.78 -21.62
N PHE B 113 2.09 19.60 -21.83
CA PHE B 113 1.56 19.55 -23.19
C PHE B 113 1.14 20.92 -23.66
N GLY B 114 1.12 21.87 -22.73
CA GLY B 114 0.73 23.23 -23.06
C GLY B 114 -0.78 23.30 -23.24
N GLU B 115 -1.23 24.14 -24.17
CA GLU B 115 -2.64 24.29 -24.45
C GLU B 115 -3.03 23.13 -25.38
N TYR B 116 -4.23 22.61 -25.18
CA TYR B 116 -4.74 21.50 -25.98
C TYR B 116 -5.28 22.04 -27.30
N ARG B 117 -4.57 21.77 -28.38
CA ARG B 117 -4.96 22.25 -29.70
C ARG B 117 -5.80 21.24 -30.49
N GLY B 118 -5.89 20.01 -29.99
CA GLY B 118 -6.67 18.98 -30.67
C GLY B 118 -5.86 17.71 -30.94
N LEU B 119 -6.27 16.97 -31.97
CA LEU B 119 -5.59 15.72 -32.35
C LEU B 119 -4.09 15.76 -32.14
N SER B 120 -3.46 16.89 -32.45
CA SER B 120 -2.02 17.02 -32.30
C SER B 120 -1.54 16.82 -30.86
N THR B 121 -2.21 17.49 -29.91
CA THR B 121 -1.85 17.38 -28.50
C THR B 121 -2.24 15.98 -27.99
N TYR B 122 -3.35 15.48 -28.52
CA TYR B 122 -3.85 14.16 -28.15
C TYR B 122 -2.80 13.08 -28.43
N PHE B 123 -2.17 13.17 -29.59
CA PHE B 123 -1.16 12.20 -29.98
C PHE B 123 0.19 12.41 -29.34
N ASP B 124 0.42 13.61 -28.80
CA ASP B 124 1.69 13.86 -28.12
C ASP B 124 1.52 13.27 -26.72
N MSE B 125 0.29 13.24 -26.25
CA MSE B 125 -0.04 12.67 -24.96
C MSE B 125 -0.01 11.15 -25.07
O MSE B 125 0.29 10.47 -24.10
CB MSE B 125 -1.45 13.09 -24.52
CG MSE B 125 -1.57 14.53 -24.11
SE MSE B 125 -3.40 14.98 -23.72
CE MSE B 125 -3.57 14.09 -22.00
N ALA B 126 -0.33 10.65 -26.26
CA ALA B 126 -0.36 9.21 -26.50
C ALA B 126 0.97 8.57 -26.85
N ARG B 127 1.75 9.24 -27.70
CA ARG B 127 3.04 8.72 -28.13
C ARG B 127 4.04 9.84 -28.23
N GLY B 128 5.32 9.51 -28.14
CA GLY B 128 6.31 10.55 -28.21
C GLY B 128 7.09 10.72 -26.92
N GLY B 129 8.13 11.56 -26.99
CA GLY B 129 8.99 11.82 -25.85
C GLY B 129 8.35 12.24 -24.54
N LYS B 130 7.22 12.93 -24.61
CA LYS B 130 6.53 13.40 -23.42
C LYS B 130 5.20 12.71 -23.15
N ALA B 131 4.98 11.57 -23.78
CA ALA B 131 3.72 10.84 -23.62
C ALA B 131 3.44 10.36 -22.20
N LEU B 132 2.16 10.13 -21.92
CA LEU B 132 1.71 9.61 -20.64
C LEU B 132 2.18 8.17 -20.53
N GLU B 133 2.25 7.65 -19.29
CA GLU B 133 2.67 6.28 -19.01
C GLU B 133 1.67 5.25 -19.53
N MSE B 134 2.18 4.13 -20.03
CA MSE B 134 1.32 3.09 -20.54
C MSE B 134 1.36 1.88 -19.61
O MSE B 134 2.41 1.58 -19.03
CB MSE B 134 1.76 2.70 -21.94
CG MSE B 134 0.80 1.78 -22.66
SE MSE B 134 1.05 1.81 -24.59
CE MSE B 134 2.38 0.42 -24.74
N THR B 135 0.24 1.21 -19.46
CA THR B 135 0.20 0.03 -18.60
C THR B 135 -0.99 -0.86 -18.97
N LYS B 136 -0.97 -2.10 -18.50
CA LYS B 136 -2.03 -3.05 -18.80
C LYS B 136 -3.39 -2.63 -18.27
N PHE B 137 -4.44 -2.90 -19.04
CA PHE B 137 -5.80 -2.59 -18.63
C PHE B 137 -6.27 -3.80 -17.83
N PHE B 138 -6.24 -3.69 -16.50
CA PHE B 138 -6.63 -4.78 -15.62
C PHE B 138 -5.83 -6.03 -15.97
N ASN B 139 -6.46 -7.20 -15.99
CA ASN B 139 -5.71 -8.41 -16.31
C ASN B 139 -5.84 -8.80 -17.78
N THR B 140 -5.65 -7.84 -18.67
CA THR B 140 -5.79 -8.10 -20.10
C THR B 140 -4.57 -7.66 -20.91
N ASN B 141 -4.52 -8.05 -22.17
CA ASN B 141 -3.40 -7.67 -22.99
C ASN B 141 -3.60 -6.36 -23.74
N TYR B 142 -4.54 -5.56 -23.25
CA TYR B 142 -4.78 -4.25 -23.83
C TYR B 142 -4.07 -3.31 -22.87
N HIS B 143 -3.45 -2.27 -23.40
CA HIS B 143 -2.72 -1.29 -22.59
C HIS B 143 -3.33 0.10 -22.74
N TYR B 144 -3.50 0.78 -21.60
CA TYR B 144 -4.08 2.10 -21.62
C TYR B 144 -3.07 3.14 -21.15
N LEU B 145 -3.46 4.41 -21.26
CA LEU B 145 -2.60 5.51 -20.86
C LEU B 145 -3.02 6.04 -19.51
N VAL B 146 -2.06 6.07 -18.58
CA VAL B 146 -2.29 6.53 -17.23
C VAL B 146 -2.38 8.04 -17.11
N PRO B 147 -3.58 8.55 -16.78
CA PRO B 147 -3.78 10.00 -16.62
C PRO B 147 -3.01 10.48 -15.40
N GLU B 148 -2.47 11.69 -15.49
CA GLU B 148 -1.74 12.28 -14.38
C GLU B 148 -2.53 13.48 -13.89
N ILE B 149 -3.20 13.34 -12.76
CA ILE B 149 -4.01 14.40 -12.20
C ILE B 149 -3.11 15.45 -11.53
N GLU B 150 -2.98 16.62 -12.15
CA GLU B 150 -2.13 17.68 -11.61
C GLU B 150 -2.95 18.78 -10.94
N THR B 151 -4.24 18.84 -11.25
CA THR B 151 -5.10 19.85 -10.68
C THR B 151 -6.32 19.21 -10.00
N GLU B 152 -6.63 19.68 -8.80
CA GLU B 152 -7.76 19.14 -8.04
C GLU B 152 -9.12 19.49 -8.63
N GLU B 153 -9.13 20.33 -9.64
CA GLU B 153 -10.38 20.74 -10.27
C GLU B 153 -10.47 20.23 -11.70
N PHE B 154 -11.61 19.62 -12.04
CA PHE B 154 -11.84 19.10 -13.38
C PHE B 154 -12.80 20.05 -14.12
N TYR B 155 -12.72 20.09 -15.44
CA TYR B 155 -13.61 20.96 -16.21
C TYR B 155 -13.92 20.37 -17.58
N LEU B 156 -15.13 20.61 -18.07
CA LEU B 156 -15.52 20.08 -19.38
C LEU B 156 -14.68 20.70 -20.49
N LEU B 157 -13.58 20.04 -20.81
CA LEU B 157 -12.71 20.50 -21.86
C LEU B 157 -13.32 20.15 -23.21
N GLU B 158 -13.65 18.87 -23.39
CA GLU B 158 -14.23 18.41 -24.65
C GLU B 158 -15.23 17.30 -24.42
N ASN B 159 -16.42 17.48 -24.97
CA ASN B 159 -17.50 16.52 -24.83
C ASN B 159 -17.55 15.59 -26.05
N LYS B 160 -16.56 14.72 -26.16
CA LYS B 160 -16.49 13.78 -27.26
C LYS B 160 -17.72 12.87 -27.33
N PRO B 161 -18.25 12.45 -26.17
CA PRO B 161 -19.43 11.58 -26.16
C PRO B 161 -20.61 12.17 -26.95
N LEU B 162 -20.81 13.48 -26.81
CA LEU B 162 -21.88 14.19 -27.50
C LEU B 162 -21.60 14.27 -29.00
N GLU B 163 -20.41 14.73 -29.35
CA GLU B 163 -20.00 14.85 -30.74
C GLU B 163 -20.28 13.57 -31.52
N ASP B 164 -20.10 12.42 -30.86
CA ASP B 164 -20.31 11.13 -31.51
C ASP B 164 -21.79 10.71 -31.51
N TYR B 165 -22.52 11.12 -30.48
CA TYR B 165 -23.95 10.80 -30.41
C TYR B 165 -24.66 11.55 -31.54
N LEU B 166 -24.22 12.77 -31.78
CA LEU B 166 -24.78 13.64 -32.82
C LEU B 166 -24.33 13.24 -34.22
N PHE B 167 -23.12 12.71 -34.34
CA PHE B 167 -22.63 12.26 -35.64
C PHE B 167 -23.55 11.16 -36.12
N PHE B 168 -23.81 10.18 -35.25
CA PHE B 168 -24.68 9.08 -35.63
C PHE B 168 -26.13 9.52 -35.81
N LYS B 169 -26.54 10.56 -35.09
CA LYS B 169 -27.90 11.08 -35.21
C LYS B 169 -28.11 11.64 -36.61
N SER B 170 -27.10 12.36 -37.12
CA SER B 170 -27.15 12.96 -38.44
C SER B 170 -27.03 11.86 -39.47
N LYS B 171 -26.99 10.63 -39.00
CA LYS B 171 -26.86 9.46 -39.86
C LYS B 171 -28.15 8.69 -39.69
N GLY B 172 -29.05 9.26 -38.87
CA GLY B 172 -30.31 8.61 -38.59
C GLY B 172 -30.11 7.46 -37.64
N ILE B 173 -28.99 7.48 -36.92
CA ILE B 173 -28.64 6.42 -35.96
C ILE B 173 -28.64 6.93 -34.52
N GLU B 174 -29.47 6.31 -33.69
CA GLU B 174 -29.58 6.67 -32.28
C GLU B 174 -28.65 5.74 -31.49
N THR B 175 -27.66 6.32 -30.80
CA THR B 175 -26.72 5.50 -30.03
C THR B 175 -26.67 5.79 -28.52
N ALA B 176 -26.02 4.88 -27.79
CA ALA B 176 -25.85 4.95 -26.34
C ALA B 176 -24.39 5.17 -26.00
N PRO B 177 -23.99 6.41 -25.67
CA PRO B 177 -22.58 6.66 -25.35
C PRO B 177 -21.96 5.69 -24.32
N TRP B 178 -20.85 5.10 -24.71
CA TRP B 178 -20.08 4.16 -23.90
C TRP B 178 -18.94 4.92 -23.24
N VAL B 179 -19.01 5.09 -21.92
CA VAL B 179 -17.96 5.81 -21.21
C VAL B 179 -17.44 5.11 -19.96
N ILE B 180 -16.26 5.53 -19.53
CA ILE B 180 -15.61 5.01 -18.33
C ILE B 180 -16.17 5.78 -17.14
N GLY B 181 -16.78 5.05 -16.20
CA GLY B 181 -17.33 5.71 -15.02
C GLY B 181 -16.30 6.54 -14.25
N PRO B 182 -16.75 7.49 -13.42
CA PRO B 182 -15.88 8.37 -12.63
C PRO B 182 -14.98 7.59 -11.67
N PHE B 183 -15.54 6.55 -11.06
CA PHE B 183 -14.77 5.74 -10.12
C PHE B 183 -13.59 5.05 -10.77
N THR B 184 -13.85 4.30 -11.83
CA THR B 184 -12.78 3.60 -12.50
C THR B 184 -11.77 4.55 -13.13
N PHE B 185 -12.24 5.72 -13.56
CA PHE B 185 -11.31 6.66 -14.15
C PHE B 185 -10.22 7.00 -13.14
N LEU B 186 -10.64 7.41 -11.94
CA LEU B 186 -9.70 7.78 -10.89
C LEU B 186 -8.82 6.61 -10.49
N TYR B 187 -9.46 5.46 -10.32
CA TYR B 187 -8.77 4.25 -9.93
C TYR B 187 -7.68 3.84 -10.93
N LEU B 188 -7.74 4.38 -12.15
CA LEU B 188 -6.75 4.03 -13.18
C LEU B 188 -5.69 5.12 -13.40
N SER B 189 -5.85 6.26 -12.74
CA SER B 189 -4.91 7.35 -12.88
C SER B 189 -3.99 7.43 -11.65
N LYS B 190 -3.06 8.38 -11.68
CA LYS B 190 -2.19 8.60 -10.54
C LYS B 190 -1.89 10.09 -10.37
N ARG B 191 -1.59 10.48 -9.14
CA ARG B 191 -1.29 11.85 -8.77
C ARG B 191 0.01 11.83 -7.97
N ASN B 192 0.94 12.71 -8.34
CA ASN B 192 2.24 12.75 -7.70
C ASN B 192 2.88 11.36 -7.83
N GLY B 193 2.59 10.69 -8.95
CA GLY B 193 3.15 9.37 -9.19
C GLY B 193 2.52 8.20 -8.43
N GLU B 194 1.46 8.45 -7.68
CA GLU B 194 0.82 7.39 -6.92
C GLU B 194 -0.61 7.10 -7.39
N TRP B 195 -1.00 5.82 -7.39
CA TRP B 195 -2.35 5.45 -7.80
C TRP B 195 -3.35 6.17 -6.90
N ILE B 196 -4.40 6.71 -7.49
CA ILE B 196 -5.43 7.39 -6.71
C ILE B 196 -6.40 6.27 -6.36
N ARG B 197 -6.05 5.43 -5.39
CA ARG B 197 -6.92 4.32 -5.07
C ARG B 197 -7.49 4.25 -3.66
N ARG B 198 -6.87 4.95 -2.71
CA ARG B 198 -7.40 4.96 -1.35
C ARG B 198 -8.57 5.93 -1.32
N PRO B 199 -9.61 5.61 -0.52
CA PRO B 199 -10.80 6.46 -0.42
C PRO B 199 -10.47 7.92 -0.08
N ASN B 200 -9.59 8.14 0.89
CA ASN B 200 -9.24 9.50 1.27
C ASN B 200 -8.55 10.23 0.14
N GLN B 201 -7.94 9.47 -0.79
CA GLN B 201 -7.27 10.08 -1.95
C GLN B 201 -8.29 10.47 -3.02
N MSE B 202 -9.38 9.72 -3.11
CA MSE B 202 -10.40 9.96 -4.14
C MSE B 202 -11.52 10.93 -3.78
O MSE B 202 -11.87 11.78 -4.58
CB MSE B 202 -11.05 8.63 -4.53
CG MSE B 202 -10.10 7.59 -5.08
SE MSE B 202 -11.00 5.87 -5.33
CE MSE B 202 -11.51 6.07 -7.19
N GLU B 203 -12.09 10.77 -2.59
CA GLU B 203 -13.21 11.58 -2.11
C GLU B 203 -13.31 13.00 -2.66
N LYS B 204 -12.38 13.89 -2.31
CA LYS B 204 -12.44 15.27 -2.81
C LYS B 204 -12.49 15.29 -4.34
N LEU B 205 -11.46 14.72 -4.98
CA LEU B 205 -11.40 14.66 -6.44
C LEU B 205 -12.74 14.26 -7.06
N LEU B 206 -13.31 13.16 -6.57
CA LEU B 206 -14.58 12.66 -7.07
C LEU B 206 -15.68 13.72 -7.14
N GLU B 207 -15.68 14.66 -6.19
CA GLU B 207 -16.69 15.72 -6.18
C GLU B 207 -16.53 16.63 -7.40
N SER B 208 -15.28 17.00 -7.69
CA SER B 208 -14.97 17.86 -8.81
C SER B 208 -15.23 17.10 -10.11
N LEU B 209 -14.82 15.84 -10.16
CA LEU B 209 -14.98 14.99 -11.34
C LEU B 209 -16.44 14.71 -11.68
N VAL B 210 -17.20 14.19 -10.71
CA VAL B 210 -18.60 13.88 -10.94
C VAL B 210 -19.35 15.08 -11.49
N SER B 211 -18.85 16.26 -11.17
CA SER B 211 -19.45 17.51 -11.63
C SER B 211 -19.37 17.58 -13.16
N VAL B 212 -18.22 17.19 -13.71
CA VAL B 212 -18.01 17.23 -15.15
C VAL B 212 -18.86 16.17 -15.87
N TYR B 213 -19.03 15.00 -15.28
CA TYR B 213 -19.84 13.95 -15.89
C TYR B 213 -21.29 14.41 -15.98
N LYS B 214 -21.80 14.96 -14.88
CA LYS B 214 -23.17 15.44 -14.83
C LYS B 214 -23.33 16.55 -15.87
N GLU B 215 -22.25 17.25 -16.16
CA GLU B 215 -22.30 18.31 -17.15
C GLU B 215 -22.36 17.73 -18.56
N VAL B 216 -21.75 16.58 -18.74
CA VAL B 216 -21.77 15.91 -20.05
C VAL B 216 -23.13 15.23 -20.25
N PHE B 217 -23.55 14.47 -19.24
CA PHE B 217 -24.81 13.73 -19.29
C PHE B 217 -26.03 14.63 -19.52
N GLU B 218 -25.96 15.86 -19.04
CA GLU B 218 -27.08 16.78 -19.22
C GLU B 218 -27.13 17.23 -20.67
N LYS B 219 -25.97 17.53 -21.25
CA LYS B 219 -25.91 17.96 -22.64
C LYS B 219 -26.42 16.83 -23.56
N LEU B 220 -26.15 15.59 -23.17
CA LEU B 220 -26.58 14.43 -23.93
C LEU B 220 -28.09 14.34 -23.93
N VAL B 221 -28.67 14.31 -22.73
CA VAL B 221 -30.11 14.21 -22.54
C VAL B 221 -30.91 15.35 -23.18
N GLU B 222 -30.36 16.56 -23.16
CA GLU B 222 -31.07 17.68 -23.75
C GLU B 222 -30.97 17.58 -25.28
N ASN B 223 -30.16 16.64 -25.75
CA ASN B 223 -29.99 16.41 -27.19
C ASN B 223 -30.73 15.14 -27.57
N GLY B 224 -31.58 14.66 -26.67
CA GLY B 224 -32.36 13.47 -26.96
C GLY B 224 -31.77 12.12 -26.61
N CYS B 225 -30.56 12.10 -26.06
CA CYS B 225 -29.94 10.84 -25.68
C CYS B 225 -30.83 10.17 -24.64
N LYS B 226 -31.08 8.86 -24.80
CA LYS B 226 -31.93 8.13 -23.88
C LYS B 226 -31.21 7.11 -23.02
N GLU B 227 -29.92 6.92 -23.25
CA GLU B 227 -29.17 5.95 -22.47
C GLU B 227 -27.65 6.13 -22.59
N ILE B 228 -26.95 5.90 -21.49
CA ILE B 228 -25.51 6.04 -21.45
C ILE B 228 -24.92 4.80 -20.77
N LEU B 229 -23.90 4.20 -21.39
CA LEU B 229 -23.27 3.00 -20.85
C LEU B 229 -22.05 3.35 -20.00
N VAL B 230 -22.20 3.26 -18.68
CA VAL B 230 -21.11 3.58 -17.78
C VAL B 230 -20.33 2.33 -17.45
N ASN B 231 -19.01 2.40 -17.68
CA ASN B 231 -18.15 1.27 -17.41
C ASN B 231 -17.40 1.44 -16.09
N GLU B 232 -17.62 0.50 -15.19
CA GLU B 232 -17.00 0.51 -13.87
C GLU B 232 -16.33 -0.81 -13.50
N PRO B 233 -15.37 -1.28 -14.31
CA PRO B 233 -14.71 -2.55 -13.99
C PRO B 233 -13.91 -2.56 -12.67
N ALA B 234 -13.58 -1.39 -12.14
CA ALA B 234 -12.84 -1.30 -10.87
C ALA B 234 -13.71 -1.83 -9.75
N PHE B 235 -15.00 -1.97 -10.03
CA PHE B 235 -15.93 -2.52 -9.05
C PHE B 235 -15.57 -3.98 -8.72
N VAL B 236 -14.77 -4.64 -9.57
CA VAL B 236 -14.41 -6.05 -9.32
C VAL B 236 -13.08 -6.24 -8.62
N CYS B 237 -12.42 -5.14 -8.27
CA CYS B 237 -11.16 -5.20 -7.55
C CYS B 237 -11.54 -5.43 -6.09
N ASP B 238 -10.55 -5.77 -5.27
CA ASP B 238 -10.77 -5.97 -3.84
C ASP B 238 -10.92 -4.57 -3.25
N LEU B 239 -12.15 -4.09 -3.12
CA LEU B 239 -12.36 -2.76 -2.56
C LEU B 239 -12.77 -2.85 -1.08
N GLU B 240 -12.67 -1.72 -0.38
CA GLU B 240 -13.07 -1.65 1.02
C GLU B 240 -14.50 -1.17 1.06
N LYS B 241 -15.18 -1.36 2.18
CA LYS B 241 -16.54 -0.88 2.30
C LYS B 241 -16.50 0.63 2.11
N ALA B 242 -15.40 1.25 2.54
CA ALA B 242 -15.23 2.69 2.40
C ALA B 242 -15.34 3.12 0.94
N HIS B 243 -14.81 2.29 0.04
CA HIS B 243 -14.87 2.57 -1.39
C HIS B 243 -16.35 2.63 -1.79
N TRP B 244 -17.11 1.64 -1.34
CA TRP B 244 -18.52 1.58 -1.66
C TRP B 244 -19.32 2.74 -1.09
N ASP B 245 -19.02 3.17 0.12
CA ASP B 245 -19.74 4.29 0.67
C ASP B 245 -19.53 5.49 -0.26
N LEU B 246 -18.34 5.56 -0.86
CA LEU B 246 -17.99 6.64 -1.78
C LEU B 246 -18.67 6.46 -3.14
N ILE B 247 -18.72 5.22 -3.62
CA ILE B 247 -19.35 4.91 -4.90
C ILE B 247 -20.83 5.22 -4.80
N LEU B 248 -21.42 4.90 -3.65
CA LEU B 248 -22.83 5.14 -3.41
C LEU B 248 -23.13 6.64 -3.54
N ASN B 249 -22.14 7.47 -3.20
CA ASN B 249 -22.30 8.92 -3.28
C ASN B 249 -22.15 9.48 -4.68
N VAL B 250 -21.28 8.88 -5.47
CA VAL B 250 -21.09 9.35 -6.83
C VAL B 250 -22.37 9.13 -7.61
N TYR B 251 -22.95 7.94 -7.48
CA TYR B 251 -24.17 7.63 -8.21
C TYR B 251 -25.43 8.27 -7.67
N ARG B 252 -25.41 8.68 -6.42
CA ARG B 252 -26.56 9.33 -5.84
C ARG B 252 -26.69 10.65 -6.61
N GLU B 253 -25.56 11.27 -6.90
CA GLU B 253 -25.52 12.55 -7.61
C GLU B 253 -25.87 12.44 -9.08
N LEU B 254 -25.69 11.26 -9.66
CA LEU B 254 -25.94 11.03 -11.08
C LEU B 254 -27.24 10.27 -11.37
N SER B 255 -28.06 10.03 -10.34
CA SER B 255 -29.30 9.28 -10.53
C SER B 255 -30.34 9.94 -11.44
N GLU B 256 -30.12 11.21 -11.79
CA GLU B 256 -31.06 11.94 -12.65
C GLU B 256 -30.86 11.60 -14.13
N PHE B 257 -29.86 10.77 -14.42
CA PHE B 257 -29.56 10.41 -15.80
C PHE B 257 -29.86 8.95 -16.13
N PRO B 258 -30.07 8.64 -17.43
CA PRO B 258 -30.37 7.31 -17.95
C PRO B 258 -29.12 6.47 -18.13
N LEU B 259 -28.44 6.23 -17.01
CA LEU B 259 -27.21 5.46 -17.00
C LEU B 259 -27.44 3.98 -16.82
N THR B 260 -26.59 3.20 -17.48
CA THR B 260 -26.58 1.74 -17.39
C THR B 260 -25.13 1.46 -17.00
N VAL B 261 -24.92 0.74 -15.89
CA VAL B 261 -23.57 0.46 -15.38
C VAL B 261 -23.09 -0.95 -15.69
N PHE B 262 -21.86 -1.06 -16.18
CA PHE B 262 -21.27 -2.35 -16.53
C PHE B 262 -20.05 -2.68 -15.67
N THR B 263 -19.90 -3.96 -15.31
CA THR B 263 -18.74 -4.39 -14.52
C THR B 263 -18.28 -5.72 -15.12
N TYR B 264 -16.98 -5.95 -15.16
CA TYR B 264 -16.48 -7.19 -15.76
C TYR B 264 -15.02 -7.56 -15.42
N TYR B 265 -14.68 -8.80 -15.74
CA TYR B 265 -13.36 -9.39 -15.52
C TYR B 265 -13.33 -10.21 -14.24
N ASP B 266 -14.31 -9.99 -13.38
CA ASP B 266 -14.42 -10.72 -12.12
C ASP B 266 -15.70 -10.33 -11.40
N SER B 267 -16.02 -11.02 -10.31
CA SER B 267 -17.23 -10.74 -9.53
C SER B 267 -17.11 -9.36 -8.87
N VAL B 268 -18.22 -8.64 -8.68
CA VAL B 268 -18.13 -7.34 -8.02
C VAL B 268 -17.80 -7.58 -6.56
N SER B 269 -16.88 -6.78 -6.04
CA SER B 269 -16.42 -6.93 -4.65
C SER B 269 -17.53 -7.01 -3.62
N ASP B 270 -18.40 -6.00 -3.58
CA ASP B 270 -19.50 -5.97 -2.61
C ASP B 270 -20.85 -6.01 -3.35
N TYR B 271 -21.43 -7.20 -3.48
CA TYR B 271 -22.69 -7.36 -4.19
C TYR B 271 -23.81 -6.50 -3.61
N GLU B 272 -24.15 -6.76 -2.35
CA GLU B 272 -25.21 -6.01 -1.67
C GLU B 272 -25.16 -4.51 -1.94
N ALA B 273 -23.97 -3.92 -1.79
CA ALA B 273 -23.81 -2.49 -2.01
C ALA B 273 -23.99 -2.12 -3.46
N CYS B 274 -23.54 -2.99 -4.36
CA CYS B 274 -23.66 -2.70 -5.78
C CYS B 274 -25.10 -2.63 -6.30
N VAL B 275 -25.91 -3.65 -6.02
CA VAL B 275 -27.29 -3.65 -6.51
C VAL B 275 -28.07 -2.55 -5.83
N SER B 276 -27.57 -2.14 -4.67
CA SER B 276 -28.18 -1.09 -3.88
C SER B 276 -27.84 0.27 -4.47
N LEU B 277 -27.09 0.26 -5.57
CA LEU B 277 -26.70 1.51 -6.22
C LEU B 277 -27.89 2.18 -6.89
N PRO B 278 -27.99 3.52 -6.81
CA PRO B 278 -29.11 4.23 -7.45
C PRO B 278 -29.05 4.32 -8.98
N VAL B 279 -29.02 3.16 -9.65
CA VAL B 279 -29.00 3.09 -11.12
C VAL B 279 -30.18 2.23 -11.49
N LYS B 280 -30.84 2.57 -12.60
CA LYS B 280 -32.03 1.82 -13.04
C LYS B 280 -31.73 0.44 -13.64
N ARG B 281 -30.53 0.29 -14.19
CA ARG B 281 -30.13 -0.99 -14.77
C ARG B 281 -28.65 -1.25 -14.56
N LEU B 282 -28.34 -2.48 -14.17
CA LEU B 282 -26.99 -2.88 -13.87
C LEU B 282 -26.56 -4.12 -14.64
N HIS B 283 -25.33 -4.11 -15.14
CA HIS B 283 -24.78 -5.23 -15.89
C HIS B 283 -23.77 -5.99 -15.04
N PHE B 284 -23.82 -7.33 -15.08
CA PHE B 284 -22.90 -8.17 -14.33
C PHE B 284 -22.24 -9.22 -15.23
N ASP B 285 -20.97 -9.49 -14.97
CA ASP B 285 -20.19 -10.46 -15.72
C ASP B 285 -20.41 -11.83 -15.08
N PHE B 286 -21.22 -12.66 -15.73
CA PHE B 286 -21.52 -13.99 -15.19
C PHE B 286 -20.66 -15.05 -15.82
N VAL B 287 -19.70 -14.63 -16.65
CA VAL B 287 -18.82 -15.56 -17.34
C VAL B 287 -17.45 -15.76 -16.70
N SER B 288 -16.81 -14.67 -16.30
CA SER B 288 -15.48 -14.69 -15.70
C SER B 288 -15.41 -15.21 -14.27
N ASN B 289 -16.56 -15.32 -13.62
CA ASN B 289 -16.60 -15.74 -12.22
C ASN B 289 -17.89 -16.47 -11.92
N GLU B 290 -17.95 -17.09 -10.73
CA GLU B 290 -19.14 -17.80 -10.30
C GLU B 290 -19.78 -17.01 -9.13
N GLU B 291 -18.97 -16.22 -8.45
CA GLU B 291 -19.45 -15.44 -7.31
C GLU B 291 -20.67 -14.57 -7.61
N ASN B 292 -20.72 -13.95 -8.79
CA ASN B 292 -21.86 -13.12 -9.13
C ASN B 292 -23.16 -13.92 -9.11
N LEU B 293 -23.14 -15.13 -9.65
CA LEU B 293 -24.33 -15.98 -9.69
C LEU B 293 -24.77 -16.34 -8.28
N LYS B 294 -23.84 -16.89 -7.49
CA LYS B 294 -24.13 -17.26 -6.12
C LYS B 294 -24.68 -16.06 -5.33
N ASN B 295 -24.02 -14.91 -5.46
CA ASN B 295 -24.47 -13.69 -4.76
C ASN B 295 -25.86 -13.27 -5.22
N LEU B 296 -26.16 -13.48 -6.50
CA LEU B 296 -27.47 -13.10 -7.02
C LEU B 296 -28.51 -14.10 -6.51
N GLU B 297 -28.04 -15.33 -6.28
CA GLU B 297 -28.91 -16.38 -5.78
C GLU B 297 -29.19 -16.13 -4.31
N LYS B 298 -28.13 -15.96 -3.53
CA LYS B 298 -28.29 -15.72 -2.10
C LYS B 298 -29.00 -14.44 -1.72
N HIS B 299 -28.83 -13.38 -2.50
CA HIS B 299 -29.46 -12.11 -2.16
C HIS B 299 -30.50 -11.60 -3.16
N GLY B 300 -30.86 -12.42 -4.14
CA GLY B 300 -31.84 -12.00 -5.12
C GLY B 300 -31.37 -10.85 -6.00
N PHE B 301 -32.25 -9.87 -6.22
CA PHE B 301 -31.92 -8.71 -7.04
C PHE B 301 -33.07 -7.70 -7.01
N PRO B 302 -32.76 -6.42 -6.74
CA PRO B 302 -33.73 -5.32 -6.67
C PRO B 302 -34.82 -5.33 -7.75
N GLU B 303 -36.07 -5.26 -7.32
CA GLU B 303 -37.20 -5.25 -8.22
C GLU B 303 -37.24 -3.92 -8.95
N ASP B 304 -36.80 -2.87 -8.26
CA ASP B 304 -36.76 -1.52 -8.80
C ASP B 304 -35.63 -1.35 -9.82
N LYS B 305 -34.92 -2.43 -10.10
CA LYS B 305 -33.81 -2.40 -11.05
C LYS B 305 -33.93 -3.52 -12.07
N LYS B 306 -33.33 -3.29 -13.23
CA LYS B 306 -33.33 -4.28 -14.30
C LYS B 306 -31.91 -4.83 -14.43
N LEU B 307 -31.80 -6.15 -14.46
CA LEU B 307 -30.50 -6.80 -14.59
C LEU B 307 -30.18 -7.02 -16.06
N VAL B 308 -28.91 -6.82 -16.41
CA VAL B 308 -28.45 -7.04 -17.78
C VAL B 308 -27.38 -8.10 -17.66
N ALA B 309 -27.72 -9.31 -18.05
CA ALA B 309 -26.82 -10.45 -17.96
C ALA B 309 -25.73 -10.55 -19.03
N GLY B 310 -24.48 -10.31 -18.64
CA GLY B 310 -23.38 -10.45 -19.57
C GLY B 310 -23.06 -11.93 -19.54
N VAL B 311 -23.62 -12.68 -20.49
CA VAL B 311 -23.43 -14.12 -20.53
C VAL B 311 -22.57 -14.65 -21.68
N ILE B 312 -22.20 -13.78 -22.62
CA ILE B 312 -21.38 -14.17 -23.76
C ILE B 312 -19.95 -13.65 -23.60
N ASN B 313 -19.03 -14.58 -23.38
CA ASN B 313 -17.61 -14.29 -23.17
C ASN B 313 -16.96 -13.41 -24.24
N GLY B 314 -16.31 -12.33 -23.80
CA GLY B 314 -15.66 -11.42 -24.72
C GLY B 314 -14.15 -11.54 -24.83
N ARG B 315 -13.55 -12.51 -24.12
CA ARG B 315 -12.10 -12.69 -24.17
C ARG B 315 -11.66 -14.12 -24.44
N GLN B 316 -12.56 -14.92 -24.99
CA GLN B 316 -12.28 -16.31 -25.34
C GLN B 316 -13.06 -16.57 -26.65
N PRO B 317 -12.46 -17.29 -27.60
CA PRO B 317 -13.12 -17.56 -28.88
C PRO B 317 -14.00 -18.80 -29.02
N TRP B 318 -14.59 -19.30 -27.94
CA TRP B 318 -15.38 -20.51 -28.09
C TRP B 318 -16.90 -20.35 -28.20
N LYS B 319 -17.48 -21.16 -29.07
CA LYS B 319 -18.92 -21.20 -29.30
C LYS B 319 -19.46 -21.89 -28.05
N VAL B 320 -20.69 -21.56 -27.64
CA VAL B 320 -21.25 -22.18 -26.43
C VAL B 320 -22.72 -22.60 -26.52
N ASP B 321 -23.06 -23.67 -25.79
CA ASP B 321 -24.42 -24.19 -25.73
C ASP B 321 -25.39 -23.05 -25.37
N LEU B 322 -25.91 -22.37 -26.38
CA LEU B 322 -26.81 -21.24 -26.16
C LEU B 322 -28.10 -21.61 -25.43
N ARG B 323 -28.39 -22.91 -25.36
CA ARG B 323 -29.58 -23.38 -24.65
C ARG B 323 -29.39 -23.12 -23.16
N LYS B 324 -28.31 -23.68 -22.59
CA LYS B 324 -28.01 -23.50 -21.17
C LYS B 324 -27.92 -22.00 -20.84
N VAL B 325 -27.24 -21.26 -21.70
CA VAL B 325 -27.09 -19.83 -21.49
C VAL B 325 -28.46 -19.16 -21.39
N ALA B 326 -29.37 -19.56 -22.28
CA ALA B 326 -30.72 -19.00 -22.28
C ALA B 326 -31.44 -19.42 -21.00
N SER B 327 -31.22 -20.67 -20.59
CA SER B 327 -31.83 -21.19 -19.39
C SER B 327 -31.30 -20.38 -18.20
N LEU B 328 -30.05 -19.96 -18.29
CA LEU B 328 -29.38 -19.18 -17.25
C LEU B 328 -29.97 -17.77 -17.16
N VAL B 329 -30.33 -17.20 -18.31
CA VAL B 329 -30.89 -15.85 -18.35
C VAL B 329 -32.26 -15.75 -17.70
N GLU B 330 -33.10 -16.76 -17.88
CA GLU B 330 -34.42 -16.71 -17.27
C GLU B 330 -34.22 -16.98 -15.78
N LYS B 331 -33.22 -17.83 -15.46
CA LYS B 331 -32.92 -18.15 -14.07
C LYS B 331 -32.55 -16.88 -13.30
N LEU B 332 -31.74 -16.03 -13.95
CA LEU B 332 -31.31 -14.77 -13.37
C LEU B 332 -32.45 -13.74 -13.42
N GLY B 333 -33.44 -14.05 -14.24
CA GLY B 333 -34.56 -13.14 -14.38
C GLY B 333 -34.12 -11.89 -15.11
N ALA B 334 -32.97 -11.98 -15.77
CA ALA B 334 -32.42 -10.85 -16.49
C ALA B 334 -33.43 -10.40 -17.53
N SER B 335 -33.54 -9.09 -17.68
CA SER B 335 -34.45 -8.47 -18.64
C SER B 335 -33.74 -8.26 -19.97
N ALA B 336 -32.41 -8.07 -19.90
CA ALA B 336 -31.57 -7.86 -21.06
C ALA B 336 -30.40 -8.83 -21.03
N ILE B 337 -29.54 -8.76 -22.03
CA ILE B 337 -28.35 -9.62 -22.11
C ILE B 337 -27.29 -8.90 -22.92
N SER B 338 -26.07 -9.44 -22.88
CA SER B 338 -24.93 -8.87 -23.60
C SER B 338 -23.70 -9.70 -23.33
N ASN B 339 -22.58 -9.29 -23.93
CA ASN B 339 -21.32 -9.97 -23.72
C ASN B 339 -20.85 -9.66 -22.29
N SER B 340 -20.16 -10.62 -21.69
CA SER B 340 -19.64 -10.48 -20.32
C SER B 340 -18.66 -9.30 -20.16
N CYS B 341 -17.61 -9.30 -20.96
CA CYS B 341 -16.60 -8.23 -20.94
C CYS B 341 -16.42 -7.72 -22.36
N PRO B 342 -15.75 -6.57 -22.56
CA PRO B 342 -15.56 -6.04 -23.91
C PRO B 342 -15.12 -7.04 -24.98
N LEU B 343 -15.68 -6.90 -26.17
CA LEU B 343 -15.34 -7.80 -27.27
C LEU B 343 -14.01 -7.47 -27.94
N PHE B 344 -13.43 -6.30 -27.66
CA PHE B 344 -12.16 -5.95 -28.32
C PHE B 344 -10.97 -6.81 -27.91
N HIS B 345 -11.21 -7.81 -27.08
CA HIS B 345 -10.15 -8.73 -26.67
C HIS B 345 -10.13 -9.91 -27.65
N LEU B 346 -11.03 -9.88 -28.63
CA LEU B 346 -11.13 -10.93 -29.64
C LEU B 346 -10.95 -10.34 -31.04
N PRO B 347 -10.59 -11.18 -32.02
CA PRO B 347 -10.41 -10.70 -33.40
C PRO B 347 -11.77 -10.29 -33.97
N VAL B 348 -11.76 -9.57 -35.09
CA VAL B 348 -12.99 -9.12 -35.72
C VAL B 348 -13.92 -10.26 -36.18
N THR B 349 -13.45 -11.10 -37.08
CA THR B 349 -14.29 -12.19 -37.57
C THR B 349 -13.54 -13.48 -37.94
N LEU B 350 -14.22 -14.60 -37.72
CA LEU B 350 -13.66 -15.92 -38.02
C LEU B 350 -13.89 -16.30 -39.49
N GLU B 351 -14.81 -15.60 -40.14
CA GLU B 351 -15.19 -15.85 -41.53
C GLU B 351 -14.19 -16.43 -42.53
N LEU B 352 -13.04 -15.80 -42.70
CA LEU B 352 -12.08 -16.31 -43.67
C LEU B 352 -10.98 -17.23 -43.17
N GLU B 353 -11.05 -17.66 -41.91
CA GLU B 353 -10.03 -18.55 -41.36
C GLU B 353 -10.27 -19.98 -41.87
N ASN B 354 -9.79 -20.25 -43.08
CA ASN B 354 -9.99 -21.57 -43.67
C ASN B 354 -8.73 -22.42 -43.74
N ASN B 355 -7.76 -22.14 -42.87
CA ASN B 355 -6.52 -22.90 -42.85
C ASN B 355 -6.18 -23.40 -41.44
N LEU B 356 -7.23 -23.51 -40.62
CA LEU B 356 -7.13 -23.97 -39.25
C LEU B 356 -7.21 -25.50 -39.15
N PRO B 357 -6.51 -26.09 -38.18
CA PRO B 357 -6.53 -27.55 -38.01
C PRO B 357 -7.96 -28.11 -38.09
N GLY B 358 -8.07 -29.35 -38.54
CA GLY B 358 -9.37 -30.00 -38.71
C GLY B 358 -10.42 -29.84 -37.62
N GLY B 359 -11.62 -29.43 -38.05
CA GLY B 359 -12.75 -29.27 -37.14
C GLY B 359 -12.69 -28.16 -36.09
N LEU B 360 -11.64 -27.34 -36.13
CA LEU B 360 -11.50 -26.26 -35.16
C LEU B 360 -12.44 -25.08 -35.44
N LYS B 361 -12.45 -24.63 -36.68
CA LYS B 361 -13.27 -23.48 -37.08
C LYS B 361 -14.72 -23.61 -36.62
N GLU B 362 -15.25 -24.82 -36.65
CA GLU B 362 -16.62 -25.07 -36.23
C GLU B 362 -16.82 -24.85 -34.73
N LYS B 363 -15.74 -24.83 -33.96
CA LYS B 363 -15.83 -24.64 -32.51
C LYS B 363 -15.57 -23.17 -32.12
N LEU B 364 -15.07 -22.38 -33.07
CA LEU B 364 -14.73 -20.98 -32.82
C LEU B 364 -15.81 -19.94 -33.09
N ALA B 365 -15.58 -18.74 -32.55
CA ALA B 365 -16.47 -17.59 -32.70
C ALA B 365 -15.73 -16.32 -32.26
N PHE B 366 -15.45 -15.41 -33.20
CA PHE B 366 -14.77 -14.18 -32.84
C PHE B 366 -15.77 -13.09 -32.51
N ALA B 367 -15.35 -11.84 -32.57
CA ALA B 367 -16.23 -10.72 -32.22
C ALA B 367 -17.55 -10.64 -33.02
N LYS B 368 -17.48 -10.77 -34.34
CA LYS B 368 -18.69 -10.71 -35.14
C LYS B 368 -19.63 -11.86 -34.78
N GLU B 369 -19.06 -13.05 -34.63
CA GLU B 369 -19.84 -14.23 -34.30
C GLU B 369 -20.50 -14.11 -32.92
N LYS B 370 -19.78 -13.58 -31.94
CA LYS B 370 -20.35 -13.42 -30.60
C LYS B 370 -21.55 -12.49 -30.70
N LEU B 371 -21.45 -11.50 -31.57
CA LEU B 371 -22.53 -10.54 -31.77
C LEU B 371 -23.76 -11.32 -32.26
N GLU B 372 -23.52 -12.25 -33.16
CA GLU B 372 -24.59 -13.08 -33.72
C GLU B 372 -25.12 -14.07 -32.69
N GLU B 373 -24.23 -14.56 -31.82
CA GLU B 373 -24.66 -15.50 -30.79
C GLU B 373 -25.64 -14.78 -29.88
N LEU B 374 -25.44 -13.49 -29.68
CA LEU B 374 -26.33 -12.69 -28.86
C LEU B 374 -27.69 -12.58 -29.55
N LYS B 375 -27.67 -12.40 -30.88
CA LYS B 375 -28.91 -12.29 -31.65
C LYS B 375 -29.75 -13.57 -31.56
N MSE B 376 -29.10 -14.73 -31.69
CA MSE B 376 -29.82 -15.98 -31.60
C MSE B 376 -30.50 -16.07 -30.23
O MSE B 376 -31.67 -16.41 -30.13
CB MSE B 376 -28.89 -17.16 -31.78
CG MSE B 376 -28.42 -17.38 -33.21
SE MSE B 376 -27.24 -18.91 -33.34
CE MSE B 376 -25.53 -17.99 -33.28
N LEU B 377 -29.73 -15.77 -29.18
CA LEU B 377 -30.27 -15.79 -27.81
C LEU B 377 -31.50 -14.90 -27.69
N LYS B 378 -31.44 -13.70 -28.24
CA LYS B 378 -32.57 -12.78 -28.19
C LYS B 378 -33.81 -13.34 -28.88
N ASP B 379 -33.63 -13.98 -30.03
CA ASP B 379 -34.76 -14.55 -30.76
C ASP B 379 -35.36 -15.74 -30.03
N PHE B 380 -34.51 -16.62 -29.52
CA PHE B 380 -34.97 -17.80 -28.80
C PHE B 380 -35.81 -17.40 -27.59
N LEU B 381 -35.32 -16.41 -26.85
CA LEU B 381 -36.01 -15.93 -25.66
C LEU B 381 -37.34 -15.25 -25.96
N GLU B 382 -37.40 -14.51 -27.07
CA GLU B 382 -38.64 -13.83 -27.43
C GLU B 382 -39.54 -14.74 -28.25
N GLY B 383 -39.30 -16.05 -28.14
CA GLY B 383 -40.11 -17.01 -28.88
C GLY B 383 -40.16 -16.76 -30.37
N LYS B 384 -39.11 -16.15 -30.93
CA LYS B 384 -39.06 -15.86 -32.35
C LYS B 384 -38.43 -17.04 -33.11
N THR B 385 -37.93 -18.02 -32.37
CA THR B 385 -37.30 -19.19 -32.95
C THR B 385 -37.51 -20.38 -32.02
N PHE B 396 -12.72 -33.54 -28.21
CA PHE B 396 -12.16 -32.92 -29.41
C PHE B 396 -10.72 -32.44 -29.21
N ALA B 397 -9.87 -32.75 -30.19
CA ALA B 397 -8.46 -32.35 -30.16
C ALA B 397 -7.77 -32.79 -28.87
N VAL B 398 -8.26 -33.90 -28.30
CA VAL B 398 -7.69 -34.43 -27.08
C VAL B 398 -6.81 -35.65 -27.36
N ASP B 399 -5.64 -35.67 -26.74
CA ASP B 399 -4.68 -36.76 -26.86
C ASP B 399 -4.73 -37.48 -25.50
N LEU B 400 -5.33 -38.67 -25.49
CA LEU B 400 -5.46 -39.45 -24.27
C LEU B 400 -4.13 -39.70 -23.56
N GLN B 401 -3.23 -40.42 -24.20
CA GLN B 401 -1.92 -40.72 -23.61
C GLN B 401 -1.33 -39.49 -22.94
N ALA B 402 -1.22 -38.40 -23.70
CA ALA B 402 -0.66 -37.15 -23.20
C ALA B 402 -1.41 -36.63 -21.96
N VAL B 403 -2.72 -36.53 -22.08
CA VAL B 403 -3.54 -36.05 -20.97
C VAL B 403 -3.34 -36.90 -19.73
N GLU B 404 -3.31 -38.22 -19.90
CA GLU B 404 -3.12 -39.13 -18.78
C GLU B 404 -1.71 -38.97 -18.23
N ARG B 405 -0.72 -38.90 -19.12
CA ARG B 405 0.68 -38.75 -18.72
C ARG B 405 0.82 -37.63 -17.70
N VAL B 406 0.25 -36.47 -18.02
CA VAL B 406 0.30 -35.32 -17.13
C VAL B 406 -0.38 -35.66 -15.80
N ARG B 407 -1.48 -36.38 -15.89
CA ARG B 407 -2.23 -36.77 -14.70
C ARG B 407 -1.40 -37.63 -13.76
N ASN B 408 -0.52 -38.46 -14.32
CA ASN B 408 0.31 -39.35 -13.51
C ASN B 408 1.80 -39.04 -13.67
N PRO B 410 4.60 -37.99 -11.40
CA PRO B 410 5.10 -38.09 -10.01
C PRO B 410 5.37 -36.73 -9.37
N GLU B 411 5.38 -36.69 -8.04
CA GLU B 411 5.62 -35.46 -7.29
C GLU B 411 7.05 -34.97 -7.51
N ASP B 412 7.96 -35.86 -7.90
CA ASP B 412 9.34 -35.48 -8.14
C ASP B 412 9.49 -34.68 -9.43
N SER B 413 8.48 -34.74 -10.28
CA SER B 413 8.52 -34.00 -11.54
C SER B 413 8.42 -32.49 -11.28
N PHE B 414 7.96 -32.12 -10.09
CA PHE B 414 7.81 -30.71 -9.73
C PHE B 414 8.91 -30.16 -8.80
N ARG B 415 9.94 -30.95 -8.54
CA ARG B 415 11.03 -30.52 -7.67
C ARG B 415 12.36 -31.08 -8.17
N ARG B 416 13.41 -30.26 -8.16
CA ARG B 416 14.72 -30.71 -8.63
C ARG B 416 15.39 -31.66 -7.63
N GLU B 417 16.24 -32.55 -8.15
CA GLU B 417 16.92 -33.57 -7.34
C GLU B 417 17.68 -33.06 -6.11
N LYS B 418 18.49 -32.02 -6.28
CA LYS B 418 19.26 -31.49 -5.16
C LYS B 418 18.88 -30.04 -4.89
N GLU B 419 18.88 -29.64 -3.62
CA GLU B 419 18.53 -28.26 -3.24
C GLU B 419 19.53 -27.23 -3.74
N TYR B 420 19.08 -25.98 -3.85
CA TYR B 420 19.92 -24.90 -4.36
C TYR B 420 21.37 -24.87 -3.90
N THR B 421 21.60 -24.88 -2.59
CA THR B 421 22.97 -24.83 -2.09
C THR B 421 23.86 -25.88 -2.74
N GLU B 422 23.39 -27.13 -2.79
CA GLU B 422 24.17 -28.20 -3.41
C GLU B 422 24.37 -27.86 -4.89
N ARG B 423 23.26 -27.54 -5.55
CA ARG B 423 23.22 -27.18 -6.96
C ARG B 423 24.20 -26.06 -7.25
N ASP B 424 24.21 -25.04 -6.41
CA ASP B 424 25.09 -23.89 -6.58
C ASP B 424 26.55 -24.32 -6.66
N ARG B 425 26.99 -25.10 -5.68
CA ARG B 425 28.36 -25.58 -5.63
C ARG B 425 28.75 -26.26 -6.95
N ILE B 426 27.89 -27.19 -7.38
CA ILE B 426 28.09 -27.96 -8.60
C ILE B 426 28.28 -27.08 -9.84
N GLN B 427 27.33 -26.18 -10.10
CA GLN B 427 27.43 -25.31 -11.28
C GLN B 427 28.55 -24.28 -11.21
N ARG B 428 28.82 -23.73 -10.02
CA ARG B 428 29.89 -22.75 -9.91
C ARG B 428 31.24 -23.38 -10.25
N GLU B 429 31.35 -24.69 -10.07
CA GLU B 429 32.57 -25.42 -10.38
C GLU B 429 32.62 -25.67 -11.89
N ARG B 430 31.46 -26.08 -12.44
CA ARG B 430 31.31 -26.38 -13.86
C ARG B 430 31.46 -25.12 -14.71
N LEU B 431 30.75 -24.07 -14.35
CA LEU B 431 30.80 -22.80 -15.08
C LEU B 431 32.07 -22.04 -14.82
N ASN B 432 32.46 -21.97 -13.55
CA ASN B 432 33.67 -21.25 -13.18
C ASN B 432 33.66 -19.83 -13.75
N LEU B 433 32.69 -19.02 -13.33
CA LEU B 433 32.57 -17.64 -13.79
C LEU B 433 33.27 -16.68 -12.84
N PRO B 434 33.62 -15.48 -13.31
CA PRO B 434 34.29 -14.48 -12.48
C PRO B 434 33.26 -13.75 -11.63
N LEU B 435 33.73 -12.99 -10.64
CA LEU B 435 32.83 -12.24 -9.79
C LEU B 435 32.13 -11.19 -10.66
N PHE B 436 30.87 -10.92 -10.38
CA PHE B 436 30.09 -9.96 -11.17
C PHE B 436 30.18 -10.34 -12.65
N PRO B 437 29.62 -11.50 -13.03
CA PRO B 437 29.64 -11.94 -14.42
C PRO B 437 28.58 -11.20 -15.24
N THR B 438 28.95 -10.74 -16.43
CA THR B 438 28.04 -10.02 -17.30
C THR B 438 27.30 -10.97 -18.25
N THR B 439 26.13 -10.55 -18.71
CA THR B 439 25.35 -11.35 -19.64
C THR B 439 24.18 -10.51 -20.16
N THR B 440 23.39 -11.06 -21.07
CA THR B 440 22.23 -10.35 -21.61
C THR B 440 21.00 -11.24 -21.55
N ILE B 441 19.84 -10.63 -21.78
CA ILE B 441 18.57 -11.33 -21.69
C ILE B 441 18.20 -12.24 -22.88
N GLY B 442 18.87 -12.08 -24.01
CA GLY B 442 18.56 -12.97 -25.11
C GLY B 442 18.45 -12.41 -26.51
N SER B 443 17.57 -11.45 -26.72
CA SER B 443 17.38 -10.87 -28.03
C SER B 443 18.34 -9.72 -28.36
N PHE B 444 18.79 -9.69 -29.62
CA PHE B 444 19.67 -8.64 -30.10
C PHE B 444 18.94 -7.85 -31.18
N PRO B 445 19.45 -6.65 -31.55
CA PRO B 445 18.84 -5.80 -32.57
C PRO B 445 18.61 -6.49 -33.92
N GLN B 446 17.51 -6.13 -34.56
CA GLN B 446 17.17 -6.68 -35.87
C GLN B 446 17.35 -5.62 -36.94
N THR B 447 18.37 -5.76 -37.78
CA THR B 447 18.58 -4.79 -38.85
C THR B 447 17.49 -5.05 -39.90
N PRO B 448 17.28 -4.10 -40.82
CA PRO B 448 16.24 -4.36 -41.82
C PRO B 448 16.52 -5.67 -42.55
N GLU B 449 17.81 -6.02 -42.61
CA GLU B 449 18.29 -7.23 -43.24
C GLU B 449 17.68 -8.44 -42.53
N VAL B 450 17.83 -8.48 -41.21
CA VAL B 450 17.28 -9.58 -40.44
C VAL B 450 15.77 -9.46 -40.52
N ARG B 451 15.27 -8.23 -40.45
CA ARG B 451 13.83 -8.01 -40.53
C ARG B 451 13.36 -8.67 -41.83
N LYS B 452 14.07 -8.37 -42.91
CA LYS B 452 13.74 -8.94 -44.22
C LYS B 452 13.61 -10.46 -44.14
N MSE B 453 14.76 -11.14 -44.15
CA MSE B 453 14.78 -12.60 -44.10
C MSE B 453 13.82 -13.14 -43.04
O MSE B 453 12.63 -13.36 -43.31
CB MSE B 453 16.20 -13.10 -43.81
CG MSE B 453 17.27 -12.49 -44.70
SE MSE B 453 17.17 -13.01 -46.57
CE MSE B 453 18.06 -14.73 -46.47
N ILE B 462 12.95 -16.91 -50.01
CA ILE B 462 14.11 -17.77 -49.75
C ILE B 462 13.65 -19.16 -49.34
N SER B 463 14.54 -20.14 -49.48
CA SER B 463 14.21 -21.52 -49.11
C SER B 463 14.50 -21.72 -47.64
N LYS B 464 14.02 -22.84 -47.09
CA LYS B 464 14.24 -23.12 -45.69
C LYS B 464 15.74 -23.18 -45.40
N GLU B 465 16.47 -23.92 -46.24
CA GLU B 465 17.91 -24.08 -46.07
C GLU B 465 18.65 -22.75 -46.22
N GLU B 466 18.14 -21.87 -47.07
CA GLU B 466 18.75 -20.57 -47.31
C GLU B 466 18.63 -19.70 -46.08
N TYR B 467 17.43 -19.64 -45.52
CA TYR B 467 17.18 -18.83 -44.34
C TYR B 467 17.94 -19.37 -43.14
N GLU B 468 17.86 -20.67 -42.92
CA GLU B 468 18.58 -21.28 -41.81
C GLU B 468 20.08 -20.97 -41.87
N ALA B 469 20.60 -20.76 -43.08
CA ALA B 469 22.03 -20.45 -43.24
C ALA B 469 22.22 -18.98 -42.89
N PHE B 470 21.19 -18.19 -43.13
CA PHE B 470 21.26 -16.76 -42.83
C PHE B 470 21.31 -16.57 -41.32
N ILE B 471 20.51 -17.36 -40.61
CA ILE B 471 20.44 -17.30 -39.16
C ILE B 471 21.80 -17.71 -38.56
N LYS B 472 22.29 -18.89 -38.91
CA LYS B 472 23.57 -19.33 -38.39
C LYS B 472 24.66 -18.31 -38.73
N GLU B 473 24.45 -17.54 -39.78
CA GLU B 473 25.42 -16.52 -40.17
C GLU B 473 25.31 -15.33 -39.21
N GLN B 474 24.08 -15.02 -38.81
CA GLN B 474 23.85 -13.92 -37.88
C GLN B 474 24.27 -14.33 -36.47
N ILE B 475 23.95 -15.55 -36.08
CA ILE B 475 24.32 -16.05 -34.77
C ILE B 475 25.83 -16.05 -34.62
N LYS B 476 26.53 -16.37 -35.70
CA LYS B 476 27.99 -16.41 -35.71
C LYS B 476 28.59 -15.03 -35.47
N LYS B 477 28.01 -14.01 -36.09
CA LYS B 477 28.51 -12.65 -35.92
C LYS B 477 28.16 -12.14 -34.51
N ALA B 478 26.94 -12.40 -34.07
CA ALA B 478 26.49 -11.98 -32.75
C ALA B 478 27.44 -12.51 -31.68
N ILE B 479 27.78 -13.79 -31.81
CA ILE B 479 28.68 -14.45 -30.88
C ILE B 479 30.06 -13.80 -30.91
N GLU B 480 30.59 -13.62 -32.11
CA GLU B 480 31.92 -13.02 -32.27
C GLU B 480 31.91 -11.61 -31.71
N LEU B 481 30.73 -11.01 -31.67
CA LEU B 481 30.59 -9.65 -31.13
C LEU B 481 30.66 -9.70 -29.62
N GLN B 482 29.94 -10.65 -29.03
CA GLN B 482 29.92 -10.79 -27.58
C GLN B 482 31.30 -11.11 -27.03
N GLU B 483 32.00 -12.04 -27.68
CA GLU B 483 33.35 -12.40 -27.25
C GLU B 483 34.26 -11.18 -27.29
N GLU B 484 34.22 -10.45 -28.41
CA GLU B 484 35.03 -9.26 -28.61
C GLU B 484 34.79 -8.16 -27.56
N ILE B 485 33.54 -7.99 -27.16
CA ILE B 485 33.22 -6.96 -26.18
C ILE B 485 33.66 -7.37 -24.78
N GLY B 486 33.52 -8.65 -24.46
CA GLY B 486 33.96 -9.11 -23.15
C GLY B 486 32.89 -9.73 -22.26
N LEU B 487 31.79 -10.16 -22.86
CA LEU B 487 30.71 -10.78 -22.11
C LEU B 487 31.04 -12.20 -21.66
N ASP B 488 30.68 -12.52 -20.42
CA ASP B 488 30.94 -13.83 -19.83
C ASP B 488 29.98 -14.94 -20.26
N VAL B 489 28.68 -14.68 -20.24
CA VAL B 489 27.71 -15.67 -20.66
C VAL B 489 26.98 -15.11 -21.86
N LEU B 490 27.01 -15.84 -22.97
CA LEU B 490 26.41 -15.36 -24.19
C LEU B 490 25.03 -15.88 -24.56
N VAL B 491 24.45 -15.22 -25.56
CA VAL B 491 23.13 -15.56 -26.07
C VAL B 491 23.21 -15.61 -27.60
N HIS B 492 22.23 -16.23 -28.25
CA HIS B 492 22.30 -16.34 -29.71
C HIS B 492 21.62 -15.23 -30.51
N GLY B 493 20.89 -14.34 -29.85
CA GLY B 493 20.24 -13.25 -30.55
C GLY B 493 18.75 -13.34 -30.82
N GLU B 494 18.20 -14.54 -30.96
CA GLU B 494 16.77 -14.73 -31.24
C GLU B 494 16.37 -14.07 -32.57
N PHE B 495 17.28 -14.09 -33.54
CA PHE B 495 17.00 -13.50 -34.84
C PHE B 495 15.93 -14.31 -35.58
N GLU B 496 15.87 -15.60 -35.28
CA GLU B 496 14.90 -16.45 -35.95
C GLU B 496 13.51 -16.40 -35.32
N ARG B 497 13.34 -15.60 -34.27
CA ARG B 497 12.04 -15.50 -33.61
C ARG B 497 11.44 -14.13 -33.78
N THR B 498 10.13 -14.06 -34.01
CA THR B 498 9.47 -12.77 -34.17
C THR B 498 8.78 -12.35 -32.88
N ASP B 499 8.34 -13.35 -32.12
CA ASP B 499 7.61 -13.16 -30.87
C ASP B 499 7.94 -14.34 -29.92
N MSE B 500 8.13 -14.05 -28.63
CA MSE B 500 8.48 -15.08 -27.66
C MSE B 500 7.44 -16.19 -27.40
O MSE B 500 7.75 -17.21 -26.79
CB MSE B 500 8.87 -14.44 -26.32
CG MSE B 500 7.73 -13.81 -25.53
SE MSE B 500 8.39 -12.97 -23.87
CE MSE B 500 8.42 -11.13 -24.47
N VAL B 501 6.21 -15.98 -27.85
CA VAL B 501 5.16 -16.96 -27.69
C VAL B 501 4.91 -17.57 -29.07
N GLU B 502 4.83 -16.69 -30.06
CA GLU B 502 4.61 -17.06 -31.46
C GLU B 502 5.55 -18.19 -31.88
N PHE B 503 6.84 -17.95 -31.75
CA PHE B 503 7.87 -18.92 -32.10
C PHE B 503 7.61 -20.30 -31.50
N PHE B 504 7.10 -20.33 -30.26
CA PHE B 504 6.83 -21.61 -29.64
C PHE B 504 5.44 -22.11 -29.97
N ALA B 505 4.50 -21.17 -30.12
CA ALA B 505 3.13 -21.53 -30.43
C ALA B 505 3.04 -22.33 -31.72
N GLU B 506 3.89 -21.98 -32.69
CA GLU B 506 3.88 -22.66 -33.98
C GLU B 506 4.55 -24.03 -33.94
N LYS B 507 5.30 -24.31 -32.88
CA LYS B 507 5.98 -25.59 -32.76
C LYS B 507 5.37 -26.59 -31.78
N LEU B 508 4.20 -26.25 -31.22
CA LEU B 508 3.53 -27.13 -30.27
C LEU B 508 2.24 -27.70 -30.83
N ASN B 509 2.00 -28.98 -30.58
CA ASN B 509 0.75 -29.59 -31.03
C ASN B 509 -0.32 -29.11 -30.06
N GLY B 510 -1.57 -29.10 -30.49
CA GLY B 510 -2.65 -28.66 -29.63
C GLY B 510 -2.81 -27.15 -29.64
N ILE B 511 -1.99 -26.47 -30.42
CA ILE B 511 -2.03 -25.01 -30.52
C ILE B 511 -2.05 -24.55 -31.98
N ALA B 512 -3.10 -23.83 -32.36
CA ALA B 512 -3.21 -23.34 -33.73
C ALA B 512 -2.94 -21.85 -33.78
N THR B 513 -2.56 -21.37 -34.97
CA THR B 513 -2.28 -19.95 -35.18
C THR B 513 -3.17 -19.47 -36.33
N THR B 514 -3.68 -18.25 -36.22
CA THR B 514 -4.55 -17.71 -37.26
C THR B 514 -3.77 -16.87 -38.27
N GLN B 515 -4.46 -16.50 -39.34
CA GLN B 515 -3.90 -15.68 -40.40
C GLN B 515 -4.33 -14.22 -40.25
N ASN B 516 -5.55 -14.01 -39.76
CA ASN B 516 -6.07 -12.64 -39.62
C ASN B 516 -6.61 -12.27 -38.24
N GLY B 517 -6.50 -13.20 -37.28
CA GLY B 517 -7.00 -12.93 -35.94
C GLY B 517 -6.22 -11.85 -35.20
N TRP B 518 -6.33 -10.62 -35.65
CA TRP B 518 -5.63 -9.49 -35.03
C TRP B 518 -6.39 -8.90 -33.85
N VAL B 519 -5.65 -8.61 -32.79
CA VAL B 519 -6.16 -8.05 -31.56
C VAL B 519 -5.29 -6.85 -31.16
N LEU B 520 -5.94 -5.73 -30.81
CA LEU B 520 -5.24 -4.52 -30.43
C LEU B 520 -4.51 -4.65 -29.10
N SER B 521 -3.26 -4.20 -29.06
CA SER B 521 -2.45 -4.22 -27.85
C SER B 521 -2.51 -2.80 -27.29
N TYR B 522 -2.31 -1.83 -28.17
CA TYR B 522 -2.36 -0.41 -27.82
C TYR B 522 -2.09 0.38 -29.08
N GLY B 523 -2.49 1.65 -29.11
CA GLY B 523 -2.26 2.49 -30.26
C GLY B 523 -2.59 1.88 -31.61
N SER B 524 -1.55 1.65 -32.41
CA SER B 524 -1.69 1.04 -33.74
C SER B 524 -1.05 -0.35 -33.77
N ARG B 525 -0.65 -0.86 -32.61
CA ARG B 525 0.00 -2.16 -32.54
C ARG B 525 -0.97 -3.30 -32.25
N CYS B 526 -0.94 -4.31 -33.12
CA CYS B 526 -1.81 -5.48 -33.01
C CYS B 526 -0.99 -6.77 -33.03
N TYR B 527 -1.58 -7.85 -32.52
CA TYR B 527 -0.89 -9.12 -32.56
C TYR B 527 -1.97 -10.17 -32.77
N ARG B 528 -1.56 -11.37 -33.17
CA ARG B 528 -2.50 -12.46 -33.39
C ARG B 528 -2.25 -13.49 -32.29
N PRO B 529 -3.20 -13.62 -31.36
CA PRO B 529 -3.00 -14.59 -30.29
C PRO B 529 -3.21 -16.04 -30.77
N PRO B 530 -2.34 -16.96 -30.33
CA PRO B 530 -2.48 -18.37 -30.74
C PRO B 530 -3.75 -18.94 -30.11
N ILE B 531 -4.18 -20.11 -30.56
CA ILE B 531 -5.36 -20.74 -29.99
C ILE B 531 -5.02 -22.16 -29.51
N ILE B 532 -4.95 -22.32 -28.19
CA ILE B 532 -4.66 -23.62 -27.57
C ILE B 532 -5.97 -24.40 -27.61
N TYR B 533 -6.19 -25.12 -28.71
CA TYR B 533 -7.44 -25.86 -28.89
C TYR B 533 -7.48 -27.28 -28.38
N GLY B 534 -6.32 -27.93 -28.29
CA GLY B 534 -6.31 -29.30 -27.82
C GLY B 534 -5.18 -29.57 -26.86
N THR B 535 -4.95 -30.86 -26.59
CA THR B 535 -3.87 -31.27 -25.71
C THR B 535 -2.56 -30.79 -26.33
N VAL B 536 -1.69 -30.22 -25.50
CA VAL B 536 -0.40 -29.69 -25.95
C VAL B 536 0.74 -30.68 -25.78
N THR B 537 1.54 -30.84 -26.84
CA THR B 537 2.71 -31.73 -26.81
C THR B 537 3.81 -31.13 -27.68
N ARG B 538 5.05 -31.56 -27.44
CA ARG B 538 6.19 -31.07 -28.20
C ARG B 538 6.64 -32.21 -29.12
N PRO B 539 6.14 -32.20 -30.36
CA PRO B 539 6.49 -33.24 -31.33
C PRO B 539 7.99 -33.42 -31.64
N GLU B 540 8.75 -32.34 -31.57
CA GLU B 540 10.19 -32.39 -31.85
C GLU B 540 10.90 -31.19 -31.24
N PRO B 541 12.24 -31.27 -31.06
CA PRO B 541 13.01 -30.16 -30.48
C PRO B 541 12.61 -28.88 -31.20
N MSE B 542 12.51 -27.78 -30.46
CA MSE B 542 12.11 -26.51 -31.03
C MSE B 542 13.24 -25.49 -31.18
O MSE B 542 13.16 -24.59 -32.00
CB MSE B 542 11.00 -25.90 -30.18
CG MSE B 542 9.90 -26.87 -29.84
SE MSE B 542 8.55 -26.12 -28.67
CE MSE B 542 9.56 -26.17 -26.99
N THR B 543 14.30 -25.63 -30.38
CA THR B 543 15.40 -24.67 -30.42
C THR B 543 16.80 -25.26 -30.45
N LEU B 544 16.89 -26.59 -30.42
CA LEU B 544 18.19 -27.24 -30.42
C LEU B 544 19.12 -26.85 -31.57
N LYS B 545 18.56 -26.69 -32.76
CA LYS B 545 19.36 -26.36 -33.92
C LYS B 545 20.14 -25.06 -33.74
N GLU B 546 19.44 -24.02 -33.28
CA GLU B 546 20.04 -22.70 -33.08
C GLU B 546 21.04 -22.61 -31.93
N ILE B 547 20.68 -23.15 -30.77
CA ILE B 547 21.57 -23.07 -29.60
C ILE B 547 22.80 -23.97 -29.76
N THR B 548 22.59 -25.18 -30.26
CA THR B 548 23.68 -26.12 -30.47
C THR B 548 24.76 -25.47 -31.32
N TYR B 549 24.33 -24.80 -32.39
CA TYR B 549 25.25 -24.12 -33.29
C TYR B 549 26.03 -23.03 -32.57
N ALA B 550 25.30 -22.09 -31.99
CA ALA B 550 25.89 -20.97 -31.27
C ALA B 550 26.92 -21.45 -30.25
N GLN B 551 26.61 -22.51 -29.53
CA GLN B 551 27.54 -23.00 -28.53
C GLN B 551 28.81 -23.54 -29.20
N SER B 552 28.66 -24.18 -30.35
CA SER B 552 29.80 -24.74 -31.07
C SER B 552 30.75 -23.67 -31.61
N LEU B 553 30.48 -22.41 -31.31
CA LEU B 553 31.32 -21.32 -31.80
C LEU B 553 32.19 -20.70 -30.70
N THR B 554 31.90 -21.04 -29.44
CA THR B 554 32.63 -20.45 -28.32
C THR B 554 32.83 -21.39 -27.13
N GLU B 555 33.91 -21.16 -26.38
CA GLU B 555 34.21 -21.96 -25.20
C GLU B 555 33.35 -21.43 -24.05
N LYS B 556 32.89 -20.18 -24.21
CA LYS B 556 32.06 -19.55 -23.20
C LYS B 556 30.67 -20.19 -23.21
N PRO B 557 29.95 -20.09 -22.09
CA PRO B 557 28.62 -20.68 -22.05
C PRO B 557 27.59 -19.80 -22.74
N VAL B 558 26.76 -20.41 -23.57
CA VAL B 558 25.69 -19.73 -24.28
C VAL B 558 24.42 -20.34 -23.68
N LYS B 559 23.43 -19.52 -23.39
CA LYS B 559 22.24 -20.06 -22.76
C LYS B 559 21.03 -20.45 -23.60
N GLY B 560 20.32 -21.48 -23.11
CA GLY B 560 19.12 -21.93 -23.77
C GLY B 560 18.14 -20.79 -23.55
N MSE B 561 17.19 -20.62 -24.45
CA MSE B 561 16.24 -19.52 -24.33
C MSE B 561 14.83 -20.06 -24.51
O MSE B 561 14.44 -20.47 -25.60
CB MSE B 561 16.55 -18.45 -25.37
CG MSE B 561 15.85 -17.13 -25.16
SE MSE B 561 16.25 -16.31 -23.43
CE MSE B 561 18.19 -16.28 -23.51
N LEU B 562 14.06 -20.06 -23.43
CA LEU B 562 12.70 -20.59 -23.48
C LEU B 562 11.71 -19.65 -22.84
N THR B 563 10.43 -19.88 -23.13
CA THR B 563 9.35 -19.08 -22.60
C THR B 563 8.55 -19.98 -21.67
N GLY B 564 8.17 -19.44 -20.51
CA GLY B 564 7.41 -20.21 -19.54
C GLY B 564 6.03 -20.63 -19.98
N PRO B 565 5.43 -21.62 -19.32
CA PRO B 565 4.10 -22.08 -19.69
C PRO B 565 2.98 -21.07 -19.46
N VAL B 566 3.05 -20.34 -18.36
CA VAL B 566 2.01 -19.35 -18.07
C VAL B 566 2.04 -18.19 -19.06
N THR B 567 3.24 -17.77 -19.47
CA THR B 567 3.37 -16.68 -20.43
C THR B 567 2.73 -17.09 -21.76
N ILE B 568 3.04 -18.31 -22.22
CA ILE B 568 2.47 -18.80 -23.46
C ILE B 568 0.95 -18.79 -23.34
N MSE B 569 0.44 -19.32 -22.24
CA MSE B 569 -1.00 -19.36 -21.99
C MSE B 569 -1.55 -17.94 -21.96
O MSE B 569 -2.61 -17.65 -22.51
CB MSE B 569 -1.31 -19.99 -20.65
CG MSE B 569 -1.69 -21.45 -20.70
SE MSE B 569 -2.31 -21.95 -18.92
CE MSE B 569 -4.21 -21.82 -19.18
N SER B 570 -0.80 -17.07 -21.30
CA SER B 570 -1.17 -15.67 -21.14
C SER B 570 -1.39 -14.92 -22.44
N TRP B 571 -0.56 -15.19 -23.45
CA TRP B 571 -0.70 -14.50 -24.73
C TRP B 571 -1.65 -15.23 -25.66
N SER B 572 -2.11 -16.42 -25.28
CA SER B 572 -2.97 -17.21 -26.15
C SER B 572 -4.38 -17.44 -25.65
N TYR B 573 -5.28 -17.80 -26.55
CA TYR B 573 -6.64 -18.12 -26.16
C TYR B 573 -6.51 -19.59 -25.74
N TYR B 574 -7.49 -20.14 -25.01
CA TYR B 574 -7.39 -21.55 -24.62
C TYR B 574 -8.69 -22.17 -24.14
N ARG B 575 -8.78 -23.49 -24.30
CA ARG B 575 -9.96 -24.26 -23.92
C ARG B 575 -10.47 -23.93 -22.52
N GLU B 576 -11.77 -23.65 -22.44
CA GLU B 576 -12.40 -23.32 -21.17
C GLU B 576 -12.92 -24.58 -20.52
N ASP B 577 -12.82 -25.70 -21.21
CA ASP B 577 -13.32 -26.97 -20.68
C ASP B 577 -12.41 -27.59 -19.64
N ILE B 578 -11.14 -27.85 -19.96
CA ILE B 578 -10.27 -28.44 -18.95
C ILE B 578 -9.72 -27.38 -18.00
N PRO B 579 -9.36 -27.78 -16.77
CA PRO B 579 -8.82 -26.81 -15.81
C PRO B 579 -7.60 -26.10 -16.34
N GLU B 580 -7.47 -24.83 -15.96
CA GLU B 580 -6.36 -23.98 -16.36
C GLU B 580 -5.04 -24.64 -16.00
N ARG B 581 -4.98 -25.19 -14.79
CA ARG B 581 -3.77 -25.84 -14.31
C ARG B 581 -3.34 -26.96 -15.24
N GLU B 582 -4.30 -27.77 -15.67
CA GLU B 582 -3.98 -28.91 -16.55
C GLU B 582 -3.33 -28.45 -17.85
N ILE B 583 -3.87 -27.39 -18.42
CA ILE B 583 -3.32 -26.87 -19.65
C ILE B 583 -1.88 -26.39 -19.38
N ALA B 584 -1.70 -25.66 -18.28
CA ALA B 584 -0.38 -25.16 -17.90
C ALA B 584 0.61 -26.28 -17.66
N TYR B 585 0.14 -27.41 -17.14
CA TYR B 585 1.04 -28.52 -16.89
C TYR B 585 1.45 -29.18 -18.18
N GLN B 586 0.51 -29.26 -19.13
CA GLN B 586 0.80 -29.85 -20.44
C GLN B 586 1.90 -29.03 -21.11
N ILE B 587 1.70 -27.70 -21.13
CA ILE B 587 2.68 -26.80 -21.72
C ILE B 587 4.02 -26.93 -21.00
N ALA B 588 3.97 -26.96 -19.68
CA ALA B 588 5.16 -27.07 -18.84
C ALA B 588 5.99 -28.31 -19.16
N LEU B 589 5.32 -29.45 -19.30
CA LEU B 589 6.01 -30.69 -19.58
C LEU B 589 6.67 -30.63 -20.96
N ALA B 590 5.95 -30.10 -21.95
CA ALA B 590 6.46 -29.98 -23.31
C ALA B 590 7.72 -29.09 -23.32
N ILE B 591 7.75 -28.11 -22.42
CA ILE B 591 8.91 -27.22 -22.31
C ILE B 591 10.04 -27.95 -21.58
N ASN B 592 9.69 -28.79 -20.61
CA ASN B 592 10.69 -29.54 -19.85
C ASN B 592 11.37 -30.51 -20.80
N GLU B 593 10.63 -31.05 -21.76
CA GLU B 593 11.23 -31.97 -22.71
C GLU B 593 12.32 -31.26 -23.50
N GLU B 594 12.09 -29.99 -23.84
CA GLU B 594 13.09 -29.21 -24.56
C GLU B 594 14.29 -29.00 -23.64
N VAL B 595 14.00 -28.65 -22.39
CA VAL B 595 15.03 -28.44 -21.37
C VAL B 595 15.98 -29.64 -21.32
N LYS B 596 15.41 -30.84 -21.23
CA LYS B 596 16.21 -32.06 -21.17
C LYS B 596 17.06 -32.28 -22.42
N ASP B 597 16.49 -32.01 -23.59
CA ASP B 597 17.22 -32.17 -24.85
C ASP B 597 18.37 -31.18 -24.88
N LEU B 598 18.16 -30.01 -24.29
CA LEU B 598 19.19 -28.98 -24.25
C LEU B 598 20.36 -29.38 -23.35
N GLU B 599 20.06 -29.87 -22.16
CA GLU B 599 21.13 -30.28 -21.26
C GLU B 599 21.80 -31.55 -21.81
N GLU B 600 20.99 -32.43 -22.42
CA GLU B 600 21.53 -33.65 -23.01
C GLU B 600 22.46 -33.30 -24.16
N ALA B 601 22.38 -32.07 -24.63
CA ALA B 601 23.22 -31.63 -25.75
C ALA B 601 24.43 -30.83 -25.29
N GLY B 602 24.66 -30.76 -23.98
CA GLY B 602 25.81 -30.02 -23.48
C GLY B 602 25.59 -28.58 -23.03
N ILE B 603 24.38 -28.06 -23.21
CA ILE B 603 24.08 -26.69 -22.78
C ILE B 603 24.06 -26.64 -21.24
N LYS B 604 24.85 -25.73 -20.66
CA LYS B 604 24.98 -25.59 -19.21
C LYS B 604 24.03 -24.61 -18.52
N ILE B 605 23.59 -23.58 -19.23
CA ILE B 605 22.69 -22.57 -18.66
C ILE B 605 21.41 -22.45 -19.47
N VAL B 606 20.26 -22.62 -18.82
CA VAL B 606 18.98 -22.51 -19.50
C VAL B 606 18.10 -21.43 -18.87
N GLN B 607 17.64 -20.50 -19.69
CA GLN B 607 16.79 -19.39 -19.24
C GLN B 607 15.33 -19.58 -19.58
N ILE B 608 14.46 -19.29 -18.61
CA ILE B 608 13.03 -19.39 -18.82
C ILE B 608 12.39 -18.03 -18.55
N ASP B 609 11.85 -17.41 -19.60
CA ASP B 609 11.21 -16.10 -19.50
C ASP B 609 9.76 -16.27 -19.06
N GLU B 610 9.41 -15.78 -17.89
CA GLU B 610 8.04 -15.94 -17.43
C GLU B 610 7.48 -14.62 -16.91
N PRO B 611 7.36 -13.61 -17.81
CA PRO B 611 6.83 -12.30 -17.40
C PRO B 611 5.34 -12.34 -17.04
N ALA B 612 4.63 -13.36 -17.49
CA ALA B 612 3.22 -13.45 -17.19
C ALA B 612 2.98 -14.02 -15.79
N PHE B 613 4.06 -14.39 -15.09
CA PHE B 613 3.95 -14.95 -13.75
C PHE B 613 2.98 -14.13 -12.93
N ARG B 614 3.22 -12.82 -12.83
CA ARG B 614 2.31 -11.98 -12.09
C ARG B 614 1.18 -11.46 -12.96
N GLU B 615 1.53 -10.98 -14.15
CA GLU B 615 0.55 -10.44 -15.08
C GLU B 615 -0.70 -11.29 -15.29
N LYS B 616 -0.56 -12.62 -15.18
CA LYS B 616 -1.69 -13.49 -15.38
C LYS B 616 -2.50 -13.79 -14.12
N ALA B 617 -2.04 -13.31 -12.97
CA ALA B 617 -2.76 -13.54 -11.70
C ALA B 617 -4.12 -12.85 -11.74
N PRO B 618 -5.07 -13.28 -10.91
CA PRO B 618 -6.41 -12.69 -10.87
C PRO B 618 -6.39 -11.22 -10.45
N ILE B 619 -7.38 -10.47 -10.92
CA ILE B 619 -7.52 -9.05 -10.60
C ILE B 619 -7.65 -8.91 -9.10
N LYS B 620 -8.44 -9.80 -8.50
CA LYS B 620 -8.60 -9.80 -7.07
C LYS B 620 -7.35 -10.44 -6.47
N LYS B 621 -6.58 -9.69 -5.70
CA LYS B 621 -5.39 -10.24 -5.09
C LYS B 621 -5.75 -11.33 -4.09
N SER B 622 -6.98 -11.27 -3.56
CA SER B 622 -7.44 -12.26 -2.61
C SER B 622 -7.60 -13.64 -3.27
N LYS B 623 -7.48 -13.69 -4.60
CA LYS B 623 -7.57 -14.95 -5.34
C LYS B 623 -6.19 -15.45 -5.79
N TRP B 624 -5.15 -14.71 -5.43
CA TRP B 624 -3.80 -15.08 -5.78
C TRP B 624 -3.31 -16.44 -5.25
N PRO B 625 -3.59 -16.75 -3.98
CA PRO B 625 -3.16 -18.03 -3.41
C PRO B 625 -3.45 -19.26 -4.28
N GLU B 626 -4.67 -19.37 -4.77
CA GLU B 626 -5.02 -20.52 -5.60
C GLU B 626 -4.27 -20.47 -6.94
N TYR B 627 -4.11 -19.27 -7.47
CA TYR B 627 -3.41 -19.09 -8.75
C TYR B 627 -1.93 -19.39 -8.65
N PHE B 628 -1.25 -18.77 -7.69
CA PHE B 628 0.18 -19.00 -7.55
C PHE B 628 0.54 -20.43 -7.20
N GLU B 629 -0.41 -21.18 -6.65
CA GLU B 629 -0.15 -22.58 -6.31
C GLU B 629 0.17 -23.32 -7.62
N TRP B 630 -0.66 -23.12 -8.65
CA TRP B 630 -0.42 -23.78 -9.93
C TRP B 630 0.60 -23.06 -10.79
N ALA B 631 0.60 -21.73 -10.78
CA ALA B 631 1.58 -21.00 -11.59
C ALA B 631 2.98 -21.44 -11.17
N ILE B 632 3.22 -21.52 -9.87
CA ILE B 632 4.50 -21.95 -9.33
C ILE B 632 4.86 -23.37 -9.77
N ASN B 633 3.91 -24.30 -9.68
CA ASN B 633 4.20 -25.67 -10.09
C ASN B 633 4.49 -25.77 -11.59
N ALA B 634 3.75 -25.02 -12.40
CA ALA B 634 3.98 -25.06 -13.84
C ALA B 634 5.45 -24.68 -14.12
N PHE B 635 5.88 -23.58 -13.52
CA PHE B 635 7.27 -23.15 -13.70
C PHE B 635 8.24 -24.25 -13.26
N ASN B 636 8.03 -24.78 -12.06
CA ASN B 636 8.91 -25.83 -11.55
C ASN B 636 8.93 -27.11 -12.40
N LEU B 637 7.81 -27.41 -13.03
CA LEU B 637 7.72 -28.58 -13.89
C LEU B 637 8.51 -28.30 -15.16
N ALA B 638 8.44 -27.05 -15.63
CA ALA B 638 9.17 -26.66 -16.84
C ALA B 638 10.66 -26.58 -16.52
N ALA B 639 10.96 -26.02 -15.35
CA ALA B 639 12.33 -25.83 -14.89
C ALA B 639 12.95 -27.02 -14.13
N ASN B 640 12.31 -28.19 -14.17
CA ASN B 640 12.85 -29.34 -13.46
C ASN B 640 14.04 -29.91 -14.23
N ALA B 641 15.20 -29.27 -14.08
CA ALA B 641 16.42 -29.68 -14.74
C ALA B 641 17.43 -30.27 -13.75
N ARG B 642 18.44 -30.97 -14.26
CA ARG B 642 19.49 -31.58 -13.45
C ARG B 642 20.26 -30.55 -12.59
N PRO B 643 20.84 -31.01 -11.46
CA PRO B 643 21.60 -30.18 -10.53
C PRO B 643 22.66 -29.29 -11.18
N GLU B 644 23.34 -29.84 -12.18
CA GLU B 644 24.41 -29.14 -12.90
C GLU B 644 23.93 -28.08 -13.89
N THR B 645 22.65 -28.12 -14.26
CA THR B 645 22.10 -27.17 -15.22
C THR B 645 21.61 -25.90 -14.50
N GLN B 646 22.30 -24.79 -14.73
CA GLN B 646 21.94 -23.51 -14.12
C GLN B 646 20.73 -22.87 -14.81
N ILE B 647 19.63 -22.77 -14.07
CA ILE B 647 18.39 -22.20 -14.57
C ILE B 647 18.19 -20.72 -14.24
N HIS B 648 18.07 -19.91 -15.28
CA HIS B 648 17.87 -18.48 -15.14
C HIS B 648 16.41 -18.14 -15.38
N ALA B 649 15.83 -17.37 -14.47
CA ALA B 649 14.43 -16.95 -14.61
C ALA B 649 14.40 -15.44 -14.82
N HIS B 650 13.84 -14.98 -15.95
CA HIS B 650 13.77 -13.54 -16.21
C HIS B 650 12.35 -12.99 -16.01
N MSE B 651 12.24 -11.97 -15.17
CA MSE B 651 10.98 -11.30 -14.84
C MSE B 651 11.10 -9.82 -15.17
O MSE B 651 12.09 -9.19 -14.80
CB MSE B 651 10.70 -11.40 -13.34
CG MSE B 651 10.83 -12.77 -12.73
SE MSE B 651 9.11 -13.60 -12.54
CE MSE B 651 9.60 -15.40 -13.06
N CYS B 652 10.10 -9.25 -15.82
CA CYS B 652 10.13 -7.83 -16.20
C CYS B 652 9.52 -6.89 -15.18
N TYR B 653 9.00 -7.42 -14.08
CA TYR B 653 8.34 -6.61 -13.05
C TYR B 653 9.12 -5.42 -12.51
N SER B 654 8.40 -4.31 -12.28
CA SER B 654 8.98 -3.08 -11.77
C SER B 654 9.02 -3.04 -10.24
N ASP B 655 8.55 -4.11 -9.61
CA ASP B 655 8.51 -4.22 -8.16
C ASP B 655 8.08 -5.63 -7.76
N PHE B 656 8.83 -6.23 -6.83
CA PHE B 656 8.57 -7.60 -6.38
C PHE B 656 7.98 -7.68 -4.98
N ASN B 657 7.71 -6.54 -4.37
CA ASN B 657 7.21 -6.55 -3.02
C ASN B 657 5.96 -7.40 -2.75
N GLU B 658 5.06 -7.49 -3.73
CA GLU B 658 3.82 -8.26 -3.56
C GLU B 658 3.94 -9.74 -3.93
N ILE B 659 4.97 -10.10 -4.68
CA ILE B 659 5.10 -11.48 -5.13
C ILE B 659 6.36 -12.20 -4.67
N ILE B 660 7.22 -11.52 -3.93
CA ILE B 660 8.47 -12.12 -3.49
C ILE B 660 8.25 -13.49 -2.80
N GLU B 661 7.18 -13.62 -2.02
CA GLU B 661 6.92 -14.89 -1.36
C GLU B 661 6.68 -16.02 -2.37
N TYR B 662 6.07 -15.69 -3.51
CA TYR B 662 5.80 -16.70 -4.54
C TYR B 662 7.08 -16.94 -5.35
N ILE B 663 7.79 -15.86 -5.62
CA ILE B 663 9.07 -15.92 -6.34
C ILE B 663 10.01 -16.91 -5.63
N HIS B 664 10.00 -16.86 -4.29
CA HIS B 664 10.85 -17.71 -3.49
C HIS B 664 10.66 -19.21 -3.74
N GLN B 665 9.44 -19.60 -4.09
CA GLN B 665 9.12 -20.98 -4.34
C GLN B 665 9.50 -21.53 -5.72
N LEU B 666 10.04 -20.68 -6.59
CA LEU B 666 10.40 -21.13 -7.93
C LEU B 666 11.82 -21.69 -7.90
N GLU B 667 12.02 -22.85 -8.53
CA GLU B 667 13.32 -23.51 -8.52
C GLU B 667 14.38 -23.07 -9.53
N PHE B 668 14.53 -21.77 -9.74
CA PHE B 668 15.54 -21.23 -10.65
C PHE B 668 16.79 -21.13 -9.81
N ASP B 669 17.91 -20.75 -10.43
CA ASP B 669 19.16 -20.61 -9.70
C ASP B 669 19.58 -19.14 -9.63
N VAL B 670 19.21 -18.38 -10.66
CA VAL B 670 19.48 -16.95 -10.71
C VAL B 670 18.31 -16.22 -11.40
N ILE B 671 17.81 -15.15 -10.77
CA ILE B 671 16.73 -14.41 -11.35
C ILE B 671 17.21 -13.03 -11.78
N SER B 672 16.92 -12.67 -13.02
CA SER B 672 17.34 -11.38 -13.58
C SER B 672 16.21 -10.37 -13.45
N ILE B 673 16.53 -9.19 -12.94
CA ILE B 673 15.51 -8.16 -12.74
C ILE B 673 15.83 -6.82 -13.43
N GLU B 674 14.82 -5.97 -13.55
CA GLU B 674 14.97 -4.66 -14.18
C GLU B 674 15.15 -3.59 -13.13
N ALA B 675 16.41 -3.24 -12.84
CA ALA B 675 16.74 -2.26 -11.82
C ALA B 675 17.07 -0.86 -12.29
N SER B 676 17.30 -0.65 -13.59
CA SER B 676 17.67 0.67 -14.07
C SER B 676 16.76 1.84 -13.68
N ARG B 677 15.45 1.64 -13.69
CA ARG B 677 14.50 2.70 -13.35
C ARG B 677 14.49 3.11 -11.89
N SER B 678 14.65 2.13 -11.01
CA SER B 678 14.66 2.39 -9.57
C SER B 678 16.06 2.68 -9.05
N LYS B 679 17.06 2.65 -9.93
CA LYS B 679 18.42 2.89 -9.50
C LYS B 679 18.83 1.80 -8.52
N GLY B 680 18.21 0.63 -8.61
CA GLY B 680 18.52 -0.47 -7.74
C GLY B 680 17.67 -0.58 -6.49
N GLU B 681 16.83 0.42 -6.26
CA GLU B 681 15.97 0.42 -5.08
C GLU B 681 15.03 -0.76 -5.10
N ILE B 682 14.80 -1.31 -6.30
CA ILE B 682 13.92 -2.47 -6.49
C ILE B 682 14.47 -3.68 -5.74
N ILE B 683 15.74 -3.61 -5.35
CA ILE B 683 16.36 -4.70 -4.63
C ILE B 683 15.84 -4.81 -3.19
N SER B 684 15.23 -3.75 -2.68
CA SER B 684 14.69 -3.75 -1.31
C SER B 684 13.92 -5.00 -0.95
N ALA B 685 13.00 -5.40 -1.81
CA ALA B 685 12.22 -6.61 -1.56
C ALA B 685 13.18 -7.73 -1.19
N PHE B 686 14.13 -8.00 -2.09
CA PHE B 686 15.11 -9.06 -1.89
C PHE B 686 15.92 -8.95 -0.60
N GLU B 687 16.37 -7.74 -0.26
CA GLU B 687 17.13 -7.49 0.97
C GLU B 687 16.33 -7.78 2.23
N ASN B 688 15.02 -7.52 2.17
CA ASN B 688 14.13 -7.73 3.32
C ASN B 688 13.60 -9.14 3.42
N PHE B 689 13.99 -9.99 2.48
CA PHE B 689 13.54 -11.37 2.49
C PHE B 689 14.54 -12.22 3.27
N LYS B 690 14.14 -12.65 4.46
CA LYS B 690 15.03 -13.46 5.28
C LYS B 690 15.27 -14.82 4.62
N GLY B 691 16.54 -15.17 4.45
CA GLY B 691 16.86 -16.45 3.85
C GLY B 691 17.20 -16.40 2.38
N TRP B 692 17.09 -15.23 1.76
CA TRP B 692 17.40 -15.11 0.33
C TRP B 692 18.87 -15.44 0.06
N ILE B 693 19.12 -16.48 -0.74
CA ILE B 693 20.49 -16.86 -1.07
C ILE B 693 20.77 -17.07 -2.55
N LYS B 694 19.76 -16.89 -3.40
CA LYS B 694 19.97 -17.11 -4.83
C LYS B 694 20.57 -15.91 -5.54
N GLN B 695 21.12 -16.16 -6.73
CA GLN B 695 21.76 -15.12 -7.51
C GLN B 695 20.74 -14.20 -8.18
N ILE B 696 21.13 -12.94 -8.36
CA ILE B 696 20.28 -11.93 -8.97
C ILE B 696 20.88 -11.20 -10.17
N GLY B 697 20.25 -11.34 -11.33
CA GLY B 697 20.73 -10.64 -12.51
C GLY B 697 20.24 -9.20 -12.46
N VAL B 698 21.12 -8.30 -12.06
CA VAL B 698 20.78 -6.89 -11.93
C VAL B 698 20.78 -6.11 -13.24
N GLY B 699 19.61 -5.62 -13.65
CA GLY B 699 19.52 -4.85 -14.87
C GLY B 699 20.02 -3.44 -14.60
N VAL B 700 21.06 -3.01 -15.31
CA VAL B 700 21.65 -1.70 -15.08
C VAL B 700 21.49 -0.74 -16.24
N TRP B 701 20.71 -1.14 -17.23
CA TRP B 701 20.53 -0.35 -18.44
C TRP B 701 19.10 -0.39 -18.95
N ASP B 702 18.49 0.79 -19.07
CA ASP B 702 17.11 0.90 -19.55
C ASP B 702 17.11 0.75 -21.07
N ILE B 703 16.66 -0.41 -21.53
CA ILE B 703 16.63 -0.72 -22.93
C ILE B 703 15.40 -0.18 -23.66
N HIS B 704 14.64 0.68 -22.99
CA HIS B 704 13.46 1.25 -23.63
C HIS B 704 13.76 2.62 -24.25
N SER B 705 14.97 3.12 -24.01
CA SER B 705 15.41 4.40 -24.56
C SER B 705 16.75 4.20 -25.29
N PRO B 706 17.01 5.00 -26.33
CA PRO B 706 18.25 4.93 -27.13
C PRO B 706 19.52 5.39 -26.41
N ALA B 707 19.37 6.07 -25.28
CA ALA B 707 20.52 6.57 -24.53
C ALA B 707 21.51 5.46 -24.18
N VAL B 708 22.76 5.85 -23.96
CA VAL B 708 23.82 4.91 -23.60
C VAL B 708 24.21 5.21 -22.16
N PRO B 709 23.78 4.37 -21.22
CA PRO B 709 24.11 4.58 -19.80
C PRO B 709 25.61 4.68 -19.60
N SER B 710 26.03 5.61 -18.76
CA SER B 710 27.44 5.80 -18.48
C SER B 710 27.86 4.73 -17.48
N ILE B 711 29.16 4.56 -17.31
CA ILE B 711 29.67 3.58 -16.39
C ILE B 711 29.40 4.11 -14.99
N ASN B 712 29.19 5.41 -14.88
CA ASN B 712 28.93 6.05 -13.58
C ASN B 712 27.51 5.72 -13.13
N GLU B 713 26.56 5.82 -14.06
CA GLU B 713 25.16 5.53 -13.75
C GLU B 713 25.02 4.06 -13.37
N MSE B 714 25.71 3.20 -14.11
CA MSE B 714 25.63 1.77 -13.83
C MSE B 714 26.26 1.39 -12.50
O MSE B 714 25.81 0.46 -11.84
CB MSE B 714 26.29 0.99 -14.96
CG MSE B 714 25.76 1.36 -16.32
SE MSE B 714 26.52 0.26 -17.71
CE MSE B 714 24.98 0.19 -18.87
N ARG B 715 27.32 2.09 -12.12
CA ARG B 715 28.01 1.81 -10.86
C ARG B 715 27.04 2.02 -9.71
N GLU B 716 26.36 3.17 -9.71
CA GLU B 716 25.41 3.51 -8.66
C GLU B 716 24.40 2.39 -8.40
N ILE B 717 23.92 1.77 -9.46
CA ILE B 717 22.94 0.70 -9.31
C ILE B 717 23.57 -0.52 -8.65
N VAL B 718 24.72 -0.96 -9.17
CA VAL B 718 25.40 -2.11 -8.60
C VAL B 718 25.78 -1.82 -7.15
N GLU B 719 26.19 -0.58 -6.89
CA GLU B 719 26.59 -0.15 -5.56
C GLU B 719 25.43 -0.33 -4.59
N ARG B 720 24.25 0.14 -4.99
CA ARG B 720 23.07 0.04 -4.15
C ARG B 720 22.63 -1.40 -3.90
N VAL B 721 22.53 -2.21 -4.96
CA VAL B 721 22.06 -3.57 -4.79
C VAL B 721 22.88 -4.42 -3.83
N LEU B 722 24.17 -4.15 -3.72
CA LEU B 722 25.00 -4.93 -2.81
C LEU B 722 25.22 -4.21 -1.48
N ARG B 723 24.18 -3.54 -1.02
CA ARG B 723 24.24 -2.83 0.25
C ARG B 723 24.04 -3.85 1.37
N VAL B 724 23.35 -4.95 1.05
CA VAL B 724 23.09 -6.01 2.02
C VAL B 724 23.47 -7.37 1.44
N LEU B 725 22.91 -7.69 0.29
CA LEU B 725 23.17 -8.95 -0.38
C LEU B 725 24.65 -9.15 -0.70
N PRO B 726 25.15 -10.40 -0.55
CA PRO B 726 26.57 -10.70 -0.83
C PRO B 726 26.92 -10.42 -2.29
N LYS B 727 28.19 -10.07 -2.51
CA LYS B 727 28.69 -9.76 -3.84
C LYS B 727 28.64 -10.95 -4.81
N GLU B 728 28.68 -12.16 -4.28
CA GLU B 728 28.66 -13.36 -5.10
C GLU B 728 27.31 -13.69 -5.74
N LEU B 729 26.27 -12.96 -5.36
CA LEU B 729 24.94 -13.22 -5.93
C LEU B 729 24.68 -12.34 -7.14
N ILE B 730 25.50 -11.31 -7.31
CA ILE B 730 25.31 -10.34 -8.36
C ILE B 730 25.92 -10.49 -9.75
N TRP B 731 25.03 -10.54 -10.74
CA TRP B 731 25.41 -10.58 -12.14
C TRP B 731 25.08 -9.18 -12.68
N ILE B 732 25.71 -8.79 -13.78
CA ILE B 732 25.43 -7.50 -14.38
C ILE B 732 24.92 -7.71 -15.78
N ASN B 733 23.75 -7.15 -16.06
CA ASN B 733 23.12 -7.27 -17.38
C ASN B 733 22.14 -6.11 -17.62
N PRO B 734 21.57 -6.05 -18.83
CA PRO B 734 20.61 -5.00 -19.18
C PRO B 734 19.27 -5.39 -18.56
N ASP B 735 18.35 -4.43 -18.48
CA ASP B 735 17.03 -4.72 -17.93
C ASP B 735 16.33 -5.86 -18.64
N CYS B 736 16.31 -5.79 -19.97
CA CYS B 736 15.60 -6.79 -20.78
C CYS B 736 16.28 -7.02 -22.13
N GLY B 737 15.60 -7.73 -23.02
CA GLY B 737 16.14 -8.00 -24.36
C GLY B 737 16.45 -6.71 -25.10
N LEU B 738 17.11 -6.79 -26.24
CA LEU B 738 17.48 -5.59 -27.00
C LEU B 738 16.95 -5.56 -28.44
N LYS B 739 15.98 -6.42 -28.72
CA LYS B 739 15.39 -6.54 -30.04
C LYS B 739 14.85 -5.22 -30.60
N THR B 740 14.45 -4.30 -29.71
CA THR B 740 13.90 -3.01 -30.12
C THR B 740 14.97 -1.94 -30.29
N ARG B 741 16.19 -2.22 -29.84
CA ARG B 741 17.28 -1.25 -29.92
C ARG B 741 18.10 -1.32 -31.20
N ASN B 742 18.96 -0.33 -31.37
CA ASN B 742 19.85 -0.23 -32.52
C ASN B 742 21.24 -0.69 -32.09
N TRP B 743 22.02 -1.20 -33.06
CA TRP B 743 23.35 -1.72 -32.78
C TRP B 743 24.37 -0.71 -32.26
N ASP B 744 24.37 0.51 -32.79
CA ASP B 744 25.33 1.50 -32.32
C ASP B 744 24.98 2.08 -30.95
N GLU B 745 23.92 1.54 -30.36
CA GLU B 745 23.48 1.95 -29.03
C GLU B 745 23.91 0.78 -28.16
N VAL B 746 23.58 -0.41 -28.62
CA VAL B 746 23.91 -1.65 -27.93
C VAL B 746 25.39 -1.82 -27.66
N ILE B 747 26.21 -1.69 -28.70
CA ILE B 747 27.64 -1.88 -28.57
C ILE B 747 28.32 -0.98 -27.53
N PRO B 748 28.13 0.35 -27.64
CA PRO B 748 28.79 1.18 -26.62
C PRO B 748 28.30 0.83 -25.21
N SER B 749 26.99 0.68 -25.05
CA SER B 749 26.38 0.33 -23.78
C SER B 749 26.94 -0.99 -23.23
N LEU B 750 26.93 -2.00 -24.10
CA LEU B 750 27.44 -3.33 -23.76
C LEU B 750 28.90 -3.21 -23.31
N ARG B 751 29.64 -2.30 -23.93
CA ARG B 751 31.04 -2.08 -23.60
C ARG B 751 31.19 -1.42 -22.24
N ASN B 752 30.35 -0.43 -21.94
CA ASN B 752 30.39 0.27 -20.65
C ASN B 752 30.08 -0.74 -19.55
N MSE B 753 29.19 -1.67 -19.85
CA MSE B 753 28.77 -2.69 -18.90
C MSE B 753 29.96 -3.59 -18.52
O MSE B 753 30.22 -3.82 -17.35
CB MSE B 753 27.65 -3.53 -19.51
CG MSE B 753 26.72 -4.21 -18.52
SE MSE B 753 25.08 -4.79 -19.38
CE MSE B 753 25.69 -6.46 -20.15
N VAL B 754 30.68 -4.06 -19.54
CA VAL B 754 31.84 -4.92 -19.34
C VAL B 754 32.96 -4.19 -18.60
N ALA B 755 33.07 -2.89 -18.81
CA ALA B 755 34.10 -2.08 -18.16
C ALA B 755 33.75 -1.89 -16.69
N LEU B 756 32.49 -1.62 -16.42
CA LEU B 756 32.01 -1.42 -15.07
C LEU B 756 32.19 -2.71 -14.26
N ALA B 757 31.92 -3.84 -14.91
CA ALA B 757 32.07 -5.14 -14.26
C ALA B 757 33.54 -5.44 -13.97
N LYS B 758 34.42 -4.83 -14.75
CA LYS B 758 35.86 -5.02 -14.57
C LYS B 758 36.26 -4.23 -13.32
N GLU B 759 35.81 -3.00 -13.23
CA GLU B 759 36.09 -2.16 -12.07
C GLU B 759 35.62 -2.87 -10.81
N MSE B 760 34.32 -3.16 -10.78
CA MSE B 760 33.71 -3.81 -9.64
C MSE B 760 34.56 -4.95 -9.07
O MSE B 760 34.99 -4.88 -7.92
CB MSE B 760 32.32 -4.34 -10.02
CG MSE B 760 31.32 -3.26 -10.48
SE MSE B 760 30.79 -1.93 -9.13
CE MSE B 760 32.19 -0.62 -9.38
N ARG B 761 34.81 -5.98 -9.87
CA ARG B 761 35.59 -7.13 -9.44
C ARG B 761 37.02 -6.77 -8.99
N GLU B 762 37.50 -5.60 -9.42
CA GLU B 762 38.84 -5.17 -9.05
C GLU B 762 38.83 -4.65 -7.61
S SO4 C . 2.37 28.96 1.09
O1 SO4 C . 1.97 30.36 1.38
O2 SO4 C . 1.16 28.11 1.14
O3 SO4 C . 2.99 28.89 -0.25
O4 SO4 C . 3.36 28.53 2.10
ZN ZN D . 11.74 14.22 15.59
N HCS E . 12.41 20.16 19.77
CA HCS E . 12.32 18.73 20.09
CB HCS E . 11.62 18.01 18.93
CG HCS E . 11.21 16.57 19.29
SD HCS E . 10.30 15.73 17.94
C HCS E . 13.74 18.18 20.35
OXT HCS E . 14.67 18.68 19.68
O HCS E . 13.86 17.28 21.20
N HCS F . 14.58 -13.51 -24.14
CA HCS F . 13.71 -12.35 -24.32
CB HCS F . 13.07 -12.00 -22.97
CG HCS F . 11.97 -10.94 -23.11
SD HCS F . 11.08 -10.64 -21.54
C HCS F . 14.52 -11.17 -24.88
OXT HCS F . 15.71 -11.07 -24.48
O HCS F . 13.95 -10.42 -25.71
OAB MRY G . -5.06 0.82 10.42
CAA MRY G . -4.41 0.86 11.70
CAC MRY G . -2.93 0.53 11.53
OAD MRY G . -2.33 1.46 10.62
CAE MRY G . -2.15 0.57 12.85
OAF MRY G . -2.33 1.85 13.46
CAG MRY G . -2.62 -0.52 13.83
OAH MRY G . -1.80 -0.49 15.00
S SO4 H . 15.30 -24.94 -4.33
O1 SO4 H . 16.38 -24.95 -3.33
O2 SO4 H . 14.05 -24.54 -3.70
O3 SO4 H . 15.67 -24.03 -5.43
O4 SO4 H . 15.13 -26.30 -4.86
ZN ZN I . 12.17 -8.46 -19.59
OAB MRY J . -6.93 -4.39 -9.34
CAA MRY J . -6.63 -4.14 -10.71
CAC MRY J . -5.59 -3.03 -10.81
OAD MRY J . -4.42 -3.42 -10.09
CAE MRY J . -5.21 -2.71 -12.26
OAF MRY J . -4.68 -3.88 -12.89
CAG MRY J . -6.42 -2.20 -13.07
OAH MRY J . -6.00 -1.90 -14.41
#